data_2L26
#
_entry.id   2L26
#
_entity_poly.entity_id   1
_entity_poly.type   'polypeptide(L)'
_entity_poly.pdbx_seq_one_letter_code
;MRPQSVTGPTGVLPTLTPTSTRGASALSLSLLSISRSGNTVTLIGDFPDEAAKAALMTALNGLLAPGVNVIDQIHVDPVV
RSLDFSSAEPVFTASVPIPDFGLKVERDTVTLTGTAPSSEHKDAVKRAATSTWPDMKIVNNIEVTGQAPPGPPASGPCAD
LQSAINAVTGGPIAFGNDGASLIPADYEILNRVADKLKACPDARVTINGYTDNTGSEGINIPLSAQRAKIVADYLVARGV
AGDHIATVGLGSVNPIASNATPEGRAKNRRVEIVVNLEHHHHHH
;
_entity_poly.pdbx_strand_id   A
#
# COMPACT_ATOMS: atom_id res chain seq x y z
N SER A 25 29.63 10.37 -25.15
CA SER A 25 30.85 10.66 -24.41
C SER A 25 31.09 9.60 -23.34
N ALA A 26 30.71 8.36 -23.64
CA ALA A 26 30.89 7.27 -22.70
C ALA A 26 30.96 5.93 -23.42
N LEU A 27 31.13 4.85 -22.67
CA LEU A 27 31.22 3.52 -23.25
C LEU A 27 30.92 2.45 -22.20
N SER A 28 31.08 2.82 -20.93
CA SER A 28 30.83 1.88 -19.85
C SER A 28 30.31 2.62 -18.61
N LEU A 29 29.58 1.91 -17.76
CA LEU A 29 29.03 2.51 -16.55
C LEU A 29 29.50 1.75 -15.32
N SER A 30 29.43 2.41 -14.16
CA SER A 30 29.83 1.78 -12.91
C SER A 30 28.65 1.04 -12.28
N LEU A 31 28.93 0.23 -11.27
CA LEU A 31 27.89 -0.51 -10.58
C LEU A 31 27.13 0.39 -9.60
N LEU A 32 25.90 0.74 -9.95
CA LEU A 32 25.09 1.60 -9.10
C LEU A 32 23.78 0.90 -8.71
N SER A 33 23.43 1.00 -7.44
CA SER A 33 22.20 0.37 -6.95
C SER A 33 21.34 1.38 -6.21
N ILE A 34 20.11 1.58 -6.68
CA ILE A 34 19.20 2.52 -6.04
C ILE A 34 17.84 1.87 -5.81
N SER A 35 17.37 1.91 -4.56
CA SER A 35 16.09 1.32 -4.22
C SER A 35 15.21 2.34 -3.50
N ARG A 36 13.96 2.45 -3.92
CA ARG A 36 13.03 3.39 -3.31
C ARG A 36 11.77 2.66 -2.83
N SER A 37 11.44 2.83 -1.56
CA SER A 37 10.26 2.18 -1.00
C SER A 37 9.45 3.16 -0.15
N GLY A 38 8.18 3.33 -0.52
CA GLY A 38 7.31 4.25 0.22
C GLY A 38 7.87 5.67 0.19
N ASN A 39 8.33 6.15 1.34
CA ASN A 39 8.88 7.49 1.45
C ASN A 39 10.35 7.43 1.83
N THR A 40 11.01 6.34 1.47
CA THR A 40 12.43 6.17 1.78
C THR A 40 13.24 6.01 0.50
N VAL A 41 14.36 6.71 0.43
CA VAL A 41 15.22 6.64 -0.76
C VAL A 41 16.65 6.33 -0.35
N THR A 42 17.13 5.16 -0.77
CA THR A 42 18.49 4.75 -0.44
C THR A 42 19.37 4.78 -1.69
N LEU A 43 20.38 5.65 -1.67
CA LEU A 43 21.29 5.76 -2.80
C LEU A 43 22.68 5.27 -2.40
N ILE A 44 23.18 4.27 -3.13
CA ILE A 44 24.49 3.71 -2.84
C ILE A 44 25.22 3.36 -4.13
N GLY A 45 26.46 3.83 -4.25
CA GLY A 45 27.25 3.56 -5.45
C GLY A 45 28.51 4.41 -5.48
N ASP A 46 29.00 4.69 -6.68
CA ASP A 46 30.21 5.49 -6.85
C ASP A 46 30.01 6.55 -7.93
N PHE A 47 30.76 7.64 -7.84
CA PHE A 47 30.66 8.72 -8.82
C PHE A 47 32.03 8.99 -9.45
N PRO A 48 32.05 9.33 -10.71
CA PRO A 48 33.32 9.63 -11.43
C PRO A 48 33.96 10.93 -10.96
N ASP A 49 33.16 11.77 -10.31
CA ASP A 49 33.66 13.04 -9.80
C ASP A 49 32.53 13.81 -9.12
N GLU A 50 32.69 15.13 -9.03
CA GLU A 50 31.69 15.97 -8.39
C GLU A 50 30.76 16.57 -9.45
N ALA A 51 31.28 16.73 -10.66
CA ALA A 51 30.49 17.30 -11.75
C ALA A 51 29.27 16.42 -12.04
N ALA A 52 29.49 15.12 -12.04
CA ALA A 52 28.40 14.18 -12.30
C ALA A 52 27.35 14.27 -11.20
N LYS A 53 27.81 14.52 -9.97
CA LYS A 53 26.91 14.63 -8.84
C LYS A 53 25.88 15.73 -9.08
N ALA A 54 26.31 16.82 -9.72
CA ALA A 54 25.43 17.93 -10.01
C ALA A 54 24.22 17.46 -10.80
N ALA A 55 24.46 16.58 -11.77
CA ALA A 55 23.37 16.04 -12.59
C ALA A 55 22.36 15.30 -11.71
N LEU A 56 22.88 14.52 -10.77
CA LEU A 56 22.02 13.75 -9.86
C LEU A 56 21.16 14.70 -9.04
N MET A 57 21.74 15.81 -8.60
CA MET A 57 20.99 16.78 -7.80
C MET A 57 19.75 17.24 -8.54
N THR A 58 19.87 17.39 -9.86
CA THR A 58 18.73 17.82 -10.67
C THR A 58 17.65 16.76 -10.66
N ALA A 59 18.05 15.50 -10.78
CA ALA A 59 17.10 14.40 -10.77
C ALA A 59 16.51 14.21 -9.38
N LEU A 60 17.23 14.68 -8.38
CA LEU A 60 16.78 14.56 -7.00
C LEU A 60 15.75 15.64 -6.67
N ASN A 61 16.03 16.86 -7.11
CA ASN A 61 15.13 17.97 -6.86
C ASN A 61 13.69 17.57 -7.17
N GLY A 62 13.52 16.78 -8.23
CA GLY A 62 12.20 16.32 -8.62
C GLY A 62 11.68 15.27 -7.64
N LEU A 63 12.54 14.34 -7.26
CA LEU A 63 12.15 13.28 -6.33
C LEU A 63 11.35 13.86 -5.17
N LEU A 64 12.05 14.56 -4.30
CA LEU A 64 11.43 15.16 -3.13
C LEU A 64 12.50 15.48 -2.08
N ALA A 65 12.10 15.55 -0.82
CA ALA A 65 13.04 15.86 0.26
C ALA A 65 12.31 16.00 1.61
N PRO A 66 11.25 16.77 1.66
CA PRO A 66 10.45 17.01 2.91
C PRO A 66 10.28 15.76 3.77
N GLY A 67 9.03 15.47 4.15
CA GLY A 67 8.76 14.30 4.99
C GLY A 67 9.39 13.07 4.41
N VAL A 68 10.04 13.21 3.26
CA VAL A 68 10.71 12.09 2.61
C VAL A 68 12.19 12.08 2.97
N ASN A 69 12.70 10.89 3.32
CA ASN A 69 14.10 10.76 3.70
C ASN A 69 14.95 10.48 2.46
N VAL A 70 16.02 11.25 2.30
CA VAL A 70 16.91 11.08 1.15
C VAL A 70 18.37 10.99 1.61
N ILE A 71 18.98 9.84 1.35
CA ILE A 71 20.38 9.63 1.74
C ILE A 71 21.21 9.26 0.51
N ASP A 72 22.42 9.81 0.44
CA ASP A 72 23.30 9.54 -0.71
C ASP A 72 24.66 9.02 -0.24
N GLN A 73 24.81 7.70 -0.25
CA GLN A 73 26.07 7.10 0.16
C GLN A 73 26.89 6.72 -1.06
N ILE A 74 27.24 7.73 -1.85
CA ILE A 74 28.02 7.52 -3.06
C ILE A 74 29.46 7.97 -2.87
N HIS A 75 30.41 7.09 -3.18
CA HIS A 75 31.82 7.41 -3.04
C HIS A 75 32.35 8.00 -4.34
N VAL A 76 33.30 8.93 -4.23
CA VAL A 76 33.88 9.57 -5.41
C VAL A 76 35.22 8.93 -5.76
N ASP A 77 35.30 8.37 -6.96
CA ASP A 77 36.52 7.74 -7.41
C ASP A 77 36.87 8.21 -8.83
N PRO A 78 38.06 8.73 -9.03
CA PRO A 78 38.49 9.23 -10.37
C PRO A 78 38.86 8.08 -11.32
N VAL A 79 38.04 7.03 -11.32
CA VAL A 79 38.29 5.89 -12.19
C VAL A 79 36.98 5.27 -12.66
N VAL A 80 35.97 5.28 -11.80
CA VAL A 80 34.68 4.70 -12.15
C VAL A 80 34.01 5.53 -13.25
N ARG A 81 32.95 4.97 -13.84
CA ARG A 81 32.23 5.65 -14.90
C ARG A 81 30.73 5.70 -14.56
N SER A 82 30.02 6.63 -15.19
CA SER A 82 28.60 6.77 -14.94
C SER A 82 27.86 7.14 -16.22
N LEU A 83 26.57 6.83 -16.27
CA LEU A 83 25.77 7.15 -17.44
C LEU A 83 25.36 8.61 -17.42
N ASP A 84 25.47 9.27 -18.57
CA ASP A 84 25.12 10.69 -18.67
C ASP A 84 23.62 10.87 -18.48
N PHE A 85 23.24 11.92 -17.74
CA PHE A 85 21.83 12.20 -17.49
C PHE A 85 21.34 13.34 -18.38
N SER A 86 21.80 13.37 -19.61
CA SER A 86 21.39 14.40 -20.56
C SER A 86 19.91 14.26 -20.90
N SER A 87 19.57 13.08 -21.43
CA SER A 87 18.19 12.80 -21.80
C SER A 87 17.59 11.78 -20.85
N ALA A 88 18.26 11.58 -19.72
CA ALA A 88 17.79 10.62 -18.72
C ALA A 88 17.00 11.32 -17.62
N GLU A 89 17.25 12.62 -17.45
CA GLU A 89 16.55 13.39 -16.43
C GLU A 89 15.04 13.28 -16.61
N PRO A 90 14.57 13.44 -17.82
CA PRO A 90 13.12 13.35 -18.14
C PRO A 90 12.53 11.99 -17.77
N VAL A 91 13.37 10.96 -17.83
CA VAL A 91 12.92 9.61 -17.51
C VAL A 91 12.60 9.48 -16.03
N PHE A 92 13.50 10.01 -15.20
CA PHE A 92 13.31 9.96 -13.75
C PHE A 92 12.04 10.71 -13.34
N THR A 93 11.73 11.77 -14.08
CA THR A 93 10.54 12.56 -13.78
C THR A 93 9.27 11.75 -13.99
N ALA A 94 9.30 10.88 -15.01
CA ALA A 94 8.14 10.05 -15.31
C ALA A 94 7.97 8.96 -14.26
N SER A 95 9.08 8.58 -13.64
CA SER A 95 9.05 7.54 -12.61
C SER A 95 9.01 8.16 -11.21
N VAL A 96 8.99 9.49 -11.17
CA VAL A 96 8.94 10.18 -9.89
C VAL A 96 7.63 9.91 -9.16
N PRO A 97 6.53 9.86 -9.87
CA PRO A 97 5.19 9.59 -9.29
C PRO A 97 4.92 8.09 -9.12
N ILE A 98 5.98 7.29 -9.11
CA ILE A 98 5.83 5.85 -8.96
C ILE A 98 6.70 5.34 -7.80
N PRO A 99 6.09 4.80 -6.78
CA PRO A 99 6.83 4.27 -5.60
C PRO A 99 7.39 2.86 -5.86
N ASP A 100 8.09 2.32 -4.87
CA ASP A 100 8.67 0.99 -5.00
C ASP A 100 9.54 0.90 -6.24
N PHE A 101 9.98 2.04 -6.75
CA PHE A 101 10.82 2.07 -7.94
C PHE A 101 12.28 1.82 -7.58
N GLY A 102 12.96 1.03 -8.40
CA GLY A 102 14.37 0.72 -8.17
C GLY A 102 15.14 0.63 -9.48
N LEU A 103 16.44 0.90 -9.43
CA LEU A 103 17.26 0.84 -10.64
C LEU A 103 18.62 0.23 -10.31
N LYS A 104 19.00 -0.77 -11.10
CA LYS A 104 20.29 -1.43 -10.89
C LYS A 104 21.19 -1.22 -12.11
N VAL A 105 22.37 -0.66 -11.88
CA VAL A 105 23.31 -0.40 -12.96
C VAL A 105 24.55 -1.27 -12.81
N GLU A 106 25.01 -1.84 -13.92
CA GLU A 106 26.19 -2.69 -13.90
C GLU A 106 26.86 -2.72 -15.26
N ARG A 107 27.62 -1.67 -15.55
CA ARG A 107 28.32 -1.56 -16.83
C ARG A 107 27.34 -1.70 -17.99
N ASP A 108 27.51 -2.76 -18.77
CA ASP A 108 26.64 -3.00 -19.92
C ASP A 108 25.33 -3.68 -19.48
N THR A 109 25.03 -3.59 -18.19
CA THR A 109 23.81 -4.20 -17.67
C THR A 109 22.96 -3.18 -16.93
N VAL A 110 21.71 -3.05 -17.35
CA VAL A 110 20.79 -2.10 -16.72
C VAL A 110 19.46 -2.78 -16.43
N THR A 111 19.10 -2.87 -15.15
CA THR A 111 17.85 -3.50 -14.77
C THR A 111 17.03 -2.58 -13.86
N LEU A 112 15.77 -2.36 -14.23
CA LEU A 112 14.89 -1.51 -13.44
C LEU A 112 13.69 -2.32 -12.96
N THR A 113 13.47 -2.31 -11.64
CA THR A 113 12.35 -3.04 -11.06
C THR A 113 11.49 -2.12 -10.20
N GLY A 114 10.21 -2.45 -10.11
CA GLY A 114 9.29 -1.63 -9.31
C GLY A 114 7.84 -2.06 -9.55
N THR A 115 6.96 -1.63 -8.67
CA THR A 115 5.54 -1.96 -8.80
C THR A 115 4.76 -0.79 -9.38
N ALA A 116 4.07 -1.03 -10.49
CA ALA A 116 3.28 0.02 -11.13
C ALA A 116 1.81 -0.36 -11.20
N PRO A 117 0.98 0.24 -10.38
CA PRO A 117 -0.48 -0.06 -10.37
C PRO A 117 -1.10 0.09 -11.75
N SER A 118 -1.06 1.30 -12.29
CA SER A 118 -1.63 1.57 -13.61
C SER A 118 -0.64 1.18 -14.71
N SER A 119 -1.05 0.27 -15.58
CA SER A 119 -0.19 -0.18 -16.68
C SER A 119 0.15 1.00 -17.59
N GLU A 120 -0.77 1.95 -17.69
CA GLU A 120 -0.55 3.12 -18.53
C GLU A 120 0.70 3.88 -18.10
N HIS A 121 0.91 3.95 -16.78
CA HIS A 121 2.07 4.64 -16.25
C HIS A 121 3.35 3.93 -16.67
N LYS A 122 3.33 2.61 -16.61
CA LYS A 122 4.49 1.80 -16.99
C LYS A 122 4.81 1.99 -18.48
N ASP A 123 3.76 2.04 -19.29
CA ASP A 123 3.93 2.21 -20.73
C ASP A 123 4.79 3.44 -21.03
N ALA A 124 4.47 4.55 -20.37
CA ALA A 124 5.22 5.78 -20.58
C ALA A 124 6.64 5.65 -20.05
N VAL A 125 6.78 4.97 -18.91
CA VAL A 125 8.10 4.78 -18.30
C VAL A 125 8.92 3.81 -19.13
N LYS A 126 8.28 2.78 -19.67
CA LYS A 126 8.97 1.79 -20.47
C LYS A 126 9.65 2.45 -21.67
N ARG A 127 8.94 3.36 -22.32
CA ARG A 127 9.47 4.07 -23.47
C ARG A 127 10.61 5.00 -23.04
N ALA A 128 10.45 5.60 -21.86
CA ALA A 128 11.46 6.52 -21.34
C ALA A 128 12.76 5.77 -21.08
N ALA A 129 12.65 4.56 -20.52
CA ALA A 129 13.84 3.76 -20.23
C ALA A 129 14.59 3.43 -21.51
N THR A 130 13.86 2.99 -22.53
CA THR A 130 14.47 2.65 -23.81
C THR A 130 15.08 3.90 -24.43
N SER A 131 14.37 5.01 -24.33
CA SER A 131 14.86 6.27 -24.87
C SER A 131 16.02 6.79 -24.04
N THR A 132 16.00 6.47 -22.75
CA THR A 132 17.06 6.90 -21.85
C THR A 132 18.43 6.57 -22.43
N TRP A 133 18.71 5.27 -22.59
CA TRP A 133 19.99 4.84 -23.15
C TRP A 133 19.81 3.60 -24.02
N PRO A 134 19.36 3.80 -25.24
CA PRO A 134 19.13 2.69 -26.21
C PRO A 134 20.39 1.85 -26.44
N ASP A 135 21.54 2.51 -26.39
CA ASP A 135 22.82 1.84 -26.61
C ASP A 135 23.21 1.02 -25.37
N MET A 136 22.32 0.14 -24.96
CA MET A 136 22.58 -0.69 -23.78
C MET A 136 21.44 -1.69 -23.56
N LYS A 137 21.68 -2.67 -22.71
CA LYS A 137 20.67 -3.69 -22.42
C LYS A 137 19.75 -3.22 -21.30
N ILE A 138 18.45 -3.24 -21.55
CA ILE A 138 17.48 -2.82 -20.56
C ILE A 138 16.48 -3.94 -20.26
N VAL A 139 16.18 -4.14 -18.98
CA VAL A 139 15.24 -5.17 -18.57
C VAL A 139 14.16 -4.58 -17.68
N ASN A 140 12.90 -4.67 -18.13
CA ASN A 140 11.79 -4.13 -17.36
C ASN A 140 11.15 -5.20 -16.49
N ASN A 141 11.36 -5.10 -15.19
CA ASN A 141 10.79 -6.06 -14.25
C ASN A 141 9.74 -5.38 -13.37
N ILE A 142 8.61 -5.05 -13.97
CA ILE A 142 7.53 -4.39 -13.23
C ILE A 142 6.31 -5.30 -13.12
N GLU A 143 5.81 -5.46 -11.90
CA GLU A 143 4.65 -6.30 -11.66
C GLU A 143 3.46 -5.45 -11.24
N VAL A 144 2.26 -5.86 -11.65
CA VAL A 144 1.05 -5.11 -11.30
C VAL A 144 0.50 -5.60 -9.96
N THR A 145 0.23 -4.66 -9.07
CA THR A 145 -0.31 -4.99 -7.76
C THR A 145 -1.78 -5.35 -7.86
N GLY A 146 -2.23 -5.67 -9.06
CA GLY A 146 -3.63 -6.03 -9.28
C GLY A 146 -4.35 -4.97 -10.10
N GLN A 147 -3.63 -3.90 -10.43
CA GLN A 147 -4.21 -2.83 -11.23
C GLN A 147 -3.54 -2.75 -12.59
N ALA A 148 -4.30 -2.35 -13.60
CA ALA A 148 -3.77 -2.25 -14.96
C ALA A 148 -4.82 -1.68 -15.91
N PRO A 149 -5.96 -2.29 -15.97
CA PRO A 149 -7.07 -1.83 -16.86
C PRO A 149 -7.23 -0.31 -16.85
N PRO A 150 -7.31 0.30 -18.00
CA PRO A 150 -7.46 1.78 -18.11
C PRO A 150 -8.48 2.33 -17.11
N GLY A 151 -8.06 2.44 -15.85
CA GLY A 151 -8.94 2.94 -14.81
C GLY A 151 -8.41 4.25 -14.23
N PRO A 152 -9.13 4.83 -13.31
CA PRO A 152 -8.74 6.11 -12.65
C PRO A 152 -7.28 6.13 -12.22
N PRO A 153 -6.43 6.79 -12.96
CA PRO A 153 -4.97 6.88 -12.64
C PRO A 153 -4.74 7.49 -11.26
N ALA A 154 -4.44 6.63 -10.28
CA ALA A 154 -4.20 7.10 -8.92
C ALA A 154 -3.88 5.94 -8.00
N SER A 155 -3.28 4.88 -8.56
CA SER A 155 -2.93 3.71 -7.76
C SER A 155 -4.13 3.23 -6.96
N GLY A 156 -5.12 2.68 -7.66
CA GLY A 156 -6.34 2.18 -7.03
C GLY A 156 -6.14 2.01 -5.52
N PRO A 157 -6.27 3.09 -4.79
CA PRO A 157 -6.11 3.08 -3.31
C PRO A 157 -7.39 2.65 -2.60
N CYS A 158 -7.42 2.83 -1.29
CA CYS A 158 -8.59 2.45 -0.49
C CYS A 158 -9.70 3.48 -0.67
N ALA A 159 -9.78 4.06 -1.86
CA ALA A 159 -10.79 5.07 -2.15
C ALA A 159 -12.17 4.41 -2.26
N ASP A 160 -13.18 5.05 -1.68
CA ASP A 160 -14.54 4.52 -1.73
C ASP A 160 -14.50 3.00 -1.60
N LEU A 161 -13.40 2.49 -1.06
CA LEU A 161 -13.25 1.05 -0.89
C LEU A 161 -14.39 0.49 -0.04
N GLN A 162 -14.90 1.31 0.86
CA GLN A 162 -15.99 0.89 1.73
C GLN A 162 -17.17 0.36 0.91
N SER A 163 -17.46 1.03 -0.19
CA SER A 163 -18.54 0.61 -1.07
C SER A 163 -18.19 -0.67 -1.79
N ALA A 164 -16.95 -0.75 -2.24
CA ALA A 164 -16.48 -1.93 -2.96
C ALA A 164 -16.26 -3.11 -2.02
N ILE A 165 -15.82 -2.82 -0.81
CA ILE A 165 -15.57 -3.86 0.18
C ILE A 165 -16.85 -4.66 0.45
N ASN A 166 -17.98 -3.97 0.45
CA ASN A 166 -19.26 -4.62 0.69
C ASN A 166 -19.45 -5.78 -0.28
N ALA A 167 -18.91 -5.62 -1.49
CA ALA A 167 -19.02 -6.65 -2.51
C ALA A 167 -18.08 -7.82 -2.19
N VAL A 168 -16.85 -7.50 -1.83
CA VAL A 168 -15.87 -8.54 -1.50
C VAL A 168 -16.35 -9.38 -0.32
N THR A 169 -16.97 -8.72 0.65
CA THR A 169 -17.47 -9.42 1.82
C THR A 169 -18.79 -10.12 1.52
N GLY A 170 -19.56 -9.53 0.61
CA GLY A 170 -20.85 -10.10 0.21
C GLY A 170 -21.37 -11.08 1.25
N GLY A 171 -21.43 -10.64 2.51
CA GLY A 171 -21.91 -11.50 3.58
C GLY A 171 -22.48 -10.67 4.72
N PRO A 172 -23.18 -11.31 5.62
CA PRO A 172 -23.81 -10.63 6.80
C PRO A 172 -22.77 -10.15 7.80
N ILE A 173 -22.97 -8.96 8.34
CA ILE A 173 -22.04 -8.40 9.31
C ILE A 173 -22.71 -7.29 10.13
N ALA A 174 -23.73 -6.67 9.54
CA ALA A 174 -24.44 -5.60 10.23
C ALA A 174 -25.67 -5.17 9.43
N PHE A 175 -26.81 -5.11 10.10
CA PHE A 175 -28.05 -4.71 9.44
C PHE A 175 -28.30 -5.56 8.21
N GLY A 176 -28.78 -6.78 8.42
CA GLY A 176 -29.05 -7.69 7.32
C GLY A 176 -30.48 -8.23 7.39
N ASN A 177 -31.23 -8.02 6.33
CA ASN A 177 -32.62 -8.49 6.28
C ASN A 177 -32.95 -9.02 4.89
N ASP A 178 -32.08 -9.88 4.37
CA ASP A 178 -32.30 -10.46 3.04
C ASP A 178 -32.86 -11.86 3.17
N GLY A 179 -34.11 -12.03 2.76
CA GLY A 179 -34.76 -13.34 2.83
C GLY A 179 -33.74 -14.46 2.71
N ALA A 180 -33.14 -14.59 1.52
CA ALA A 180 -32.14 -15.62 1.29
C ALA A 180 -31.41 -15.38 -0.02
N SER A 181 -30.49 -14.43 -0.02
CA SER A 181 -29.73 -14.10 -1.22
C SER A 181 -28.28 -14.53 -1.07
N LEU A 182 -27.89 -15.57 -1.79
CA LEU A 182 -26.52 -16.07 -1.74
C LEU A 182 -26.18 -16.54 -0.33
N ILE A 183 -25.67 -17.76 -0.22
CA ILE A 183 -25.30 -18.32 1.07
C ILE A 183 -23.92 -18.96 1.01
N PRO A 184 -22.90 -18.16 0.89
CA PRO A 184 -21.49 -18.65 0.81
C PRO A 184 -20.93 -19.02 2.18
N ALA A 185 -20.26 -20.16 2.25
CA ALA A 185 -19.67 -20.61 3.51
C ALA A 185 -18.15 -20.65 3.40
N ASP A 186 -17.56 -19.51 3.09
CA ASP A 186 -16.11 -19.42 2.95
C ASP A 186 -15.54 -18.41 3.94
N TYR A 187 -14.21 -18.27 3.94
CA TYR A 187 -13.55 -17.34 4.84
C TYR A 187 -12.36 -16.68 4.15
N GLU A 188 -12.09 -17.11 2.92
CA GLU A 188 -10.97 -16.57 2.16
C GLU A 188 -11.16 -15.08 1.92
N ILE A 189 -12.41 -14.66 1.78
CA ILE A 189 -12.73 -13.25 1.53
C ILE A 189 -12.19 -12.38 2.67
N LEU A 190 -12.27 -12.89 3.89
CA LEU A 190 -11.80 -12.15 5.05
C LEU A 190 -10.33 -11.79 4.89
N ASN A 191 -9.53 -12.77 4.48
CA ASN A 191 -8.10 -12.55 4.30
C ASN A 191 -7.86 -11.53 3.19
N ARG A 192 -8.71 -11.56 2.16
CA ARG A 192 -8.58 -10.62 1.06
C ARG A 192 -8.84 -9.21 1.51
N VAL A 193 -9.90 -9.03 2.30
CA VAL A 193 -10.27 -7.72 2.80
C VAL A 193 -9.16 -7.17 3.71
N ALA A 194 -8.58 -8.05 4.52
CA ALA A 194 -7.52 -7.64 5.44
C ALA A 194 -6.37 -7.00 4.67
N ASP A 195 -6.03 -7.58 3.52
CA ASP A 195 -4.95 -7.05 2.69
C ASP A 195 -5.26 -5.60 2.30
N LYS A 196 -6.45 -5.39 1.78
CA LYS A 196 -6.88 -4.06 1.36
C LYS A 196 -7.09 -3.15 2.58
N LEU A 197 -7.53 -3.75 3.67
CA LEU A 197 -7.78 -3.02 4.90
C LEU A 197 -6.50 -2.41 5.48
N LYS A 198 -5.37 -3.08 5.26
CA LYS A 198 -4.10 -2.60 5.81
C LYS A 198 -3.70 -1.23 5.25
N ALA A 199 -4.16 -0.90 4.05
CA ALA A 199 -3.81 0.39 3.45
C ALA A 199 -5.00 1.36 3.49
N CYS A 200 -6.08 0.92 4.11
CA CYS A 200 -7.28 1.75 4.21
C CYS A 200 -7.15 2.88 5.24
N PRO A 201 -6.34 2.72 6.25
CA PRO A 201 -6.19 3.75 7.32
C PRO A 201 -5.85 5.12 6.77
N ASP A 202 -5.46 5.17 5.50
CA ASP A 202 -5.14 6.44 4.87
C ASP A 202 -6.15 7.49 5.34
N ALA A 203 -7.32 7.00 5.75
CA ALA A 203 -8.40 7.86 6.24
C ALA A 203 -8.66 7.57 7.71
N ARG A 204 -9.90 7.74 8.13
CA ARG A 204 -10.26 7.48 9.52
C ARG A 204 -11.13 6.23 9.59
N VAL A 205 -10.90 5.40 10.59
CA VAL A 205 -11.67 4.17 10.74
C VAL A 205 -12.43 4.17 12.05
N THR A 206 -13.71 3.84 11.97
CA THR A 206 -14.57 3.76 13.15
C THR A 206 -15.20 2.40 13.28
N ILE A 207 -15.02 1.77 14.44
CA ILE A 207 -15.59 0.44 14.67
C ILE A 207 -16.66 0.50 15.74
N ASN A 208 -17.88 0.11 15.38
CA ASN A 208 -18.98 0.12 16.32
C ASN A 208 -19.37 -1.29 16.73
N GLY A 209 -19.86 -1.43 17.96
CA GLY A 209 -20.26 -2.73 18.47
C GLY A 209 -21.71 -2.70 18.96
N TYR A 210 -22.53 -3.58 18.40
CA TYR A 210 -23.94 -3.63 18.78
C TYR A 210 -24.20 -4.77 19.77
N THR A 211 -24.94 -4.45 20.84
CA THR A 211 -25.25 -5.45 21.85
C THR A 211 -26.38 -4.95 22.75
N ASP A 212 -26.98 -5.87 23.51
CA ASP A 212 -28.07 -5.50 24.41
C ASP A 212 -27.52 -5.08 25.76
N ASN A 213 -28.37 -5.14 26.79
CA ASN A 213 -27.95 -4.77 28.13
C ASN A 213 -29.08 -5.02 29.14
N THR A 214 -28.76 -5.71 30.22
CA THR A 214 -29.75 -6.01 31.25
C THR A 214 -29.09 -6.13 32.61
N GLY A 215 -27.76 -6.27 32.62
CA GLY A 215 -27.01 -6.39 33.86
C GLY A 215 -27.06 -7.82 34.39
N SER A 216 -25.95 -8.54 34.24
CA SER A 216 -25.89 -9.92 34.70
C SER A 216 -26.53 -10.84 33.68
N GLU A 217 -27.86 -10.71 33.54
CA GLU A 217 -28.60 -11.53 32.60
C GLU A 217 -28.15 -11.25 31.16
N GLY A 218 -27.71 -10.02 30.92
CA GLY A 218 -27.26 -9.62 29.59
C GLY A 218 -25.74 -9.71 29.49
N ILE A 219 -25.05 -9.11 30.46
CA ILE A 219 -23.59 -9.12 30.48
C ILE A 219 -23.03 -9.00 29.06
N ASN A 220 -23.87 -8.53 28.15
CA ASN A 220 -23.47 -8.34 26.76
C ASN A 220 -22.47 -7.20 26.60
N ILE A 221 -22.62 -6.15 27.41
CA ILE A 221 -21.74 -4.98 27.32
C ILE A 221 -20.27 -5.34 27.49
N PRO A 222 -19.90 -6.04 28.54
CA PRO A 222 -18.49 -6.43 28.78
C PRO A 222 -17.90 -7.27 27.64
N LEU A 223 -18.69 -8.22 27.14
CA LEU A 223 -18.23 -9.08 26.06
C LEU A 223 -18.08 -8.28 24.75
N SER A 224 -19.00 -7.35 24.52
CA SER A 224 -18.96 -6.54 23.31
C SER A 224 -17.71 -5.66 23.29
N ALA A 225 -17.36 -5.10 24.45
CA ALA A 225 -16.19 -4.23 24.55
C ALA A 225 -14.92 -5.04 24.32
N GLN A 226 -14.78 -6.14 25.06
CA GLN A 226 -13.60 -6.99 24.93
C GLN A 226 -13.53 -7.60 23.53
N ARG A 227 -14.69 -7.90 22.96
CA ARG A 227 -14.75 -8.50 21.64
C ARG A 227 -14.13 -7.57 20.60
N ALA A 228 -14.41 -6.27 20.72
CA ALA A 228 -13.86 -5.29 19.80
C ALA A 228 -12.34 -5.29 19.83
N LYS A 229 -11.78 -5.40 21.02
CA LYS A 229 -10.33 -5.42 21.18
C LYS A 229 -9.72 -6.56 20.37
N ILE A 230 -10.38 -7.72 20.38
CA ILE A 230 -9.90 -8.87 19.64
C ILE A 230 -9.81 -8.56 18.15
N VAL A 231 -10.83 -7.86 17.64
CA VAL A 231 -10.87 -7.50 16.23
C VAL A 231 -9.69 -6.60 15.86
N ALA A 232 -9.43 -5.61 16.69
CA ALA A 232 -8.34 -4.68 16.44
C ALA A 232 -7.00 -5.41 16.45
N ASP A 233 -6.82 -6.31 17.42
CA ASP A 233 -5.58 -7.06 17.53
C ASP A 233 -5.33 -7.89 16.28
N TYR A 234 -6.40 -8.47 15.73
CA TYR A 234 -6.30 -9.28 14.53
C TYR A 234 -5.96 -8.42 13.32
N LEU A 235 -6.74 -7.37 13.12
CA LEU A 235 -6.51 -6.47 11.99
C LEU A 235 -5.12 -5.85 12.07
N VAL A 236 -4.75 -5.39 13.26
CA VAL A 236 -3.45 -4.78 13.45
C VAL A 236 -2.34 -5.77 13.09
N ALA A 237 -2.58 -7.04 13.40
CA ALA A 237 -1.61 -8.08 13.11
C ALA A 237 -1.38 -8.20 11.61
N ARG A 238 -2.38 -7.79 10.83
CA ARG A 238 -2.28 -7.85 9.38
C ARG A 238 -1.56 -6.61 8.84
N GLY A 239 -1.20 -5.71 9.75
CA GLY A 239 -0.50 -4.49 9.36
C GLY A 239 -1.43 -3.28 9.40
N VAL A 240 -2.60 -3.44 10.00
CA VAL A 240 -3.56 -2.35 10.11
C VAL A 240 -3.13 -1.37 11.19
N ALA A 241 -2.86 -0.13 10.80
CA ALA A 241 -2.45 0.89 11.75
C ALA A 241 -3.54 1.13 12.78
N GLY A 242 -3.28 0.71 14.01
CA GLY A 242 -4.26 0.90 15.08
C GLY A 242 -4.24 2.33 15.60
N ASP A 243 -3.39 3.15 14.99
CA ASP A 243 -3.28 4.55 15.41
C ASP A 243 -4.46 5.36 14.89
N HIS A 244 -5.17 4.78 13.92
CA HIS A 244 -6.34 5.46 13.34
C HIS A 244 -7.60 4.63 13.56
N ILE A 245 -7.47 3.55 14.32
CA ILE A 245 -8.62 2.68 14.59
C ILE A 245 -9.33 3.12 15.87
N ALA A 246 -10.66 3.18 15.79
CA ALA A 246 -11.47 3.58 16.94
C ALA A 246 -12.59 2.58 17.17
N THR A 247 -12.81 2.20 18.42
CA THR A 247 -13.86 1.24 18.74
C THR A 247 -14.79 1.79 19.81
N VAL A 248 -16.09 1.65 19.59
CA VAL A 248 -17.09 2.13 20.54
C VAL A 248 -18.22 1.12 20.69
N GLY A 249 -18.43 0.66 21.92
CA GLY A 249 -19.48 -0.31 22.19
C GLY A 249 -20.76 0.37 22.68
N LEU A 250 -21.77 0.41 21.81
CA LEU A 250 -23.03 1.02 22.16
C LEU A 250 -24.08 -0.05 22.46
N GLY A 251 -24.16 -0.46 23.72
CA GLY A 251 -25.12 -1.48 24.12
C GLY A 251 -26.44 -0.85 24.57
N SER A 252 -27.45 -1.68 24.72
CA SER A 252 -28.76 -1.18 25.15
C SER A 252 -29.40 -0.35 24.07
N VAL A 253 -28.59 0.53 23.46
CA VAL A 253 -29.10 1.39 22.40
C VAL A 253 -29.55 0.56 21.19
N ASN A 254 -30.29 1.20 20.28
CA ASN A 254 -30.78 0.51 19.10
C ASN A 254 -31.01 -0.97 19.41
N PRO A 255 -31.88 -1.25 20.33
CA PRO A 255 -32.21 -2.64 20.74
C PRO A 255 -32.97 -3.41 19.66
N ILE A 256 -32.29 -3.67 18.55
CA ILE A 256 -32.92 -4.40 17.44
C ILE A 256 -33.96 -5.37 17.97
N ALA A 257 -33.48 -6.39 18.69
CA ALA A 257 -34.38 -7.39 19.25
C ALA A 257 -34.26 -7.42 20.77
N SER A 258 -35.28 -7.98 21.43
CA SER A 258 -35.28 -8.06 22.89
C SER A 258 -34.33 -9.14 23.36
N ASN A 259 -33.93 -9.06 24.63
CA ASN A 259 -33.03 -10.04 25.21
C ASN A 259 -33.82 -11.04 26.05
N ALA A 260 -33.93 -12.27 25.55
CA ALA A 260 -34.67 -13.30 26.27
C ALA A 260 -34.34 -14.68 25.72
N THR A 261 -34.23 -14.78 24.39
CA THR A 261 -33.92 -16.05 23.75
C THR A 261 -32.55 -16.00 23.08
N PRO A 262 -31.97 -17.14 22.80
CA PRO A 262 -30.64 -17.22 22.15
C PRO A 262 -30.55 -16.35 20.90
N GLU A 263 -31.67 -16.22 20.20
CA GLU A 263 -31.71 -15.41 18.98
C GLU A 263 -31.55 -13.94 19.31
N GLY A 264 -32.04 -13.53 20.48
CA GLY A 264 -31.95 -12.14 20.90
C GLY A 264 -30.49 -11.70 21.02
N ARG A 265 -29.68 -12.54 21.64
CA ARG A 265 -28.26 -12.24 21.82
C ARG A 265 -27.55 -12.13 20.48
N ALA A 266 -27.81 -13.08 19.60
CA ALA A 266 -27.19 -13.07 18.28
C ALA A 266 -27.70 -11.91 17.44
N LYS A 267 -28.97 -11.56 17.62
CA LYS A 267 -29.56 -10.46 16.87
C LYS A 267 -28.88 -9.14 17.20
N ASN A 268 -28.56 -8.94 18.49
CA ASN A 268 -27.90 -7.71 18.91
C ASN A 268 -26.39 -7.79 18.69
N ARG A 269 -25.86 -9.02 18.68
CA ARG A 269 -24.43 -9.21 18.48
C ARG A 269 -24.04 -8.86 17.05
N ARG A 270 -23.66 -7.60 16.83
CA ARG A 270 -23.28 -7.15 15.50
C ARG A 270 -22.03 -6.26 15.56
N VAL A 271 -21.33 -6.17 14.44
CA VAL A 271 -20.13 -5.35 14.35
C VAL A 271 -20.03 -4.73 12.95
N GLU A 272 -19.37 -3.57 12.86
CA GLU A 272 -19.25 -2.90 11.57
C GLU A 272 -17.91 -2.17 11.45
N ILE A 273 -17.34 -2.19 10.25
CA ILE A 273 -16.07 -1.52 10.00
C ILE A 273 -16.25 -0.43 8.94
N VAL A 274 -15.94 0.81 9.30
CA VAL A 274 -16.09 1.92 8.37
C VAL A 274 -14.80 2.73 8.27
N VAL A 275 -14.38 3.00 7.03
CA VAL A 275 -13.15 3.78 6.80
C VAL A 275 -13.47 5.04 5.99
N ASN A 276 -12.89 6.17 6.40
CA ASN A 276 -13.13 7.42 5.70
C ASN A 276 -12.23 7.53 4.47
N SER A 25 32.92 9.07 -24.73
CA SER A 25 33.47 9.28 -23.41
C SER A 25 32.88 8.29 -22.41
N ALA A 26 32.17 7.29 -22.93
CA ALA A 26 31.55 6.28 -22.08
C ALA A 26 31.57 4.91 -22.77
N LEU A 27 32.76 4.36 -22.94
CA LEU A 27 32.89 3.06 -23.59
C LEU A 27 32.38 1.95 -22.66
N SER A 28 32.78 2.03 -21.40
CA SER A 28 32.35 1.03 -20.42
C SER A 28 31.79 1.73 -19.19
N LEU A 29 30.70 1.19 -18.66
CA LEU A 29 30.07 1.76 -17.47
C LEU A 29 30.42 0.94 -16.24
N SER A 30 30.28 1.55 -15.07
CA SER A 30 30.60 0.87 -13.81
C SER A 30 29.33 0.31 -13.18
N LEU A 31 29.51 -0.67 -12.29
CA LEU A 31 28.38 -1.28 -11.61
C LEU A 31 27.71 -0.29 -10.66
N LEU A 32 26.46 0.06 -10.95
CA LEU A 32 25.72 1.00 -10.11
C LEU A 32 24.44 0.36 -9.60
N SER A 33 24.06 0.70 -8.37
CA SER A 33 22.85 0.16 -7.77
C SER A 33 21.94 1.29 -7.29
N ILE A 34 20.68 1.27 -7.74
CA ILE A 34 19.72 2.28 -7.34
C ILE A 34 18.40 1.64 -6.95
N SER A 35 18.03 1.78 -5.68
CA SER A 35 16.79 1.19 -5.18
C SER A 35 16.06 2.18 -4.27
N ARG A 36 14.79 2.42 -4.57
CA ARG A 36 13.97 3.33 -3.76
C ARG A 36 12.84 2.56 -3.08
N SER A 37 12.74 2.70 -1.76
CA SER A 37 11.70 2.02 -1.01
C SER A 37 11.04 2.96 -0.01
N GLY A 38 9.74 3.21 -0.22
CA GLY A 38 8.99 4.09 0.66
C GLY A 38 9.40 5.55 0.46
N ASN A 39 9.56 6.28 1.55
CA ASN A 39 9.94 7.68 1.48
C ASN A 39 11.45 7.83 1.63
N THR A 40 12.17 6.72 1.47
CA THR A 40 13.62 6.74 1.59
C THR A 40 14.27 6.24 0.30
N VAL A 41 15.17 7.05 -0.26
CA VAL A 41 15.85 6.68 -1.49
C VAL A 41 17.30 6.31 -1.21
N THR A 42 17.66 5.06 -1.51
CA THR A 42 19.03 4.61 -1.28
C THR A 42 19.82 4.63 -2.57
N LEU A 43 20.99 5.28 -2.53
CA LEU A 43 21.85 5.37 -3.71
C LEU A 43 23.29 5.04 -3.35
N ILE A 44 23.83 4.01 -3.98
CA ILE A 44 25.20 3.59 -3.72
C ILE A 44 25.95 3.35 -5.02
N GLY A 45 27.13 3.95 -5.13
CA GLY A 45 27.95 3.79 -6.33
C GLY A 45 29.16 4.70 -6.28
N ASP A 46 29.71 5.03 -7.45
CA ASP A 46 30.88 5.89 -7.51
C ASP A 46 30.83 6.78 -8.75
N PHE A 47 31.49 7.93 -8.68
CA PHE A 47 31.52 8.86 -9.79
C PHE A 47 32.92 9.44 -9.97
N PRO A 48 33.31 9.72 -11.18
CA PRO A 48 34.65 10.30 -11.47
C PRO A 48 34.83 11.69 -10.89
N ASP A 49 33.72 12.39 -10.69
CA ASP A 49 33.77 13.73 -10.13
C ASP A 49 32.45 14.08 -9.45
N GLU A 50 32.51 14.37 -8.15
CA GLU A 50 31.31 14.72 -7.41
C GLU A 50 30.47 15.73 -8.18
N ALA A 51 31.11 16.42 -9.12
CA ALA A 51 30.41 17.41 -9.94
C ALA A 51 29.29 16.75 -10.73
N ALA A 52 29.55 15.52 -11.19
CA ALA A 52 28.56 14.79 -11.96
C ALA A 52 27.33 14.50 -11.09
N LYS A 53 27.57 14.24 -9.82
CA LYS A 53 26.49 13.95 -8.89
C LYS A 53 25.56 15.15 -8.75
N ALA A 54 26.14 16.34 -8.77
CA ALA A 54 25.36 17.57 -8.67
C ALA A 54 24.35 17.66 -9.79
N ALA A 55 24.75 17.23 -10.98
CA ALA A 55 23.87 17.25 -12.14
C ALA A 55 22.67 16.33 -11.91
N LEU A 56 22.93 15.19 -11.29
CA LEU A 56 21.87 14.22 -11.00
C LEU A 56 20.88 14.81 -10.00
N MET A 57 21.42 15.45 -8.96
CA MET A 57 20.58 16.05 -7.94
C MET A 57 19.62 17.05 -8.54
N THR A 58 20.00 17.62 -9.68
CA THR A 58 19.17 18.61 -10.36
C THR A 58 17.83 17.99 -10.75
N ALA A 59 17.85 16.77 -11.26
CA ALA A 59 16.62 16.10 -11.66
C ALA A 59 15.77 15.77 -10.44
N LEU A 60 16.43 15.56 -9.30
CA LEU A 60 15.72 15.24 -8.07
C LEU A 60 15.15 16.50 -7.43
N ASN A 61 15.71 17.65 -7.80
CA ASN A 61 15.25 18.93 -7.26
C ASN A 61 13.73 19.04 -7.37
N GLY A 62 13.17 18.41 -8.39
CA GLY A 62 11.73 18.45 -8.61
C GLY A 62 11.01 17.53 -7.63
N LEU A 63 11.69 16.48 -7.19
CA LEU A 63 11.10 15.53 -6.25
C LEU A 63 11.31 15.98 -4.81
N LEU A 64 12.55 16.36 -4.49
CA LEU A 64 12.89 16.80 -3.15
C LEU A 64 11.66 17.26 -2.39
N ALA A 65 11.34 16.55 -1.30
CA ALA A 65 10.18 16.90 -0.49
C ALA A 65 10.47 16.67 0.99
N PRO A 66 9.51 16.91 1.84
CA PRO A 66 9.67 16.74 3.31
C PRO A 66 9.33 15.32 3.77
N GLY A 67 9.93 14.91 4.88
CA GLY A 67 9.68 13.57 5.43
C GLY A 67 10.44 12.52 4.66
N VAL A 68 11.00 12.89 3.52
CA VAL A 68 11.75 11.96 2.70
C VAL A 68 13.22 11.99 3.05
N ASN A 69 13.81 10.81 3.27
CA ASN A 69 15.22 10.72 3.61
C ASN A 69 16.07 10.53 2.37
N VAL A 70 17.11 11.34 2.23
CA VAL A 70 17.99 11.25 1.07
C VAL A 70 19.28 10.53 1.44
N ILE A 71 19.63 9.52 0.64
CA ILE A 71 20.85 8.75 0.88
C ILE A 71 21.67 8.65 -0.39
N ASP A 72 22.81 9.32 -0.41
CA ASP A 72 23.68 9.30 -1.58
C ASP A 72 25.11 8.91 -1.20
N GLN A 73 25.33 7.61 -1.01
CA GLN A 73 26.65 7.11 -0.65
C GLN A 73 27.47 6.88 -1.91
N ILE A 74 27.95 7.96 -2.51
CA ILE A 74 28.73 7.87 -3.73
C ILE A 74 30.21 8.09 -3.45
N HIS A 75 31.04 7.19 -3.95
CA HIS A 75 32.48 7.29 -3.75
C HIS A 75 33.13 7.91 -4.98
N VAL A 76 34.19 8.69 -4.76
CA VAL A 76 34.88 9.34 -5.87
C VAL A 76 36.12 8.56 -6.27
N ASP A 77 36.09 7.96 -7.46
CA ASP A 77 37.23 7.19 -7.95
C ASP A 77 37.46 7.49 -9.43
N PRO A 78 38.46 8.29 -9.74
CA PRO A 78 38.79 8.65 -11.16
C PRO A 78 39.14 7.41 -11.99
N VAL A 79 38.60 6.26 -11.61
CA VAL A 79 38.87 5.03 -12.33
C VAL A 79 37.58 4.36 -12.77
N VAL A 80 36.44 4.92 -12.35
CA VAL A 80 35.14 4.37 -12.72
C VAL A 80 34.50 5.19 -13.83
N ARG A 81 33.39 4.67 -14.37
CA ARG A 81 32.69 5.36 -15.44
C ARG A 81 31.27 5.72 -14.99
N SER A 82 30.67 6.69 -15.66
CA SER A 82 29.33 7.13 -15.32
C SER A 82 28.41 7.06 -16.53
N LEU A 83 27.11 6.92 -16.27
CA LEU A 83 26.13 6.84 -17.36
C LEU A 83 25.68 8.24 -17.78
N ASP A 84 25.62 8.47 -19.09
CA ASP A 84 25.21 9.77 -19.61
C ASP A 84 23.82 10.14 -19.10
N PHE A 85 23.69 11.36 -18.62
CA PHE A 85 22.41 11.84 -18.12
C PHE A 85 21.90 13.01 -18.94
N SER A 86 22.31 13.06 -20.20
CA SER A 86 21.91 14.13 -21.10
C SER A 86 20.51 14.61 -20.77
N SER A 87 19.59 13.65 -20.59
CA SER A 87 18.21 13.98 -20.28
C SER A 87 17.93 13.84 -18.79
N ALA A 88 17.48 12.65 -18.39
CA ALA A 88 17.18 12.39 -16.98
C ALA A 88 15.95 13.17 -16.54
N GLU A 89 15.86 14.43 -16.96
CA GLU A 89 14.72 15.27 -16.60
C GLU A 89 13.40 14.58 -16.92
N PRO A 90 13.19 14.23 -18.17
CA PRO A 90 11.95 13.55 -18.62
C PRO A 90 11.79 12.17 -17.99
N VAL A 91 12.91 11.47 -17.81
CA VAL A 91 12.88 10.14 -17.21
C VAL A 91 12.52 10.22 -15.74
N PHE A 92 13.17 11.11 -15.01
CA PHE A 92 12.90 11.27 -13.59
C PHE A 92 11.48 11.77 -13.36
N THR A 93 11.06 12.75 -14.17
CA THR A 93 9.73 13.30 -14.05
C THR A 93 8.68 12.26 -14.39
N ALA A 94 9.01 11.38 -15.34
CA ALA A 94 8.09 10.34 -15.76
C ALA A 94 8.02 9.23 -14.70
N SER A 95 9.05 9.15 -13.88
CA SER A 95 9.10 8.14 -12.83
C SER A 95 8.99 8.78 -11.45
N VAL A 96 8.77 10.10 -11.43
CA VAL A 96 8.65 10.82 -10.17
C VAL A 96 7.43 10.33 -9.38
N PRO A 97 6.33 10.13 -10.06
CA PRO A 97 5.07 9.64 -9.41
C PRO A 97 5.28 8.31 -8.71
N ILE A 98 6.44 7.69 -8.95
CA ILE A 98 6.74 6.40 -8.34
C ILE A 98 8.08 6.48 -7.60
N PRO A 99 8.05 6.85 -6.34
CA PRO A 99 9.27 6.96 -5.50
C PRO A 99 9.75 5.60 -5.00
N ASP A 100 9.26 4.54 -5.62
CA ASP A 100 9.64 3.19 -5.22
C ASP A 100 10.01 2.35 -6.45
N PHE A 101 11.03 2.78 -7.16
CA PHE A 101 11.48 2.06 -8.35
C PHE A 101 12.96 1.73 -8.25
N GLY A 102 13.33 0.55 -8.75
CA GLY A 102 14.72 0.13 -8.71
C GLY A 102 15.37 0.21 -10.09
N LEU A 103 16.63 0.62 -10.13
CA LEU A 103 17.34 0.74 -11.39
C LEU A 103 18.79 0.29 -11.24
N LYS A 104 19.22 -0.63 -12.10
CA LYS A 104 20.58 -1.14 -12.06
C LYS A 104 21.24 -0.96 -13.44
N VAL A 105 22.42 -0.36 -13.44
CA VAL A 105 23.13 -0.12 -14.70
C VAL A 105 24.48 -0.84 -14.72
N GLU A 106 24.72 -1.64 -15.76
CA GLU A 106 25.98 -2.36 -15.89
C GLU A 106 26.80 -1.78 -17.03
N ARG A 107 28.00 -2.30 -17.21
CA ARG A 107 28.88 -1.82 -18.27
C ARG A 107 28.07 -1.38 -19.48
N ASP A 108 27.06 -2.17 -19.84
CA ASP A 108 26.22 -1.84 -20.98
C ASP A 108 24.85 -2.53 -20.87
N THR A 109 24.40 -2.73 -19.65
CA THR A 109 23.11 -3.37 -19.42
C THR A 109 22.32 -2.63 -18.34
N VAL A 110 21.06 -2.33 -18.63
CA VAL A 110 20.22 -1.62 -17.68
C VAL A 110 19.02 -2.47 -17.28
N THR A 111 18.83 -2.64 -15.97
CA THR A 111 17.72 -3.45 -15.48
C THR A 111 16.97 -2.69 -14.38
N LEU A 112 15.65 -2.56 -14.55
CA LEU A 112 14.83 -1.85 -13.57
C LEU A 112 13.82 -2.80 -12.93
N THR A 113 13.89 -2.92 -11.61
CA THR A 113 12.98 -3.80 -10.88
C THR A 113 12.20 -3.01 -9.83
N GLY A 114 10.96 -3.41 -9.58
CA GLY A 114 10.13 -2.73 -8.59
C GLY A 114 8.65 -2.91 -8.91
N THR A 115 7.80 -2.74 -7.90
CA THR A 115 6.36 -2.88 -8.09
C THR A 115 5.72 -1.52 -8.31
N ALA A 116 4.83 -1.44 -9.30
CA ALA A 116 4.14 -0.19 -9.60
C ALA A 116 2.66 -0.30 -9.26
N PRO A 117 2.07 0.75 -8.74
CA PRO A 117 0.63 0.77 -8.37
C PRO A 117 -0.29 0.77 -9.59
N SER A 118 0.10 1.51 -10.61
CA SER A 118 -0.70 1.60 -11.83
C SER A 118 0.13 1.19 -13.05
N SER A 119 -0.48 0.41 -13.94
CA SER A 119 0.22 -0.04 -15.14
C SER A 119 0.52 1.13 -16.06
N GLU A 120 -0.37 2.12 -16.07
CA GLU A 120 -0.19 3.29 -16.92
C GLU A 120 1.12 4.00 -16.60
N HIS A 121 1.36 4.24 -15.31
CA HIS A 121 2.58 4.92 -14.88
C HIS A 121 3.81 4.13 -15.35
N LYS A 122 3.73 2.80 -15.24
CA LYS A 122 4.84 1.95 -15.66
C LYS A 122 5.10 2.10 -17.15
N ASP A 123 4.01 2.27 -17.92
CA ASP A 123 4.14 2.43 -19.36
C ASP A 123 4.90 3.70 -19.70
N ALA A 124 4.65 4.75 -18.94
CA ALA A 124 5.32 6.03 -19.18
C ALA A 124 6.80 5.95 -18.78
N VAL A 125 7.07 5.24 -17.70
CA VAL A 125 8.45 5.10 -17.23
C VAL A 125 9.31 4.36 -18.25
N LYS A 126 8.84 3.20 -18.70
CA LYS A 126 9.58 2.42 -19.69
C LYS A 126 9.72 3.19 -21.00
N ARG A 127 8.68 3.92 -21.36
CA ARG A 127 8.70 4.69 -22.60
C ARG A 127 9.84 5.70 -22.60
N ALA A 128 9.88 6.53 -21.55
CA ALA A 128 10.93 7.54 -21.43
C ALA A 128 12.29 6.88 -21.22
N ALA A 129 12.30 5.75 -20.54
CA ALA A 129 13.54 5.04 -20.27
C ALA A 129 14.10 4.44 -21.56
N THR A 130 13.22 3.91 -22.40
CA THR A 130 13.65 3.32 -23.66
C THR A 130 14.30 4.36 -24.56
N SER A 131 13.74 5.57 -24.56
CA SER A 131 14.26 6.65 -25.39
C SER A 131 15.60 7.14 -24.85
N THR A 132 15.74 7.15 -23.53
CA THR A 132 16.99 7.61 -22.91
C THR A 132 18.13 6.66 -23.23
N TRP A 133 18.07 5.46 -22.67
CA TRP A 133 19.12 4.47 -22.89
C TRP A 133 18.58 3.26 -23.66
N PRO A 134 18.65 3.30 -24.96
CA PRO A 134 18.19 2.21 -25.84
C PRO A 134 19.24 1.11 -25.99
N ASP A 135 20.15 1.05 -25.02
CA ASP A 135 21.21 0.06 -25.06
C ASP A 135 20.70 -1.26 -25.62
N MET A 136 19.38 -1.44 -25.58
CA MET A 136 18.77 -2.66 -26.10
C MET A 136 18.65 -3.71 -24.99
N LYS A 137 19.67 -3.79 -24.15
CA LYS A 137 19.67 -4.75 -23.06
C LYS A 137 18.82 -4.23 -21.90
N ILE A 138 17.57 -3.87 -22.20
CA ILE A 138 16.67 -3.37 -21.18
C ILE A 138 15.72 -4.47 -20.70
N VAL A 139 15.78 -4.78 -19.42
CA VAL A 139 14.94 -5.82 -18.84
C VAL A 139 13.88 -5.20 -17.95
N ASN A 140 12.62 -5.58 -18.16
CA ASN A 140 11.52 -5.05 -17.37
C ASN A 140 11.04 -6.09 -16.35
N ASN A 141 11.23 -5.79 -15.08
CA ASN A 141 10.82 -6.71 -14.02
C ASN A 141 9.91 -5.99 -13.03
N ILE A 142 8.79 -5.48 -13.53
CA ILE A 142 7.84 -4.77 -12.69
C ILE A 142 6.53 -5.54 -12.59
N GLU A 143 6.07 -5.73 -11.36
CA GLU A 143 4.82 -6.45 -11.12
C GLU A 143 3.85 -5.57 -10.34
N VAL A 144 2.58 -5.63 -10.72
CA VAL A 144 1.55 -4.82 -10.05
C VAL A 144 0.98 -5.57 -8.86
N THR A 145 0.94 -4.90 -7.71
CA THR A 145 0.41 -5.51 -6.49
C THR A 145 -1.12 -5.52 -6.53
N GLY A 146 -1.67 -5.93 -7.67
CA GLY A 146 -3.13 -5.98 -7.82
C GLY A 146 -3.75 -4.62 -7.54
N GLN A 147 -3.04 -3.56 -7.92
CA GLN A 147 -3.53 -2.21 -7.70
C GLN A 147 -3.85 -1.52 -9.03
N ALA A 148 -4.94 -0.76 -9.05
CA ALA A 148 -5.34 -0.05 -10.26
C ALA A 148 -5.53 -1.02 -11.42
N PRO A 149 -6.70 -1.57 -11.56
CA PRO A 149 -7.03 -2.53 -12.66
C PRO A 149 -6.66 -1.97 -14.03
N PRO A 150 -6.28 -2.83 -14.94
CA PRO A 150 -5.90 -2.42 -16.32
C PRO A 150 -6.78 -1.30 -16.85
N GLY A 151 -6.45 -0.06 -16.50
CA GLY A 151 -7.23 1.10 -16.94
C GLY A 151 -7.05 2.28 -15.99
N PRO A 152 -7.87 2.36 -14.98
CA PRO A 152 -7.81 3.45 -13.98
C PRO A 152 -6.37 3.81 -13.61
N PRO A 153 -5.85 4.86 -14.20
CA PRO A 153 -4.45 5.32 -13.95
C PRO A 153 -4.38 6.29 -12.77
N ALA A 154 -4.92 5.87 -11.64
CA ALA A 154 -4.91 6.72 -10.45
C ALA A 154 -4.46 5.94 -9.21
N SER A 155 -4.70 4.64 -9.23
CA SER A 155 -4.31 3.79 -8.11
C SER A 155 -5.46 3.70 -7.10
N GLY A 156 -5.94 2.49 -6.86
CA GLY A 156 -7.05 2.30 -5.92
C GLY A 156 -6.62 1.49 -4.71
N PRO A 157 -6.23 2.16 -3.65
CA PRO A 157 -5.79 1.49 -2.39
C PRO A 157 -6.98 1.07 -1.53
N CYS A 158 -7.40 1.96 -0.63
CA CYS A 158 -8.54 1.67 0.25
C CYS A 158 -9.65 2.67 -0.01
N ALA A 159 -9.59 3.35 -1.15
CA ALA A 159 -10.60 4.34 -1.50
C ALA A 159 -11.95 3.69 -1.72
N ASP A 160 -12.99 4.28 -1.15
CA ASP A 160 -14.35 3.74 -1.29
C ASP A 160 -14.33 2.22 -1.22
N LEU A 161 -13.24 1.66 -0.72
CA LEU A 161 -13.11 0.21 -0.61
C LEU A 161 -14.27 -0.34 0.23
N GLN A 162 -14.75 0.47 1.17
CA GLN A 162 -15.85 0.05 2.02
C GLN A 162 -17.04 -0.40 1.19
N SER A 163 -17.28 0.30 0.08
CA SER A 163 -18.37 -0.06 -0.82
C SER A 163 -18.13 -1.40 -1.46
N ALA A 164 -16.87 -1.62 -1.88
CA ALA A 164 -16.50 -2.87 -2.52
C ALA A 164 -16.41 -3.98 -1.48
N ILE A 165 -15.97 -3.64 -0.28
CA ILE A 165 -15.84 -4.62 0.80
C ILE A 165 -17.20 -5.24 1.10
N ASN A 166 -18.25 -4.43 1.05
CA ASN A 166 -19.59 -4.92 1.32
C ASN A 166 -19.97 -6.01 0.31
N ALA A 167 -19.55 -5.81 -0.94
CA ALA A 167 -19.84 -6.78 -1.98
C ALA A 167 -18.97 -8.02 -1.82
N VAL A 168 -17.77 -7.83 -1.28
CA VAL A 168 -16.85 -8.93 -1.07
C VAL A 168 -17.48 -9.98 -0.16
N THR A 169 -18.28 -9.51 0.80
CA THR A 169 -18.94 -10.41 1.73
C THR A 169 -20.43 -10.52 1.40
N GLY A 170 -20.99 -9.46 0.85
CA GLY A 170 -22.41 -9.45 0.48
C GLY A 170 -23.14 -8.31 1.17
N GLY A 171 -22.77 -8.04 2.42
CA GLY A 171 -23.40 -6.97 3.18
C GLY A 171 -22.63 -6.69 4.46
N PRO A 172 -23.21 -5.90 5.34
CA PRO A 172 -22.57 -5.54 6.64
C PRO A 172 -22.11 -6.78 7.40
N ILE A 173 -20.96 -6.66 8.08
CA ILE A 173 -20.42 -7.77 8.85
C ILE A 173 -21.40 -8.22 9.91
N ALA A 174 -22.06 -9.35 9.66
CA ALA A 174 -23.03 -9.89 10.60
C ALA A 174 -22.92 -11.40 10.68
N PHE A 175 -22.96 -12.06 9.52
CA PHE A 175 -22.86 -13.51 9.47
C PHE A 175 -22.81 -13.98 8.01
N GLY A 176 -21.70 -14.61 7.64
CA GLY A 176 -21.53 -15.11 6.28
C GLY A 176 -22.06 -16.53 6.15
N ASN A 177 -22.68 -16.82 5.01
CA ASN A 177 -23.23 -18.15 4.77
C ASN A 177 -22.70 -18.72 3.45
N ASP A 178 -23.62 -19.09 2.56
CA ASP A 178 -23.24 -19.65 1.27
C ASP A 178 -22.87 -21.12 1.41
N GLY A 179 -23.70 -21.99 0.83
CA GLY A 179 -23.44 -23.43 0.91
C GLY A 179 -24.29 -24.08 1.99
N ALA A 180 -24.13 -23.61 3.23
CA ALA A 180 -24.89 -24.16 4.34
C ALA A 180 -25.19 -23.07 5.37
N SER A 181 -25.15 -23.44 6.64
CA SER A 181 -25.42 -22.49 7.71
C SER A 181 -24.62 -22.86 8.96
N LEU A 182 -24.27 -24.13 9.09
CA LEU A 182 -23.52 -24.60 10.25
C LEU A 182 -22.59 -23.50 10.75
N ILE A 183 -22.79 -23.10 12.00
CA ILE A 183 -21.96 -22.06 12.60
C ILE A 183 -21.65 -20.96 11.59
N PRO A 184 -22.55 -20.02 11.45
CA PRO A 184 -22.39 -18.89 10.50
C PRO A 184 -21.05 -18.19 10.68
N ALA A 185 -20.82 -17.13 9.91
CA ALA A 185 -19.57 -16.39 9.98
C ALA A 185 -18.41 -17.21 9.43
N ASP A 186 -17.40 -16.53 8.89
CA ASP A 186 -16.25 -17.21 8.33
C ASP A 186 -14.99 -16.37 8.52
N TYR A 187 -13.85 -16.89 8.08
CA TYR A 187 -12.59 -16.17 8.19
C TYR A 187 -11.91 -16.07 6.84
N GLU A 188 -12.35 -16.88 5.89
CA GLU A 188 -11.77 -16.87 4.55
C GLU A 188 -12.09 -15.55 3.85
N ILE A 189 -13.30 -15.06 4.06
CA ILE A 189 -13.72 -13.81 3.45
C ILE A 189 -12.96 -12.63 4.07
N LEU A 190 -12.72 -12.72 5.37
CA LEU A 190 -12.00 -11.67 6.08
C LEU A 190 -10.60 -11.47 5.49
N ASN A 191 -10.01 -12.56 5.01
CA ASN A 191 -8.69 -12.49 4.42
C ASN A 191 -8.64 -11.47 3.29
N ARG A 192 -9.68 -11.48 2.44
CA ARG A 192 -9.73 -10.56 1.32
C ARG A 192 -9.87 -9.11 1.81
N VAL A 193 -10.76 -8.90 2.77
CA VAL A 193 -10.97 -7.56 3.31
C VAL A 193 -9.75 -7.12 4.11
N ALA A 194 -9.25 -8.01 4.95
CA ALA A 194 -8.07 -7.70 5.78
C ALA A 194 -6.90 -7.30 4.90
N ASP A 195 -6.67 -8.06 3.83
CA ASP A 195 -5.56 -7.77 2.93
C ASP A 195 -5.65 -6.35 2.39
N LYS A 196 -6.83 -5.99 1.88
CA LYS A 196 -7.05 -4.65 1.34
C LYS A 196 -7.04 -3.64 2.49
N LEU A 197 -7.50 -4.09 3.65
CA LEU A 197 -7.54 -3.23 4.84
C LEU A 197 -6.17 -2.63 5.14
N LYS A 198 -5.11 -3.36 4.80
CA LYS A 198 -3.75 -2.89 5.08
C LYS A 198 -3.45 -1.56 4.38
N ALA A 199 -4.31 -1.16 3.46
CA ALA A 199 -4.11 0.11 2.74
C ALA A 199 -5.07 1.18 3.27
N CYS A 200 -5.93 0.77 4.19
CA CYS A 200 -6.92 1.68 4.77
C CYS A 200 -6.32 2.66 5.78
N PRO A 201 -5.23 2.33 6.43
CA PRO A 201 -4.62 3.23 7.46
C PRO A 201 -4.40 4.63 6.91
N ASP A 202 -4.49 4.78 5.59
CA ASP A 202 -4.34 6.09 4.98
C ASP A 202 -5.52 6.97 5.39
N ALA A 203 -6.54 6.31 5.93
CA ALA A 203 -7.74 7.00 6.39
C ALA A 203 -8.05 6.61 7.83
N ARG A 204 -9.24 6.92 8.30
CA ARG A 204 -9.63 6.58 9.66
C ARG A 204 -10.74 5.54 9.64
N VAL A 205 -10.66 4.56 10.54
CA VAL A 205 -11.67 3.51 10.60
C VAL A 205 -12.36 3.50 11.95
N THR A 206 -13.69 3.43 11.92
CA THR A 206 -14.47 3.40 13.15
C THR A 206 -15.24 2.10 13.26
N ILE A 207 -14.97 1.33 14.30
CA ILE A 207 -15.64 0.06 14.50
C ILE A 207 -16.74 0.19 15.55
N ASN A 208 -17.98 -0.09 15.15
CA ASN A 208 -19.11 -0.01 16.06
C ASN A 208 -19.49 -1.39 16.58
N GLY A 209 -19.72 -1.48 17.89
CA GLY A 209 -20.09 -2.75 18.51
C GLY A 209 -21.57 -2.77 18.86
N TYR A 210 -22.28 -3.79 18.38
CA TYR A 210 -23.70 -3.92 18.66
C TYR A 210 -23.97 -5.08 19.61
N THR A 211 -24.41 -4.75 20.81
CA THR A 211 -24.71 -5.77 21.81
C THR A 211 -26.19 -5.75 22.16
N ASP A 212 -26.53 -6.29 23.33
CA ASP A 212 -27.92 -6.32 23.77
C ASP A 212 -28.07 -5.62 25.12
N ASN A 213 -29.06 -6.06 25.89
CA ASN A 213 -29.30 -5.47 27.21
C ASN A 213 -29.16 -6.53 28.30
N THR A 214 -28.33 -7.54 28.04
CA THR A 214 -28.11 -8.60 29.01
C THR A 214 -27.59 -8.05 30.33
N GLY A 215 -26.35 -7.56 30.30
CA GLY A 215 -25.74 -6.99 31.51
C GLY A 215 -26.00 -5.49 31.59
N SER A 216 -26.11 -4.98 32.81
CA SER A 216 -26.34 -3.56 33.02
C SER A 216 -25.45 -2.73 32.13
N GLU A 217 -25.81 -1.47 31.93
CA GLU A 217 -25.02 -0.57 31.10
C GLU A 217 -23.56 -0.56 31.57
N GLY A 218 -23.36 -0.64 32.88
CA GLY A 218 -22.03 -0.64 33.45
C GLY A 218 -21.29 -1.92 33.11
N ILE A 219 -22.00 -2.86 32.48
CA ILE A 219 -21.41 -4.13 32.11
C ILE A 219 -21.57 -4.38 30.62
N ASN A 220 -22.59 -3.75 30.03
CA ASN A 220 -22.86 -3.92 28.60
C ASN A 220 -21.76 -3.29 27.75
N ILE A 221 -21.34 -2.09 28.14
CA ILE A 221 -20.30 -1.37 27.39
C ILE A 221 -18.98 -2.15 27.36
N PRO A 222 -18.48 -2.59 28.48
CA PRO A 222 -17.20 -3.36 28.54
C PRO A 222 -17.30 -4.68 27.77
N LEU A 223 -18.48 -5.28 27.77
CA LEU A 223 -18.69 -6.53 27.07
C LEU A 223 -18.59 -6.32 25.56
N SER A 224 -19.21 -5.24 25.09
CA SER A 224 -19.18 -4.93 23.66
C SER A 224 -17.82 -4.41 23.25
N ALA A 225 -17.20 -3.61 24.12
CA ALA A 225 -15.89 -3.04 23.84
C ALA A 225 -14.81 -4.13 23.91
N GLN A 226 -14.99 -5.07 24.82
CA GLN A 226 -14.03 -6.17 24.97
C GLN A 226 -14.01 -7.05 23.73
N ARG A 227 -15.18 -7.23 23.12
CA ARG A 227 -15.28 -8.06 21.92
C ARG A 227 -14.46 -7.45 20.78
N ALA A 228 -14.62 -6.15 20.57
CA ALA A 228 -13.89 -5.47 19.51
C ALA A 228 -12.38 -5.59 19.74
N LYS A 229 -12.00 -5.63 21.01
CA LYS A 229 -10.59 -5.75 21.35
C LYS A 229 -9.96 -6.97 20.69
N ILE A 230 -10.73 -8.06 20.64
CA ILE A 230 -10.24 -9.29 20.02
C ILE A 230 -10.08 -9.09 18.52
N VAL A 231 -11.05 -8.44 17.89
CA VAL A 231 -11.00 -8.19 16.46
C VAL A 231 -9.84 -7.25 16.12
N ALA A 232 -9.63 -6.26 16.98
CA ALA A 232 -8.55 -5.30 16.77
C ALA A 232 -7.21 -6.00 16.72
N ASP A 233 -7.01 -6.96 17.61
CA ASP A 233 -5.76 -7.71 17.67
C ASP A 233 -5.54 -8.49 16.39
N TYR A 234 -6.64 -9.03 15.85
CA TYR A 234 -6.56 -9.81 14.61
C TYR A 234 -6.11 -8.93 13.44
N LEU A 235 -6.80 -7.81 13.25
CA LEU A 235 -6.46 -6.90 12.16
C LEU A 235 -5.04 -6.38 12.32
N VAL A 236 -4.70 -5.92 13.52
CA VAL A 236 -3.37 -5.40 13.78
C VAL A 236 -2.32 -6.46 13.46
N ALA A 237 -2.63 -7.70 13.80
CA ALA A 237 -1.71 -8.81 13.52
C ALA A 237 -1.59 -9.03 12.02
N ARG A 238 -2.54 -8.48 11.27
CA ARG A 238 -2.53 -8.61 9.82
C ARG A 238 -1.64 -7.54 9.22
N GLY A 239 -1.05 -6.72 10.08
CA GLY A 239 -0.17 -5.65 9.63
C GLY A 239 -0.91 -4.31 9.61
N VAL A 240 -2.09 -4.30 10.23
CA VAL A 240 -2.89 -3.07 10.28
C VAL A 240 -2.40 -2.16 11.39
N ALA A 241 -2.25 -0.88 11.07
CA ALA A 241 -1.79 0.10 12.06
C ALA A 241 -2.88 0.36 13.10
N GLY A 242 -2.71 -0.23 14.28
CA GLY A 242 -3.68 -0.04 15.35
C GLY A 242 -3.69 1.40 15.83
N ASP A 243 -2.87 2.24 15.21
CA ASP A 243 -2.79 3.65 15.59
C ASP A 243 -3.86 4.46 14.85
N HIS A 244 -4.67 3.77 14.06
CA HIS A 244 -5.74 4.44 13.32
C HIS A 244 -7.05 3.68 13.46
N ILE A 245 -7.05 2.67 14.31
CA ILE A 245 -8.24 1.86 14.54
C ILE A 245 -9.00 2.36 15.77
N ALA A 246 -10.31 2.50 15.64
CA ALA A 246 -11.13 2.98 16.75
C ALA A 246 -12.29 2.02 17.01
N THR A 247 -12.68 1.90 18.28
CA THR A 247 -13.79 1.01 18.64
C THR A 247 -14.77 1.76 19.53
N VAL A 248 -16.05 1.71 19.16
CA VAL A 248 -17.09 2.38 19.93
C VAL A 248 -18.17 1.39 20.34
N GLY A 249 -18.66 1.54 21.57
CA GLY A 249 -19.71 0.66 22.08
C GLY A 249 -21.05 1.38 22.12
N LEU A 250 -21.97 0.94 21.27
CA LEU A 250 -23.29 1.55 21.21
C LEU A 250 -23.86 1.75 22.61
N GLY A 251 -24.68 0.81 23.05
CA GLY A 251 -25.29 0.88 24.38
C GLY A 251 -26.79 0.62 24.31
N SER A 252 -27.15 -0.66 24.30
CA SER A 252 -28.56 -1.03 24.24
C SER A 252 -29.37 0.01 23.52
N VAL A 253 -29.17 0.12 22.21
CA VAL A 253 -29.90 1.10 21.42
C VAL A 253 -31.40 0.85 21.52
N ASN A 254 -31.90 -0.09 20.73
CA ASN A 254 -33.32 -0.42 20.76
C ASN A 254 -33.63 -1.56 19.79
N PRO A 255 -33.22 -1.45 18.56
CA PRO A 255 -33.46 -2.50 17.53
C PRO A 255 -32.91 -3.86 17.94
N ILE A 256 -32.61 -4.02 19.23
CA ILE A 256 -32.09 -5.28 19.72
C ILE A 256 -33.20 -6.32 19.86
N ALA A 257 -32.83 -7.53 20.28
CA ALA A 257 -33.80 -8.60 20.44
C ALA A 257 -33.80 -9.12 21.87
N SER A 258 -34.77 -9.99 22.18
CA SER A 258 -34.86 -10.56 23.52
C SER A 258 -33.89 -11.71 23.68
N ASN A 259 -33.46 -11.96 24.92
CA ASN A 259 -32.52 -13.04 25.19
C ASN A 259 -33.28 -14.32 25.58
N ALA A 260 -34.47 -14.50 25.01
CA ALA A 260 -35.27 -15.67 25.32
C ALA A 260 -34.67 -16.92 24.67
N THR A 261 -34.09 -16.74 23.48
CA THR A 261 -33.48 -17.85 22.78
C THR A 261 -32.05 -17.51 22.36
N PRO A 262 -31.22 -18.51 22.19
CA PRO A 262 -29.81 -18.32 21.78
C PRO A 262 -29.68 -17.57 20.46
N GLU A 263 -30.64 -17.78 19.57
CA GLU A 263 -30.63 -17.11 18.27
C GLU A 263 -30.81 -15.60 18.46
N GLY A 264 -31.64 -15.23 19.43
CA GLY A 264 -31.89 -13.83 19.71
C GLY A 264 -30.60 -13.10 20.08
N ARG A 265 -29.75 -13.77 20.85
CA ARG A 265 -28.48 -13.18 21.26
C ARG A 265 -27.57 -12.96 20.06
N ALA A 266 -27.50 -13.96 19.18
CA ALA A 266 -26.68 -13.86 17.99
C ALA A 266 -27.05 -12.62 17.17
N LYS A 267 -28.35 -12.35 17.09
CA LYS A 267 -28.83 -11.20 16.34
C LYS A 267 -28.38 -9.90 17.00
N ASN A 268 -28.22 -9.95 18.33
CA ASN A 268 -27.80 -8.77 19.07
C ASN A 268 -26.29 -8.53 18.88
N ARG A 269 -25.60 -9.55 18.39
CA ARG A 269 -24.16 -9.45 18.17
C ARG A 269 -23.86 -9.06 16.73
N ARG A 270 -23.67 -7.77 16.50
CA ARG A 270 -23.37 -7.27 15.16
C ARG A 270 -22.18 -6.33 15.20
N VAL A 271 -21.39 -6.33 14.14
CA VAL A 271 -20.22 -5.47 14.06
C VAL A 271 -20.18 -4.72 12.74
N GLU A 272 -19.64 -3.50 12.76
CA GLU A 272 -19.54 -2.69 11.56
C GLU A 272 -18.16 -2.03 11.46
N ILE A 273 -17.60 -2.04 10.26
CA ILE A 273 -16.28 -1.45 10.03
C ILE A 273 -16.32 -0.51 8.83
N VAL A 274 -16.05 0.76 9.07
CA VAL A 274 -16.06 1.74 7.98
C VAL A 274 -14.77 2.57 7.98
N VAL A 275 -14.16 2.70 6.80
CA VAL A 275 -12.92 3.46 6.66
C VAL A 275 -13.18 4.75 5.88
N ASN A 276 -12.62 5.87 6.37
CA ASN A 276 -12.81 7.15 5.71
C ASN A 276 -11.80 7.32 4.57
N SER A 25 31.21 7.51 -25.38
CA SER A 25 31.54 8.04 -24.06
C SER A 25 30.86 7.22 -22.97
N ALA A 26 30.64 5.94 -23.24
CA ALA A 26 29.99 5.07 -22.27
C ALA A 26 30.14 3.60 -22.68
N LEU A 27 31.27 3.01 -22.34
CA LEU A 27 31.52 1.62 -22.68
C LEU A 27 31.51 0.76 -21.42
N SER A 28 31.44 1.42 -20.26
CA SER A 28 31.42 0.71 -18.99
C SER A 28 30.95 1.64 -17.87
N LEU A 29 30.22 1.09 -16.92
CA LEU A 29 29.71 1.87 -15.80
C LEU A 29 30.03 1.21 -14.47
N SER A 30 30.01 1.99 -13.40
CA SER A 30 30.30 1.46 -12.08
C SER A 30 29.04 0.90 -11.44
N LEU A 31 29.21 0.16 -10.34
CA LEU A 31 28.08 -0.43 -9.64
C LEU A 31 27.20 0.65 -9.01
N LEU A 32 25.92 0.64 -9.36
CA LEU A 32 24.99 1.62 -8.81
C LEU A 32 23.68 0.94 -8.41
N SER A 33 23.36 1.00 -7.12
CA SER A 33 22.14 0.38 -6.63
C SER A 33 21.32 1.38 -5.82
N ILE A 34 20.04 1.48 -6.15
CA ILE A 34 19.15 2.41 -5.45
C ILE A 34 17.83 1.72 -5.11
N SER A 35 17.39 1.87 -3.87
CA SER A 35 16.14 1.26 -3.43
C SER A 35 15.20 2.31 -2.84
N ARG A 36 13.97 2.36 -3.36
CA ARG A 36 13.00 3.34 -2.88
C ARG A 36 11.84 2.62 -2.18
N SER A 37 11.50 3.10 -0.98
CA SER A 37 10.41 2.50 -0.22
C SER A 37 9.61 3.57 0.52
N GLY A 38 8.35 3.75 0.10
CA GLY A 38 7.47 4.72 0.73
C GLY A 38 8.25 5.88 1.36
N ASN A 39 8.19 7.04 0.71
CA ASN A 39 8.87 8.24 1.22
C ASN A 39 10.32 7.94 1.61
N THR A 40 10.76 6.71 1.42
CA THR A 40 12.13 6.34 1.76
C THR A 40 12.97 6.16 0.50
N VAL A 41 14.08 6.88 0.42
CA VAL A 41 14.96 6.80 -0.74
C VAL A 41 16.37 6.43 -0.31
N THR A 42 16.90 5.37 -0.91
CA THR A 42 18.25 4.92 -0.58
C THR A 42 19.11 4.88 -1.84
N LEU A 43 20.18 5.66 -1.85
CA LEU A 43 21.07 5.71 -3.00
C LEU A 43 22.49 5.29 -2.61
N ILE A 44 23.05 4.32 -3.34
CA ILE A 44 24.39 3.84 -3.06
C ILE A 44 25.19 3.69 -4.35
N GLY A 45 26.37 4.28 -4.39
CA GLY A 45 27.22 4.21 -5.58
C GLY A 45 28.43 5.13 -5.46
N ASP A 46 29.04 5.45 -6.59
CA ASP A 46 30.21 6.32 -6.61
C ASP A 46 30.25 7.14 -7.89
N PHE A 47 30.75 8.37 -7.78
CA PHE A 47 30.84 9.25 -8.95
C PHE A 47 32.28 9.74 -9.13
N PRO A 48 32.63 10.12 -10.33
CA PRO A 48 34.01 10.62 -10.65
C PRO A 48 34.25 12.04 -10.15
N ASP A 49 33.17 12.79 -9.94
CA ASP A 49 33.32 14.17 -9.47
C ASP A 49 32.06 14.64 -8.74
N GLU A 50 32.22 15.66 -7.91
CA GLU A 50 31.11 16.21 -7.16
C GLU A 50 30.23 17.08 -8.07
N ALA A 51 30.85 17.63 -9.11
CA ALA A 51 30.12 18.47 -10.05
C ALA A 51 29.03 17.65 -10.74
N ALA A 52 29.32 16.39 -10.99
CA ALA A 52 28.36 15.50 -11.64
C ALA A 52 27.15 15.31 -10.74
N LYS A 53 27.40 15.23 -9.43
CA LYS A 53 26.33 15.04 -8.47
C LYS A 53 25.29 16.15 -8.59
N ALA A 54 25.75 17.36 -8.87
CA ALA A 54 24.86 18.50 -9.02
C ALA A 54 23.79 18.20 -10.06
N ALA A 55 24.18 17.54 -11.14
CA ALA A 55 23.25 17.20 -12.21
C ALA A 55 22.19 16.23 -11.68
N LEU A 56 22.62 15.30 -10.82
CA LEU A 56 21.70 14.32 -10.26
C LEU A 56 20.73 14.99 -9.29
N MET A 57 21.26 15.91 -8.49
CA MET A 57 20.43 16.63 -7.52
C MET A 57 19.30 17.36 -8.22
N THR A 58 19.58 17.83 -9.43
CA THR A 58 18.58 18.55 -10.21
C THR A 58 17.37 17.67 -10.48
N ALA A 59 17.62 16.38 -10.68
CA ALA A 59 16.55 15.43 -10.96
C ALA A 59 15.71 15.20 -9.71
N LEU A 60 16.36 15.18 -8.55
CA LEU A 60 15.66 14.97 -7.29
C LEU A 60 14.95 16.23 -6.83
N ASN A 61 15.40 17.37 -7.35
CA ASN A 61 14.80 18.65 -6.99
C ASN A 61 13.29 18.57 -7.05
N GLY A 62 12.78 17.62 -7.83
CA GLY A 62 11.33 17.45 -7.97
C GLY A 62 10.78 16.60 -6.83
N LEU A 63 11.64 15.80 -6.21
CA LEU A 63 11.22 14.93 -5.11
C LEU A 63 11.55 15.57 -3.77
N LEU A 64 12.75 16.12 -3.65
CA LEU A 64 13.19 16.75 -2.41
C LEU A 64 11.99 17.23 -1.59
N ALA A 65 11.63 16.44 -0.57
CA ALA A 65 10.50 16.79 0.27
C ALA A 65 10.81 16.47 1.74
N PRO A 66 10.15 17.13 2.65
CA PRO A 66 10.34 16.92 4.11
C PRO A 66 10.00 15.50 4.54
N GLY A 67 8.72 15.22 4.71
CA GLY A 67 8.28 13.90 5.12
C GLY A 67 9.01 12.82 4.36
N VAL A 68 9.76 13.22 3.33
CA VAL A 68 10.51 12.27 2.52
C VAL A 68 11.99 12.31 2.89
N ASN A 69 12.51 11.16 3.33
CA ASN A 69 13.92 11.08 3.72
C ASN A 69 14.76 10.61 2.54
N VAL A 70 15.70 11.46 2.13
CA VAL A 70 16.58 11.13 1.01
C VAL A 70 18.03 11.08 1.45
N ILE A 71 18.69 9.97 1.18
CA ILE A 71 20.10 9.80 1.54
C ILE A 71 20.93 9.47 0.30
N ASP A 72 22.10 10.08 0.20
CA ASP A 72 22.97 9.83 -0.96
C ASP A 72 24.36 9.42 -0.52
N GLN A 73 24.58 8.11 -0.37
CA GLN A 73 25.89 7.61 0.02
C GLN A 73 26.75 7.40 -1.20
N ILE A 74 27.13 8.49 -1.84
CA ILE A 74 27.96 8.44 -3.04
C ILE A 74 29.41 8.76 -2.73
N HIS A 75 30.30 7.81 -3.00
CA HIS A 75 31.72 8.02 -2.74
C HIS A 75 32.40 8.58 -3.99
N VAL A 76 33.39 9.43 -3.79
CA VAL A 76 34.10 10.03 -4.93
C VAL A 76 35.42 9.30 -5.18
N ASP A 77 35.50 8.62 -6.31
CA ASP A 77 36.70 7.89 -6.67
C ASP A 77 37.12 8.24 -8.10
N PRO A 78 38.34 8.69 -8.30
CA PRO A 78 38.85 9.06 -9.66
C PRO A 78 39.12 7.83 -10.53
N VAL A 79 38.14 6.93 -10.59
CA VAL A 79 38.29 5.73 -11.39
C VAL A 79 36.92 5.20 -11.83
N VAL A 80 35.92 5.36 -10.96
CA VAL A 80 34.58 4.88 -11.26
C VAL A 80 33.94 5.72 -12.37
N ARG A 81 33.01 5.12 -13.10
CA ARG A 81 32.33 5.81 -14.19
C ARG A 81 30.86 6.07 -13.82
N SER A 82 30.26 7.04 -14.50
CA SER A 82 28.86 7.38 -14.21
C SER A 82 28.01 7.20 -15.47
N LEU A 83 26.73 6.89 -15.26
CA LEU A 83 25.80 6.69 -16.37
C LEU A 83 25.26 8.03 -16.85
N ASP A 84 25.33 8.26 -18.15
CA ASP A 84 24.84 9.51 -18.73
C ASP A 84 23.39 9.78 -18.30
N PHE A 85 23.06 11.05 -18.15
CA PHE A 85 21.71 11.44 -17.76
C PHE A 85 21.12 12.41 -18.76
N SER A 86 21.79 12.56 -19.89
CA SER A 86 21.33 13.45 -20.95
C SER A 86 19.83 13.40 -21.10
N SER A 87 19.24 12.27 -20.72
CA SER A 87 17.80 12.09 -20.84
C SER A 87 17.24 11.37 -19.63
N ALA A 88 17.87 11.55 -18.47
CA ALA A 88 17.42 10.90 -17.25
C ALA A 88 16.36 11.75 -16.56
N GLU A 89 16.38 13.04 -16.84
CA GLU A 89 15.41 13.96 -16.25
C GLU A 89 13.99 13.46 -16.44
N PRO A 90 13.56 13.27 -17.66
CA PRO A 90 12.19 12.78 -17.97
C PRO A 90 11.96 11.37 -17.43
N VAL A 91 13.01 10.57 -17.39
CA VAL A 91 12.90 9.21 -16.89
C VAL A 91 12.53 9.20 -15.40
N PHE A 92 13.24 10.02 -14.63
CA PHE A 92 12.99 10.10 -13.20
C PHE A 92 11.58 10.64 -12.93
N THR A 93 11.15 11.59 -13.74
CA THR A 93 9.84 12.19 -13.59
C THR A 93 8.75 11.17 -13.92
N ALA A 94 9.03 10.28 -14.86
CA ALA A 94 8.06 9.26 -15.25
C ALA A 94 8.00 8.14 -14.23
N SER A 95 9.10 7.93 -13.51
CA SER A 95 9.16 6.88 -12.50
C SER A 95 8.98 7.45 -11.11
N VAL A 96 8.79 8.76 -11.03
CA VAL A 96 8.61 9.42 -9.73
C VAL A 96 7.25 9.06 -9.14
N PRO A 97 6.25 8.93 -9.98
CA PRO A 97 4.86 8.58 -9.54
C PRO A 97 4.79 7.18 -8.92
N ILE A 98 5.93 6.66 -8.49
CA ILE A 98 5.98 5.34 -7.88
C ILE A 98 6.94 5.33 -6.70
N PRO A 99 6.46 5.70 -5.54
CA PRO A 99 7.30 5.72 -4.29
C PRO A 99 7.96 4.38 -4.01
N ASP A 100 7.75 3.43 -4.91
CA ASP A 100 8.32 2.10 -4.75
C ASP A 100 9.03 1.66 -6.03
N PHE A 101 10.15 2.31 -6.34
CA PHE A 101 10.91 1.98 -7.53
C PHE A 101 12.37 1.70 -7.20
N GLY A 102 12.95 0.71 -7.87
CA GLY A 102 14.34 0.35 -7.63
C GLY A 102 15.09 0.18 -8.94
N LEU A 103 16.28 0.77 -9.03
CA LEU A 103 17.08 0.68 -10.23
C LEU A 103 18.46 0.10 -9.93
N LYS A 104 18.87 -0.88 -10.73
CA LYS A 104 20.17 -1.52 -10.54
C LYS A 104 21.02 -1.38 -11.80
N VAL A 105 22.21 -0.82 -11.64
CA VAL A 105 23.12 -0.62 -12.77
C VAL A 105 24.45 -1.31 -12.52
N GLU A 106 24.84 -2.20 -13.43
CA GLU A 106 26.10 -2.92 -13.30
C GLU A 106 26.86 -2.95 -14.61
N ARG A 107 27.75 -1.99 -14.80
CA ARG A 107 28.54 -1.93 -16.02
C ARG A 107 27.64 -1.81 -17.25
N ASP A 108 27.31 -2.95 -17.85
CA ASP A 108 26.46 -2.95 -19.04
C ASP A 108 25.13 -3.66 -18.75
N THR A 109 24.83 -3.85 -17.47
CA THR A 109 23.59 -4.52 -17.08
C THR A 109 22.68 -3.54 -16.34
N VAL A 110 21.45 -3.41 -16.83
CA VAL A 110 20.49 -2.50 -16.21
C VAL A 110 19.15 -3.20 -16.02
N THR A 111 18.73 -3.34 -14.76
CA THR A 111 17.46 -3.99 -14.46
C THR A 111 16.68 -3.18 -13.42
N LEU A 112 15.39 -3.02 -13.67
CA LEU A 112 14.54 -2.27 -12.75
C LEU A 112 13.43 -3.15 -12.19
N THR A 113 13.35 -3.24 -10.87
CA THR A 113 12.33 -4.06 -10.22
C THR A 113 11.49 -3.23 -9.26
N GLY A 114 10.23 -3.59 -9.12
CA GLY A 114 9.33 -2.88 -8.21
C GLY A 114 7.88 -3.05 -8.65
N THR A 115 6.95 -2.80 -7.72
CA THR A 115 5.54 -2.94 -8.02
C THR A 115 4.96 -1.62 -8.50
N ALA A 116 4.09 -1.68 -9.50
CA ALA A 116 3.48 -0.48 -10.05
C ALA A 116 1.96 -0.53 -9.86
N PRO A 117 1.42 0.28 -8.98
CA PRO A 117 -0.05 0.32 -8.71
C PRO A 117 -0.86 0.30 -10.01
N SER A 118 -0.26 0.81 -11.09
CA SER A 118 -0.95 0.84 -12.38
C SER A 118 -0.05 0.26 -13.47
N SER A 119 -0.62 -0.63 -14.26
CA SER A 119 0.14 -1.26 -15.35
C SER A 119 0.50 -0.24 -16.42
N GLU A 120 -0.40 0.72 -16.64
CA GLU A 120 -0.16 1.76 -17.64
C GLU A 120 1.11 2.53 -17.34
N HIS A 121 1.37 2.75 -16.05
CA HIS A 121 2.55 3.49 -15.64
C HIS A 121 3.82 2.74 -16.04
N LYS A 122 3.77 1.41 -15.96
CA LYS A 122 4.93 0.60 -16.32
C LYS A 122 5.33 0.83 -17.78
N ASP A 123 4.34 0.82 -18.67
CA ASP A 123 4.61 1.03 -20.09
C ASP A 123 5.26 2.38 -20.33
N ALA A 124 4.73 3.42 -19.68
CA ALA A 124 5.27 4.77 -19.83
C ALA A 124 6.73 4.83 -19.43
N VAL A 125 7.07 4.13 -18.35
CA VAL A 125 8.45 4.12 -17.85
C VAL A 125 9.35 3.30 -18.76
N LYS A 126 8.85 2.16 -19.23
CA LYS A 126 9.64 1.29 -20.10
C LYS A 126 10.07 2.03 -21.36
N ARG A 127 9.11 2.63 -22.06
CA ARG A 127 9.41 3.35 -23.29
C ARG A 127 10.44 4.44 -23.02
N ALA A 128 10.30 5.12 -21.89
CA ALA A 128 11.24 6.19 -21.54
C ALA A 128 12.63 5.61 -21.28
N ALA A 129 12.68 4.42 -20.70
CA ALA A 129 13.95 3.77 -20.41
C ALA A 129 14.64 3.36 -21.70
N THR A 130 13.88 2.74 -22.59
CA THR A 130 14.43 2.29 -23.88
C THR A 130 14.97 3.47 -24.66
N SER A 131 14.23 4.58 -24.64
CA SER A 131 14.65 5.78 -25.36
C SER A 131 15.91 6.37 -24.72
N THR A 132 16.06 6.15 -23.42
CA THR A 132 17.21 6.67 -22.70
C THR A 132 18.48 5.94 -23.13
N TRP A 133 18.56 4.66 -22.82
CA TRP A 133 19.73 3.86 -23.19
C TRP A 133 19.33 2.73 -24.13
N PRO A 134 18.91 3.05 -25.32
CA PRO A 134 18.50 2.04 -26.33
C PRO A 134 19.69 1.24 -26.85
N ASP A 135 20.87 1.52 -26.30
CA ASP A 135 22.08 0.83 -26.71
C ASP A 135 22.71 0.10 -25.52
N MET A 136 21.96 -0.83 -24.93
CA MET A 136 22.45 -1.59 -23.79
C MET A 136 21.48 -2.72 -23.44
N LYS A 137 21.63 -3.28 -22.25
CA LYS A 137 20.76 -4.37 -21.81
C LYS A 137 19.74 -3.86 -20.80
N ILE A 138 18.49 -3.72 -21.26
CA ILE A 138 17.42 -3.26 -20.39
C ILE A 138 16.53 -4.42 -19.97
N VAL A 139 16.32 -4.56 -18.66
CA VAL A 139 15.47 -5.63 -18.14
C VAL A 139 14.39 -5.06 -17.23
N ASN A 140 13.13 -5.31 -17.58
CA ASN A 140 12.02 -4.82 -16.80
C ASN A 140 11.50 -5.90 -15.85
N ASN A 141 11.60 -5.64 -14.56
CA ASN A 141 11.14 -6.60 -13.56
C ASN A 141 10.01 -5.99 -12.74
N ILE A 142 9.03 -5.41 -13.43
CA ILE A 142 7.89 -4.80 -12.75
C ILE A 142 6.69 -5.74 -12.75
N GLU A 143 6.16 -5.98 -11.56
CA GLU A 143 5.00 -6.86 -11.42
C GLU A 143 3.86 -6.14 -10.71
N VAL A 144 2.63 -6.40 -11.14
CA VAL A 144 1.48 -5.77 -10.52
C VAL A 144 0.84 -6.69 -9.48
N THR A 145 1.03 -6.35 -8.22
CA THR A 145 0.48 -7.15 -7.13
C THR A 145 -0.48 -6.30 -6.30
N GLY A 146 -0.52 -5.00 -6.60
CA GLY A 146 -1.39 -4.08 -5.88
C GLY A 146 -2.51 -3.59 -6.78
N GLN A 147 -2.32 -3.75 -8.09
CA GLN A 147 -3.33 -3.32 -9.05
C GLN A 147 -4.48 -4.32 -9.09
N ALA A 148 -5.70 -3.80 -9.02
CA ALA A 148 -6.89 -4.64 -9.06
C ALA A 148 -8.13 -3.88 -8.57
N PRO A 149 -8.04 -3.27 -7.41
CA PRO A 149 -9.18 -2.50 -6.84
C PRO A 149 -9.72 -1.45 -7.79
N PRO A 150 -8.86 -0.71 -8.46
CA PRO A 150 -9.28 0.34 -9.42
C PRO A 150 -9.52 -0.21 -10.82
N GLY A 151 -8.48 -0.18 -11.65
CA GLY A 151 -8.59 -0.68 -13.01
C GLY A 151 -8.13 0.38 -14.01
N PRO A 152 -8.88 1.44 -14.13
CA PRO A 152 -8.54 2.57 -15.06
C PRO A 152 -7.10 3.04 -14.88
N PRO A 153 -6.55 3.61 -15.92
CA PRO A 153 -5.15 4.13 -15.89
C PRO A 153 -4.97 5.26 -14.89
N ALA A 154 -4.97 4.92 -13.60
CA ALA A 154 -4.82 5.92 -12.55
C ALA A 154 -4.77 5.24 -11.18
N SER A 155 -3.56 5.11 -10.63
CA SER A 155 -3.40 4.48 -9.33
C SER A 155 -4.56 4.85 -8.41
N GLY A 156 -5.14 3.84 -7.77
CA GLY A 156 -6.26 4.07 -6.86
C GLY A 156 -6.24 3.07 -5.71
N PRO A 157 -5.90 3.51 -4.53
CA PRO A 157 -5.84 2.62 -3.32
C PRO A 157 -7.13 1.83 -3.13
N CYS A 158 -7.58 1.71 -1.88
CA CYS A 158 -8.79 0.97 -1.59
C CYS A 158 -9.84 1.20 -2.67
N ALA A 159 -9.69 2.30 -3.40
CA ALA A 159 -10.65 2.63 -4.46
C ALA A 159 -12.07 2.63 -3.92
N ASP A 160 -12.77 3.74 -4.11
CA ASP A 160 -14.14 3.84 -3.62
C ASP A 160 -14.28 3.05 -2.32
N LEU A 161 -13.58 3.52 -1.29
CA LEU A 161 -13.62 2.85 0.01
C LEU A 161 -15.05 2.72 0.52
N GLN A 162 -15.81 3.79 0.44
CA GLN A 162 -17.20 3.77 0.91
C GLN A 162 -18.09 2.97 -0.04
N SER A 163 -18.02 3.28 -1.32
CA SER A 163 -18.83 2.62 -2.33
C SER A 163 -18.37 1.19 -2.55
N ALA A 164 -17.06 0.99 -2.64
CA ALA A 164 -16.51 -0.34 -2.91
C ALA A 164 -16.67 -1.27 -1.71
N ILE A 165 -16.34 -0.78 -0.52
CA ILE A 165 -16.44 -1.60 0.68
C ILE A 165 -17.90 -1.88 1.03
N ASN A 166 -18.77 -0.90 0.80
CA ASN A 166 -20.19 -1.07 1.09
C ASN A 166 -20.82 -2.06 0.11
N ALA A 167 -20.49 -1.91 -1.17
CA ALA A 167 -21.03 -2.79 -2.19
C ALA A 167 -20.58 -4.23 -1.98
N VAL A 168 -19.30 -4.39 -1.66
CA VAL A 168 -18.73 -5.71 -1.43
C VAL A 168 -19.41 -6.39 -0.24
N THR A 169 -19.48 -5.67 0.88
CA THR A 169 -20.10 -6.21 2.09
C THR A 169 -21.60 -6.35 1.89
N GLY A 170 -22.15 -5.60 0.94
CA GLY A 170 -23.59 -5.64 0.67
C GLY A 170 -24.37 -4.93 1.76
N GLY A 171 -23.96 -5.13 3.01
CA GLY A 171 -24.64 -4.51 4.14
C GLY A 171 -23.81 -4.65 5.42
N PRO A 172 -24.25 -4.04 6.48
CA PRO A 172 -23.56 -4.09 7.79
C PRO A 172 -23.36 -5.52 8.29
N ILE A 173 -22.21 -5.78 8.90
CA ILE A 173 -21.92 -7.11 9.41
C ILE A 173 -22.87 -7.48 10.54
N ALA A 174 -23.80 -8.40 10.27
CA ALA A 174 -24.76 -8.82 11.27
C ALA A 174 -25.67 -9.91 10.71
N PHE A 175 -25.08 -11.07 10.42
CA PHE A 175 -25.86 -12.19 9.88
C PHE A 175 -25.99 -13.29 10.93
N GLY A 176 -27.13 -13.31 11.62
CA GLY A 176 -27.38 -14.30 12.64
C GLY A 176 -27.81 -15.63 12.03
N ASN A 177 -29.09 -15.75 11.71
CA ASN A 177 -29.62 -16.97 11.11
C ASN A 177 -29.24 -17.05 9.63
N ASP A 178 -29.70 -18.11 8.97
CA ASP A 178 -29.41 -18.30 7.55
C ASP A 178 -29.97 -17.13 6.73
N GLY A 179 -30.31 -17.40 5.49
CA GLY A 179 -30.85 -16.37 4.60
C GLY A 179 -30.43 -16.61 3.16
N ALA A 180 -29.50 -15.80 2.68
CA ALA A 180 -29.02 -15.93 1.30
C ALA A 180 -27.57 -16.39 1.28
N SER A 181 -26.77 -15.85 2.20
CA SER A 181 -25.36 -16.21 2.28
C SER A 181 -25.13 -17.63 1.76
N LEU A 182 -24.54 -17.73 0.57
CA LEU A 182 -24.28 -19.03 -0.03
C LEU A 182 -23.28 -19.81 0.80
N ILE A 183 -23.67 -21.02 1.20
CA ILE A 183 -22.78 -21.87 2.01
C ILE A 183 -22.09 -21.04 3.09
N PRO A 184 -22.79 -20.78 4.17
CA PRO A 184 -22.25 -19.98 5.31
C PRO A 184 -20.88 -20.46 5.74
N ALA A 185 -20.38 -19.92 6.84
CA ALA A 185 -19.07 -20.31 7.36
C ALA A 185 -18.05 -20.32 6.24
N ASP A 186 -17.35 -19.20 6.07
CA ASP A 186 -16.34 -19.09 5.02
C ASP A 186 -15.66 -17.73 5.05
N TYR A 187 -14.57 -17.62 5.79
CA TYR A 187 -13.84 -16.37 5.89
C TYR A 187 -13.18 -16.03 4.56
N GLU A 188 -13.68 -16.65 3.49
CA GLU A 188 -13.13 -16.42 2.16
C GLU A 188 -13.42 -15.00 1.69
N ILE A 189 -14.66 -14.55 1.88
CA ILE A 189 -15.05 -13.22 1.46
C ILE A 189 -14.20 -12.17 2.18
N LEU A 190 -13.91 -12.41 3.44
CA LEU A 190 -13.11 -11.48 4.24
C LEU A 190 -11.73 -11.30 3.62
N ASN A 191 -11.22 -12.34 3.01
CA ASN A 191 -9.89 -12.29 2.38
C ASN A 191 -9.81 -11.14 1.38
N ARG A 192 -10.81 -11.06 0.49
CA ARG A 192 -10.81 -10.01 -0.52
C ARG A 192 -10.97 -8.64 0.13
N VAL A 193 -11.90 -8.54 1.07
CA VAL A 193 -12.13 -7.28 1.77
C VAL A 193 -10.89 -6.88 2.56
N ALA A 194 -10.37 -7.84 3.33
CA ALA A 194 -9.18 -7.58 4.14
C ALA A 194 -8.03 -7.12 3.27
N ASP A 195 -7.85 -7.77 2.13
CA ASP A 195 -6.78 -7.39 1.21
C ASP A 195 -6.88 -5.93 0.82
N LYS A 196 -8.07 -5.52 0.39
CA LYS A 196 -8.30 -4.13 0.01
C LYS A 196 -8.25 -3.23 1.23
N LEU A 197 -8.70 -3.77 2.35
CA LEU A 197 -8.72 -3.03 3.61
C LEU A 197 -7.34 -2.48 3.96
N LYS A 198 -6.29 -3.20 3.55
CA LYS A 198 -4.92 -2.78 3.88
C LYS A 198 -4.57 -1.43 3.26
N ALA A 199 -5.33 -0.97 2.28
CA ALA A 199 -5.05 0.31 1.63
C ALA A 199 -6.07 1.39 2.04
N CYS A 200 -7.01 0.99 2.88
CA CYS A 200 -8.06 1.90 3.34
C CYS A 200 -7.56 2.91 4.37
N PRO A 201 -6.57 2.57 5.16
CA PRO A 201 -6.05 3.47 6.23
C PRO A 201 -5.67 4.86 5.69
N ASP A 202 -5.57 4.98 4.38
CA ASP A 202 -5.23 6.27 3.78
C ASP A 202 -6.19 7.33 4.32
N ALA A 203 -7.23 6.88 5.01
CA ALA A 203 -8.22 7.78 5.58
C ALA A 203 -8.45 7.45 7.05
N ARG A 204 -9.59 7.86 7.58
CA ARG A 204 -9.91 7.60 8.98
C ARG A 204 -10.84 6.39 9.09
N VAL A 205 -10.60 5.53 10.07
CA VAL A 205 -11.43 4.35 10.24
C VAL A 205 -12.13 4.35 11.58
N THR A 206 -13.42 4.07 11.57
CA THR A 206 -14.21 4.02 12.80
C THR A 206 -14.85 2.66 12.97
N ILE A 207 -14.52 1.97 14.06
CA ILE A 207 -15.06 0.65 14.32
C ILE A 207 -16.11 0.71 15.44
N ASN A 208 -17.33 0.29 15.12
CA ASN A 208 -18.41 0.29 16.09
C ASN A 208 -18.77 -1.13 16.50
N GLY A 209 -18.73 -1.40 17.79
CA GLY A 209 -19.06 -2.74 18.29
C GLY A 209 -20.36 -2.72 19.10
N TYR A 210 -20.89 -3.91 19.35
CA TYR A 210 -22.14 -4.03 20.11
C TYR A 210 -22.43 -5.50 20.41
N THR A 211 -22.32 -5.87 21.68
CA THR A 211 -22.57 -7.25 22.08
C THR A 211 -23.91 -7.37 22.81
N ASP A 212 -24.09 -8.46 23.54
CA ASP A 212 -25.33 -8.68 24.28
C ASP A 212 -25.22 -8.09 25.68
N ASN A 213 -26.34 -8.13 26.42
CA ASN A 213 -26.36 -7.60 27.77
C ASN A 213 -26.15 -8.72 28.79
N THR A 214 -27.24 -9.38 29.17
CA THR A 214 -27.17 -10.47 30.13
C THR A 214 -26.61 -9.97 31.46
N GLY A 215 -25.28 -9.87 31.54
CA GLY A 215 -24.64 -9.40 32.76
C GLY A 215 -25.02 -7.95 33.05
N SER A 216 -24.03 -7.10 33.22
CA SER A 216 -24.26 -5.69 33.50
C SER A 216 -23.47 -4.80 32.55
N GLU A 217 -23.75 -3.50 32.59
CA GLU A 217 -23.04 -2.56 31.72
C GLU A 217 -21.54 -2.60 32.00
N GLY A 218 -21.17 -3.11 33.17
CA GLY A 218 -19.76 -3.20 33.55
C GLY A 218 -19.08 -4.36 32.83
N ILE A 219 -19.82 -5.44 32.63
CA ILE A 219 -19.27 -6.62 31.95
C ILE A 219 -19.51 -6.52 30.46
N ASN A 220 -20.50 -5.73 30.07
CA ASN A 220 -20.83 -5.56 28.66
C ASN A 220 -19.73 -4.81 27.91
N ILE A 221 -19.07 -3.88 28.59
CA ILE A 221 -18.00 -3.10 27.97
C ILE A 221 -16.78 -3.96 27.63
N PRO A 222 -16.26 -4.69 28.59
CA PRO A 222 -15.07 -5.57 28.34
C PRO A 222 -15.35 -6.66 27.30
N LEU A 223 -16.58 -7.17 27.31
CA LEU A 223 -16.96 -8.21 26.36
C LEU A 223 -17.01 -7.67 24.94
N SER A 224 -17.65 -6.51 24.77
CA SER A 224 -17.76 -5.90 23.45
C SER A 224 -16.42 -5.30 23.01
N ALA A 225 -15.68 -4.77 23.98
CA ALA A 225 -14.38 -4.17 23.69
C ALA A 225 -13.35 -5.24 23.33
N GLN A 226 -13.42 -6.37 24.03
CA GLN A 226 -12.49 -7.46 23.79
C GLN A 226 -12.63 -7.98 22.36
N ARG A 227 -13.87 -8.14 21.92
CA ARG A 227 -14.13 -8.64 20.56
C ARG A 227 -13.53 -7.69 19.53
N ALA A 228 -13.63 -6.39 19.78
CA ALA A 228 -13.08 -5.40 18.86
C ALA A 228 -11.58 -5.58 18.70
N LYS A 229 -10.93 -6.05 19.76
CA LYS A 229 -9.49 -6.26 19.74
C LYS A 229 -9.13 -7.48 18.90
N ILE A 230 -9.96 -8.52 18.98
CA ILE A 230 -9.72 -9.74 18.22
C ILE A 230 -9.91 -9.50 16.73
N VAL A 231 -11.01 -8.83 16.38
CA VAL A 231 -11.29 -8.54 14.98
C VAL A 231 -10.21 -7.63 14.41
N ALA A 232 -9.80 -6.64 15.20
CA ALA A 232 -8.77 -5.70 14.78
C ALA A 232 -7.45 -6.44 14.55
N ASP A 233 -7.18 -7.42 15.40
CA ASP A 233 -5.95 -8.19 15.28
C ASP A 233 -5.87 -8.85 13.91
N TYR A 234 -7.04 -9.18 13.36
CA TYR A 234 -7.10 -9.81 12.04
C TYR A 234 -6.77 -8.81 10.94
N LEU A 235 -7.37 -7.63 11.02
CA LEU A 235 -7.13 -6.59 10.02
C LEU A 235 -5.65 -6.21 9.98
N VAL A 236 -5.09 -5.94 11.15
CA VAL A 236 -3.67 -5.56 11.24
C VAL A 236 -2.78 -6.69 10.73
N ALA A 237 -3.19 -7.93 10.99
CA ALA A 237 -2.42 -9.08 10.56
C ALA A 237 -2.36 -9.15 9.04
N ARG A 238 -3.32 -8.49 8.38
CA ARG A 238 -3.36 -8.48 6.92
C ARG A 238 -2.54 -7.31 6.38
N GLY A 239 -1.99 -6.50 7.28
CA GLY A 239 -1.19 -5.36 6.88
C GLY A 239 -1.94 -4.05 7.10
N VAL A 240 -3.16 -4.15 7.65
CA VAL A 240 -3.96 -2.96 7.90
C VAL A 240 -3.33 -2.12 9.01
N ALA A 241 -3.21 -0.82 8.75
CA ALA A 241 -2.62 0.09 9.74
C ALA A 241 -3.58 0.31 10.91
N GLY A 242 -3.37 -0.44 11.99
CA GLY A 242 -4.23 -0.32 13.17
C GLY A 242 -3.87 0.93 13.97
N ASP A 243 -3.07 1.81 13.38
CA ASP A 243 -2.66 3.03 14.05
C ASP A 243 -3.70 4.13 13.85
N HIS A 244 -4.58 3.93 12.87
CA HIS A 244 -5.62 4.91 12.57
C HIS A 244 -7.00 4.27 12.71
N ILE A 245 -7.08 3.24 13.55
CA ILE A 245 -8.34 2.54 13.77
C ILE A 245 -8.79 2.67 15.22
N ALA A 246 -10.01 3.17 15.41
CA ALA A 246 -10.54 3.33 16.75
C ALA A 246 -11.81 2.50 16.93
N THR A 247 -11.91 1.81 18.06
CA THR A 247 -13.06 0.97 18.33
C THR A 247 -13.82 1.47 19.56
N VAL A 248 -15.11 1.74 19.38
CA VAL A 248 -15.93 2.21 20.48
C VAL A 248 -17.05 1.21 20.79
N GLY A 249 -17.01 0.65 21.99
CA GLY A 249 -18.01 -0.34 22.39
C GLY A 249 -19.24 0.35 22.96
N LEU A 250 -20.31 0.37 22.17
CA LEU A 250 -21.55 1.00 22.61
C LEU A 250 -22.25 0.12 23.64
N GLY A 251 -21.65 -1.01 23.96
CA GLY A 251 -22.23 -1.94 24.93
C GLY A 251 -23.66 -2.30 24.56
N SER A 252 -24.56 -1.33 24.74
CA SER A 252 -25.97 -1.54 24.43
C SER A 252 -26.75 -0.26 24.59
N VAL A 253 -26.09 0.86 24.40
CA VAL A 253 -26.74 2.16 24.55
C VAL A 253 -28.13 2.14 23.93
N ASN A 254 -28.20 2.37 22.62
CA ASN A 254 -29.48 2.37 21.91
C ASN A 254 -29.87 0.96 21.47
N PRO A 255 -28.92 0.18 21.02
CA PRO A 255 -29.17 -1.21 20.56
C PRO A 255 -29.23 -2.21 21.71
N ILE A 256 -30.11 -3.19 21.59
CA ILE A 256 -30.27 -4.21 22.63
C ILE A 256 -31.33 -5.23 22.23
N ALA A 257 -31.05 -6.50 22.47
CA ALA A 257 -31.98 -7.56 22.13
C ALA A 257 -32.14 -8.53 23.30
N SER A 258 -33.20 -9.33 23.26
CA SER A 258 -33.45 -10.29 24.33
C SER A 258 -32.34 -11.33 24.40
N ASN A 259 -32.20 -11.98 25.54
CA ASN A 259 -31.17 -12.99 25.73
C ASN A 259 -31.81 -14.33 26.12
N ALA A 260 -32.81 -14.74 25.35
CA ALA A 260 -33.50 -16.00 25.62
C ALA A 260 -33.11 -17.06 24.59
N THR A 261 -32.99 -16.65 23.33
CA THR A 261 -32.64 -17.59 22.28
C THR A 261 -31.43 -17.10 21.50
N PRO A 262 -30.73 -18.00 20.84
CA PRO A 262 -29.52 -17.65 20.03
C PRO A 262 -29.80 -16.49 19.08
N GLU A 263 -31.05 -16.38 18.63
CA GLU A 263 -31.42 -15.32 17.71
C GLU A 263 -31.17 -13.95 18.34
N GLY A 264 -31.48 -13.83 19.63
CA GLY A 264 -31.26 -12.58 20.35
C GLY A 264 -29.77 -12.31 20.48
N ARG A 265 -29.02 -13.35 20.84
CA ARG A 265 -27.58 -13.22 21.02
C ARG A 265 -26.92 -12.93 19.67
N ALA A 266 -27.32 -13.68 18.65
CA ALA A 266 -26.76 -13.49 17.31
C ALA A 266 -26.98 -12.06 16.84
N LYS A 267 -28.17 -11.53 17.13
CA LYS A 267 -28.50 -10.17 16.74
C LYS A 267 -27.74 -9.18 17.61
N ASN A 268 -27.37 -9.61 18.81
CA ASN A 268 -26.65 -8.76 19.74
C ASN A 268 -25.20 -8.56 19.27
N ARG A 269 -24.71 -9.50 18.48
CA ARG A 269 -23.34 -9.42 17.97
C ARG A 269 -23.31 -8.71 16.62
N ARG A 270 -22.94 -7.44 16.63
CA ARG A 270 -22.87 -6.66 15.39
C ARG A 270 -21.61 -5.80 15.36
N VAL A 271 -20.99 -5.72 14.19
CA VAL A 271 -19.78 -4.93 14.02
C VAL A 271 -19.84 -4.16 12.71
N GLU A 272 -19.12 -3.04 12.65
CA GLU A 272 -19.11 -2.22 11.43
C GLU A 272 -17.74 -1.59 11.20
N ILE A 273 -17.35 -1.51 9.94
CA ILE A 273 -16.06 -0.92 9.58
C ILE A 273 -16.26 0.19 8.56
N VAL A 274 -15.99 1.43 8.97
CA VAL A 274 -16.16 2.57 8.07
C VAL A 274 -14.86 3.34 7.90
N VAL A 275 -14.50 3.62 6.65
CA VAL A 275 -13.28 4.35 6.34
C VAL A 275 -13.62 5.69 5.69
N ASN A 276 -12.96 6.76 6.13
CA ASN A 276 -13.22 8.08 5.58
C ASN A 276 -12.25 8.38 4.45
N SER A 25 34.72 8.49 -27.14
CA SER A 25 33.60 7.56 -27.05
C SER A 25 33.36 7.15 -25.60
N ALA A 26 32.35 7.77 -24.97
CA ALA A 26 32.02 7.45 -23.59
C ALA A 26 30.86 6.47 -23.52
N LEU A 27 31.05 5.29 -24.12
CA LEU A 27 30.00 4.28 -24.13
C LEU A 27 30.24 3.27 -23.01
N SER A 28 31.45 3.28 -22.46
CA SER A 28 31.78 2.36 -21.37
C SER A 28 31.50 3.02 -20.03
N LEU A 29 30.55 2.48 -19.29
CA LEU A 29 30.19 3.02 -17.99
C LEU A 29 30.36 1.99 -16.89
N SER A 30 30.48 2.45 -15.65
CA SER A 30 30.65 1.55 -14.51
C SER A 30 29.30 0.99 -14.08
N LEU A 31 29.31 0.14 -13.07
CA LEU A 31 28.08 -0.46 -12.57
C LEU A 31 27.37 0.48 -11.60
N LEU A 32 26.08 0.66 -11.79
CA LEU A 32 25.30 1.53 -10.92
C LEU A 32 24.02 0.84 -10.47
N SER A 33 23.69 1.00 -9.19
CA SER A 33 22.48 0.38 -8.64
C SER A 33 21.56 1.42 -8.02
N ILE A 34 20.33 1.49 -8.50
CA ILE A 34 19.36 2.45 -7.98
C ILE A 34 18.05 1.73 -7.62
N SER A 35 17.72 1.75 -6.33
CA SER A 35 16.49 1.11 -5.87
C SER A 35 15.77 2.00 -4.87
N ARG A 36 14.48 2.20 -5.08
CA ARG A 36 13.69 3.04 -4.18
C ARG A 36 12.67 2.19 -3.43
N SER A 37 12.49 2.51 -2.15
CA SER A 37 11.54 1.77 -1.31
C SER A 37 10.83 2.72 -0.35
N GLY A 38 9.52 2.86 -0.52
CA GLY A 38 8.74 3.74 0.35
C GLY A 38 9.30 5.16 0.33
N ASN A 39 8.94 5.94 1.34
CA ASN A 39 9.43 7.32 1.44
C ASN A 39 10.94 7.34 1.59
N THR A 40 11.57 6.17 1.46
CA THR A 40 13.02 6.08 1.59
C THR A 40 13.66 5.84 0.23
N VAL A 41 14.69 6.62 -0.08
CA VAL A 41 15.39 6.50 -1.36
C VAL A 41 16.77 5.89 -1.14
N THR A 42 16.99 4.71 -1.71
CA THR A 42 18.28 4.04 -1.58
C THR A 42 19.10 4.18 -2.86
N LEU A 43 20.28 4.77 -2.73
CA LEU A 43 21.15 4.98 -3.89
C LEU A 43 22.52 4.32 -3.66
N ILE A 44 22.94 3.49 -4.61
CA ILE A 44 24.22 2.82 -4.50
C ILE A 44 24.92 2.80 -5.85
N GLY A 45 26.14 3.33 -5.90
CA GLY A 45 26.90 3.36 -7.15
C GLY A 45 28.24 4.05 -6.96
N ASP A 46 28.85 4.49 -8.07
CA ASP A 46 30.14 5.16 -8.01
C ASP A 46 30.15 6.36 -8.95
N PHE A 47 31.02 7.33 -8.68
CA PHE A 47 31.11 8.52 -9.51
C PHE A 47 32.57 8.83 -9.84
N PRO A 48 32.81 9.44 -10.96
CA PRO A 48 34.18 9.81 -11.42
C PRO A 48 34.77 10.94 -10.59
N ASP A 49 33.90 11.69 -9.91
CA ASP A 49 34.34 12.81 -9.07
C ASP A 49 33.22 13.27 -8.15
N GLU A 50 33.55 14.18 -7.25
CA GLU A 50 32.56 14.70 -6.31
C GLU A 50 31.71 15.79 -6.96
N ALA A 51 32.34 16.57 -7.84
CA ALA A 51 31.63 17.66 -8.52
C ALA A 51 30.53 17.10 -9.41
N ALA A 52 30.79 15.97 -10.04
CA ALA A 52 29.82 15.34 -10.92
C ALA A 52 28.57 14.93 -10.14
N LYS A 53 28.76 14.51 -8.90
CA LYS A 53 27.64 14.09 -8.06
C LYS A 53 26.60 15.20 -7.95
N ALA A 54 27.07 16.45 -7.91
CA ALA A 54 26.18 17.59 -7.80
C ALA A 54 25.14 17.56 -8.92
N ALA A 55 25.57 17.13 -10.10
CA ALA A 55 24.67 17.06 -11.25
C ALA A 55 23.51 16.11 -10.96
N LEU A 56 23.81 15.02 -10.27
CA LEU A 56 22.78 14.04 -9.92
C LEU A 56 21.84 14.61 -8.88
N MET A 57 22.41 15.27 -7.87
CA MET A 57 21.62 15.87 -6.81
C MET A 57 20.63 16.88 -7.39
N THR A 58 20.97 17.44 -8.54
CA THR A 58 20.11 18.42 -9.18
C THR A 58 18.75 17.82 -9.51
N ALA A 59 18.74 16.60 -10.04
CA ALA A 59 17.50 15.94 -10.39
C ALA A 59 16.71 15.59 -9.13
N LEU A 60 17.41 15.52 -8.01
CA LEU A 60 16.75 15.20 -6.74
C LEU A 60 16.51 16.47 -5.92
N ASN A 61 16.93 17.60 -6.47
CA ASN A 61 16.74 18.88 -5.79
C ASN A 61 15.31 19.02 -5.28
N GLY A 62 14.36 18.47 -6.03
CA GLY A 62 12.95 18.54 -5.65
C GLY A 62 12.61 17.46 -4.64
N LEU A 63 13.28 16.32 -4.75
CA LEU A 63 13.03 15.21 -3.82
C LEU A 63 13.25 15.65 -2.39
N LEU A 64 14.22 16.53 -2.17
CA LEU A 64 14.51 17.03 -0.84
C LEU A 64 13.23 17.25 -0.05
N ALA A 65 13.06 16.48 1.03
CA ALA A 65 11.87 16.61 1.87
C ALA A 65 12.15 16.04 3.26
N PRO A 66 11.41 16.50 4.24
CA PRO A 66 11.58 16.05 5.65
C PRO A 66 11.22 14.57 5.83
N GLY A 67 9.93 14.29 5.99
CA GLY A 67 9.47 12.92 6.16
C GLY A 67 10.19 11.99 5.21
N VAL A 68 10.90 12.56 4.25
CA VAL A 68 11.64 11.77 3.28
C VAL A 68 13.08 11.54 3.74
N ASN A 69 13.55 10.30 3.56
CA ASN A 69 14.91 9.96 3.96
C ASN A 69 15.83 9.96 2.74
N VAL A 70 17.01 10.56 2.89
CA VAL A 70 17.96 10.63 1.79
C VAL A 70 19.15 9.72 2.05
N ILE A 71 19.29 8.69 1.20
CA ILE A 71 20.40 7.75 1.34
C ILE A 71 21.16 7.67 0.02
N ASP A 72 22.45 7.96 0.07
CA ASP A 72 23.28 7.92 -1.13
C ASP A 72 24.59 7.18 -0.88
N GLN A 73 24.55 5.86 -1.05
CA GLN A 73 25.74 5.05 -0.85
C GLN A 73 26.59 5.05 -2.12
N ILE A 74 26.94 6.24 -2.59
CA ILE A 74 27.75 6.38 -3.79
C ILE A 74 29.21 6.66 -3.43
N HIS A 75 30.11 5.86 -3.99
CA HIS A 75 31.52 6.03 -3.72
C HIS A 75 32.17 6.98 -4.73
N VAL A 76 33.10 7.79 -4.27
CA VAL A 76 33.78 8.73 -5.15
C VAL A 76 35.16 8.22 -5.52
N ASP A 77 35.34 7.88 -6.79
CA ASP A 77 36.63 7.37 -7.27
C ASP A 77 36.99 8.02 -8.61
N PRO A 78 38.22 8.47 -8.77
CA PRO A 78 38.68 9.11 -10.03
C PRO A 78 38.92 8.08 -11.14
N VAL A 79 38.13 7.02 -11.14
CA VAL A 79 38.28 5.97 -12.14
C VAL A 79 36.90 5.54 -12.67
N VAL A 80 36.01 5.21 -11.76
CA VAL A 80 34.66 4.78 -12.13
C VAL A 80 33.99 5.84 -13.01
N ARG A 81 33.11 5.39 -13.89
CA ARG A 81 32.41 6.30 -14.78
C ARG A 81 30.97 6.50 -14.31
N SER A 82 30.35 7.59 -14.74
CA SER A 82 28.98 7.89 -14.37
C SER A 82 28.09 8.03 -15.60
N LEU A 83 26.82 7.71 -15.45
CA LEU A 83 25.87 7.80 -16.55
C LEU A 83 25.40 9.24 -16.74
N ASP A 84 25.42 9.71 -17.98
CA ASP A 84 24.99 11.07 -18.28
C ASP A 84 23.52 11.26 -17.87
N PHE A 85 23.25 12.37 -17.19
CA PHE A 85 21.90 12.67 -16.73
C PHE A 85 21.26 13.72 -17.64
N SER A 86 22.09 14.50 -18.31
CA SER A 86 21.59 15.53 -19.21
C SER A 86 20.31 15.10 -19.89
N SER A 87 20.40 14.01 -20.66
CA SER A 87 19.24 13.51 -21.38
C SER A 87 18.57 12.37 -20.58
N ALA A 88 18.83 12.34 -19.28
CA ALA A 88 18.24 11.32 -18.43
C ALA A 88 17.48 11.94 -17.28
N GLU A 89 17.63 13.25 -17.11
CA GLU A 89 16.95 13.96 -16.03
C GLU A 89 15.44 13.76 -16.11
N PRO A 90 14.88 13.85 -17.30
CA PRO A 90 13.41 13.68 -17.52
C PRO A 90 12.90 12.35 -16.96
N VAL A 91 13.71 11.31 -17.08
CA VAL A 91 13.32 9.99 -16.60
C VAL A 91 13.26 9.95 -15.08
N PHE A 92 14.26 10.53 -14.44
CA PHE A 92 14.31 10.55 -12.97
C PHE A 92 13.12 11.31 -12.40
N THR A 93 12.80 12.44 -13.02
CA THR A 93 11.67 13.26 -12.55
C THR A 93 10.35 12.58 -12.87
N ALA A 94 10.30 11.91 -14.01
CA ALA A 94 9.09 11.21 -14.42
C ALA A 94 8.86 9.97 -13.57
N SER A 95 9.92 9.49 -12.94
CA SER A 95 9.83 8.31 -12.09
C SER A 95 10.15 8.66 -10.64
N VAL A 96 10.20 9.95 -10.35
CA VAL A 96 10.51 10.40 -8.99
C VAL A 96 9.35 10.06 -8.05
N PRO A 97 8.13 10.28 -8.48
CA PRO A 97 6.92 9.99 -7.66
C PRO A 97 6.75 8.49 -7.41
N ILE A 98 7.74 7.71 -7.83
CA ILE A 98 7.68 6.26 -7.66
C ILE A 98 8.73 5.79 -6.65
N PRO A 99 8.34 5.55 -5.43
CA PRO A 99 9.27 5.09 -4.36
C PRO A 99 9.56 3.60 -4.46
N ASP A 100 8.88 2.93 -5.37
CA ASP A 100 9.07 1.49 -5.56
C ASP A 100 9.61 1.20 -6.97
N PHE A 101 10.52 2.04 -7.43
CA PHE A 101 11.10 1.86 -8.76
C PHE A 101 12.62 1.85 -8.69
N GLY A 102 13.24 0.94 -9.43
CA GLY A 102 14.70 0.84 -9.44
C GLY A 102 15.20 0.51 -10.84
N LEU A 103 16.48 0.77 -11.08
CA LEU A 103 17.08 0.49 -12.38
C LEU A 103 18.54 0.08 -12.22
N LYS A 104 18.95 -0.92 -12.98
CA LYS A 104 20.33 -1.41 -12.93
C LYS A 104 21.10 -0.96 -14.17
N VAL A 105 22.26 -0.34 -13.96
CA VAL A 105 23.08 0.12 -15.08
C VAL A 105 24.38 -0.68 -15.15
N GLU A 106 24.78 -1.03 -16.37
CA GLU A 106 26.01 -1.79 -16.57
C GLU A 106 26.63 -1.46 -17.91
N ARG A 107 27.69 -0.66 -17.88
CA ARG A 107 28.38 -0.28 -19.12
C ARG A 107 27.40 0.21 -20.17
N ASP A 108 26.93 -0.69 -21.01
CA ASP A 108 25.98 -0.33 -22.06
C ASP A 108 24.70 -1.13 -21.94
N THR A 109 24.30 -1.42 -20.70
CA THR A 109 23.07 -2.18 -20.46
C THR A 109 22.31 -1.60 -19.27
N VAL A 110 21.02 -1.36 -19.46
CA VAL A 110 20.19 -0.80 -18.40
C VAL A 110 18.91 -1.61 -18.24
N THR A 111 18.62 -1.99 -16.99
CA THR A 111 17.42 -2.77 -16.71
C THR A 111 16.54 -2.02 -15.71
N LEU A 112 15.23 -2.17 -15.86
CA LEU A 112 14.29 -1.51 -14.96
C LEU A 112 13.48 -2.53 -14.17
N THR A 113 13.81 -2.69 -12.90
CA THR A 113 13.10 -3.64 -12.05
C THR A 113 12.41 -2.93 -10.89
N GLY A 114 11.30 -3.49 -10.44
CA GLY A 114 10.54 -2.90 -9.34
C GLY A 114 9.04 -3.01 -9.59
N THR A 115 8.25 -2.58 -8.60
CA THR A 115 6.80 -2.63 -8.74
C THR A 115 6.25 -1.26 -9.10
N ALA A 116 5.59 -1.18 -10.25
CA ALA A 116 5.02 0.08 -10.71
C ALA A 116 3.61 0.28 -10.15
N PRO A 117 3.25 1.50 -9.87
CA PRO A 117 1.90 1.82 -9.30
C PRO A 117 0.81 1.69 -10.35
N SER A 118 0.92 2.46 -11.43
CA SER A 118 -0.06 2.41 -12.50
C SER A 118 0.63 2.12 -13.84
N SER A 119 -0.12 1.54 -14.77
CA SER A 119 0.43 1.21 -16.08
C SER A 119 0.76 2.47 -16.86
N GLU A 120 0.01 3.53 -16.62
CA GLU A 120 0.23 4.80 -17.32
C GLU A 120 1.60 5.38 -16.97
N HIS A 121 1.96 5.32 -15.70
CA HIS A 121 3.24 5.85 -15.26
C HIS A 121 4.40 5.16 -15.98
N LYS A 122 4.25 3.86 -16.22
CA LYS A 122 5.29 3.09 -16.90
C LYS A 122 5.41 3.51 -18.37
N ASP A 123 4.27 3.77 -19.00
CA ASP A 123 4.26 4.17 -20.40
C ASP A 123 5.07 5.44 -20.61
N ALA A 124 4.82 6.44 -19.76
CA ALA A 124 5.53 7.71 -19.87
C ALA A 124 6.99 7.54 -19.47
N VAL A 125 7.23 6.73 -18.45
CA VAL A 125 8.59 6.49 -17.99
C VAL A 125 9.36 5.63 -18.98
N LYS A 126 8.67 4.64 -19.55
CA LYS A 126 9.29 3.74 -20.51
C LYS A 126 9.71 4.50 -21.77
N ARG A 127 8.83 5.37 -22.25
CA ARG A 127 9.12 6.16 -23.46
C ARG A 127 10.28 7.11 -23.20
N ALA A 128 10.25 7.77 -22.05
CA ALA A 128 11.30 8.72 -21.70
C ALA A 128 12.62 8.00 -21.47
N ALA A 129 12.55 6.77 -20.98
CA ALA A 129 13.75 5.98 -20.72
C ALA A 129 14.43 5.59 -22.03
N THR A 130 13.65 5.13 -22.99
CA THR A 130 14.20 4.72 -24.29
C THR A 130 14.87 5.89 -24.98
N SER A 131 14.20 7.03 -25.03
CA SER A 131 14.75 8.22 -25.67
C SER A 131 15.90 8.78 -24.85
N THR A 132 15.86 8.56 -23.55
CA THR A 132 16.90 9.04 -22.65
C THR A 132 18.23 8.36 -22.94
N TRP A 133 18.27 7.05 -22.78
CA TRP A 133 19.49 6.29 -23.03
C TRP A 133 19.29 5.25 -24.11
N PRO A 134 19.45 5.66 -25.35
CA PRO A 134 19.29 4.74 -26.52
C PRO A 134 20.32 3.62 -26.50
N ASP A 135 20.88 3.36 -25.32
CA ASP A 135 21.88 2.31 -25.17
C ASP A 135 21.56 1.13 -26.09
N MET A 136 20.31 1.02 -26.50
CA MET A 136 19.89 -0.07 -27.37
C MET A 136 19.71 -1.35 -26.56
N LYS A 137 20.12 -1.31 -25.30
CA LYS A 137 20.01 -2.48 -24.44
C LYS A 137 19.13 -2.17 -23.23
N ILE A 138 17.82 -2.23 -23.43
CA ILE A 138 16.88 -1.94 -22.35
C ILE A 138 16.06 -3.18 -22.01
N VAL A 139 15.89 -3.43 -20.72
CA VAL A 139 15.11 -4.59 -20.27
C VAL A 139 14.02 -4.16 -19.30
N ASN A 140 12.78 -4.46 -19.64
CA ASN A 140 11.65 -4.10 -18.79
C ASN A 140 11.39 -5.20 -17.76
N ASN A 141 11.36 -4.82 -16.49
CA ASN A 141 11.12 -5.79 -15.42
C ASN A 141 10.26 -5.16 -14.32
N ILE A 142 9.27 -4.38 -14.74
CA ILE A 142 8.38 -3.73 -13.78
C ILE A 142 6.97 -4.27 -13.92
N GLU A 143 6.39 -4.73 -12.81
CA GLU A 143 5.05 -5.27 -12.82
C GLU A 143 4.18 -4.59 -11.77
N VAL A 144 2.88 -4.47 -12.05
CA VAL A 144 1.96 -3.83 -11.13
C VAL A 144 1.24 -4.87 -10.27
N THR A 145 1.57 -4.90 -8.99
CA THR A 145 0.93 -5.85 -8.08
C THR A 145 -0.49 -5.42 -7.76
N GLY A 146 -1.33 -5.36 -8.78
CA GLY A 146 -2.72 -4.97 -8.61
C GLY A 146 -2.81 -3.69 -7.77
N GLN A 147 -1.80 -2.83 -7.91
CA GLN A 147 -1.76 -1.58 -7.17
C GLN A 147 -1.91 -0.38 -8.11
N ALA A 148 -2.37 0.74 -7.56
CA ALA A 148 -2.55 1.96 -8.35
C ALA A 148 -3.08 3.08 -7.47
N PRO A 149 -2.30 3.51 -6.52
CA PRO A 149 -2.68 4.60 -5.58
C PRO A 149 -3.08 5.89 -6.31
N PRO A 150 -2.34 6.28 -7.31
CA PRO A 150 -2.63 7.52 -8.09
C PRO A 150 -3.71 7.30 -9.14
N GLY A 151 -3.74 6.10 -9.72
CA GLY A 151 -4.72 5.77 -10.74
C GLY A 151 -5.46 4.49 -10.37
N PRO A 152 -6.45 4.60 -9.52
CA PRO A 152 -7.27 3.44 -9.08
C PRO A 152 -7.91 2.69 -10.25
N PRO A 153 -8.44 3.39 -11.22
CA PRO A 153 -9.09 2.75 -12.40
C PRO A 153 -8.23 1.64 -13.00
N ALA A 154 -6.94 1.65 -12.66
CA ALA A 154 -6.01 0.65 -13.17
C ALA A 154 -6.16 -0.65 -12.39
N SER A 155 -6.00 -0.56 -11.08
CA SER A 155 -6.11 -1.73 -10.21
C SER A 155 -6.31 -1.30 -8.76
N GLY A 156 -5.20 -0.98 -8.09
CA GLY A 156 -5.26 -0.55 -6.69
C GLY A 156 -5.33 -1.76 -5.76
N PRO A 157 -4.84 -1.60 -4.55
CA PRO A 157 -4.85 -2.69 -3.53
C PRO A 157 -6.24 -2.94 -2.96
N CYS A 158 -6.77 -1.96 -2.23
CA CYS A 158 -8.09 -2.08 -1.63
C CYS A 158 -9.07 -1.12 -2.31
N ALA A 159 -8.89 -0.94 -3.61
CA ALA A 159 -9.76 -0.05 -4.39
C ALA A 159 -11.21 -0.16 -3.91
N ASP A 160 -12.01 0.84 -4.21
CA ASP A 160 -13.42 0.84 -3.81
C ASP A 160 -13.57 0.13 -2.47
N LEU A 161 -12.88 0.64 -1.46
CA LEU A 161 -12.94 0.04 -0.13
C LEU A 161 -14.38 -0.02 0.38
N GLN A 162 -15.14 1.05 0.17
CA GLN A 162 -16.52 1.09 0.63
C GLN A 162 -17.42 0.18 -0.22
N SER A 163 -17.32 0.32 -1.54
CA SER A 163 -18.12 -0.49 -2.45
C SER A 163 -17.66 -1.92 -2.46
N ALA A 164 -16.35 -2.13 -2.60
CA ALA A 164 -15.80 -3.47 -2.67
C ALA A 164 -16.04 -4.25 -1.37
N ILE A 165 -15.83 -3.59 -0.24
CA ILE A 165 -16.04 -4.25 1.05
C ILE A 165 -17.53 -4.49 1.30
N ASN A 166 -18.35 -3.54 0.88
CA ASN A 166 -19.79 -3.67 1.05
C ASN A 166 -20.34 -4.79 0.18
N ALA A 167 -19.82 -4.89 -1.04
CA ALA A 167 -20.26 -5.93 -1.97
C ALA A 167 -19.77 -7.29 -1.50
N VAL A 168 -18.51 -7.35 -1.05
CA VAL A 168 -17.94 -8.59 -0.57
C VAL A 168 -18.76 -9.14 0.59
N THR A 169 -19.09 -8.28 1.54
CA THR A 169 -19.89 -8.68 2.69
C THR A 169 -21.38 -8.57 2.39
N GLY A 170 -21.72 -7.74 1.40
CA GLY A 170 -23.11 -7.56 1.01
C GLY A 170 -23.89 -6.84 2.12
N GLY A 171 -23.57 -7.17 3.37
CA GLY A 171 -24.24 -6.56 4.50
C GLY A 171 -23.42 -6.71 5.79
N PRO A 172 -23.92 -6.20 6.87
CA PRO A 172 -23.23 -6.28 8.19
C PRO A 172 -22.81 -7.71 8.54
N ILE A 173 -21.78 -7.84 9.36
CA ILE A 173 -21.30 -9.15 9.77
C ILE A 173 -21.75 -9.47 11.19
N ALA A 174 -22.62 -10.47 11.31
CA ALA A 174 -23.13 -10.87 12.62
C ALA A 174 -22.33 -12.04 13.17
N PHE A 175 -21.17 -12.30 12.57
CA PHE A 175 -20.32 -13.40 13.02
C PHE A 175 -21.17 -14.57 13.49
N GLY A 176 -21.59 -15.41 12.56
CA GLY A 176 -22.42 -16.57 12.90
C GLY A 176 -21.63 -17.86 12.75
N ASN A 177 -21.73 -18.74 13.74
CA ASN A 177 -21.02 -20.00 13.72
C ASN A 177 -21.57 -20.96 14.77
N ASP A 178 -22.88 -21.21 14.71
CA ASP A 178 -23.53 -22.10 15.65
C ASP A 178 -24.21 -23.26 14.93
N GLY A 179 -23.42 -24.13 14.32
CA GLY A 179 -23.97 -25.27 13.59
C GLY A 179 -23.18 -26.54 13.88
N ALA A 180 -23.34 -27.06 15.10
CA ALA A 180 -22.63 -28.28 15.49
C ALA A 180 -21.12 -28.05 15.44
N SER A 181 -20.39 -28.80 16.26
CA SER A 181 -18.94 -28.67 16.31
C SER A 181 -18.53 -27.25 16.71
N LEU A 182 -17.23 -27.00 16.75
CA LEU A 182 -16.72 -25.69 17.13
C LEU A 182 -15.98 -25.05 15.95
N ILE A 183 -15.83 -25.80 14.87
CA ILE A 183 -15.14 -25.30 13.69
C ILE A 183 -16.01 -25.46 12.45
N PRO A 184 -17.15 -24.83 12.45
CA PRO A 184 -18.10 -24.90 11.30
C PRO A 184 -17.59 -24.13 10.08
N ALA A 185 -16.30 -24.28 9.80
CA ALA A 185 -15.69 -23.60 8.66
C ALA A 185 -16.10 -22.13 8.63
N ASP A 186 -16.22 -21.58 7.42
CA ASP A 186 -16.60 -20.19 7.26
C ASP A 186 -15.53 -19.26 7.85
N TYR A 187 -14.27 -19.54 7.50
CA TYR A 187 -13.16 -18.74 7.99
C TYR A 187 -12.28 -18.28 6.83
N GLU A 188 -12.42 -18.94 5.69
CA GLU A 188 -11.64 -18.59 4.51
C GLU A 188 -12.02 -17.20 3.99
N ILE A 189 -13.30 -16.88 4.06
CA ILE A 189 -13.77 -15.57 3.60
C ILE A 189 -13.10 -14.45 4.38
N LEU A 190 -13.00 -14.63 5.69
CA LEU A 190 -12.37 -13.61 6.53
C LEU A 190 -10.93 -13.37 6.09
N ASN A 191 -10.29 -14.41 5.59
CA ASN A 191 -8.91 -14.31 5.14
C ASN A 191 -8.80 -13.35 3.96
N ARG A 192 -9.73 -13.46 3.01
CA ARG A 192 -9.72 -12.60 1.84
C ARG A 192 -9.95 -11.15 2.25
N VAL A 193 -10.87 -10.93 3.18
CA VAL A 193 -11.18 -9.59 3.66
C VAL A 193 -9.99 -9.00 4.40
N ALA A 194 -9.34 -9.83 5.22
CA ALA A 194 -8.19 -9.38 5.98
C ALA A 194 -7.10 -8.83 5.07
N ASP A 195 -6.81 -9.57 4.00
CA ASP A 195 -5.78 -9.14 3.05
C ASP A 195 -6.10 -7.74 2.53
N LYS A 196 -7.33 -7.56 2.05
CA LYS A 196 -7.76 -6.26 1.54
C LYS A 196 -7.75 -5.24 2.68
N LEU A 197 -8.12 -5.71 3.86
CA LEU A 197 -8.17 -4.88 5.05
C LEU A 197 -6.84 -4.19 5.30
N LYS A 198 -5.75 -4.83 4.90
CA LYS A 198 -4.42 -4.28 5.14
C LYS A 198 -4.19 -2.95 4.39
N ALA A 199 -4.75 -2.83 3.19
CA ALA A 199 -4.56 -1.60 2.41
C ALA A 199 -5.82 -0.75 2.36
N CYS A 200 -6.87 -1.19 3.05
CA CYS A 200 -8.13 -0.47 3.06
C CYS A 200 -8.08 0.81 3.91
N PRO A 201 -7.26 0.84 4.94
CA PRO A 201 -7.16 2.01 5.86
C PRO A 201 -6.86 3.31 5.11
N ASP A 202 -6.45 3.21 3.85
CA ASP A 202 -6.17 4.40 3.07
C ASP A 202 -7.23 5.45 3.36
N ALA A 203 -8.35 4.99 3.93
CA ALA A 203 -9.45 5.88 4.27
C ALA A 203 -9.71 5.82 5.77
N ARG A 204 -10.95 6.10 6.17
CA ARG A 204 -11.32 6.08 7.57
C ARG A 204 -12.17 4.85 7.86
N VAL A 205 -11.91 4.20 8.99
CA VAL A 205 -12.68 3.01 9.35
C VAL A 205 -13.43 3.20 10.66
N THR A 206 -14.70 2.85 10.65
CA THR A 206 -15.53 2.97 11.85
C THR A 206 -16.18 1.65 12.18
N ILE A 207 -15.96 1.16 13.40
CA ILE A 207 -16.54 -0.11 13.82
C ILE A 207 -17.58 0.11 14.90
N ASN A 208 -18.83 -0.27 14.60
CA ASN A 208 -19.91 -0.11 15.56
C ASN A 208 -20.33 -1.48 16.10
N GLY A 209 -20.46 -1.57 17.42
CA GLY A 209 -20.85 -2.82 18.06
C GLY A 209 -22.27 -2.74 18.59
N TYR A 210 -23.07 -3.77 18.30
CA TYR A 210 -24.45 -3.80 18.76
C TYR A 210 -24.59 -4.68 20.00
N THR A 211 -24.79 -4.05 21.14
CA THR A 211 -24.94 -4.79 22.40
C THR A 211 -26.41 -5.08 22.67
N ASP A 212 -26.80 -5.04 23.93
CA ASP A 212 -28.19 -5.30 24.31
C ASP A 212 -28.58 -4.44 25.52
N ASN A 213 -28.56 -5.05 26.70
CA ASN A 213 -28.91 -4.33 27.92
C ASN A 213 -28.75 -5.24 29.14
N THR A 214 -27.65 -5.97 29.19
CA THR A 214 -27.39 -6.87 30.32
C THR A 214 -27.69 -6.16 31.64
N GLY A 215 -26.99 -5.06 31.88
CA GLY A 215 -27.20 -4.30 33.11
C GLY A 215 -27.00 -2.80 32.85
N SER A 216 -25.79 -2.33 33.06
CA SER A 216 -25.47 -0.91 32.86
C SER A 216 -24.32 -0.75 31.90
N GLU A 217 -23.94 0.50 31.64
CA GLU A 217 -22.82 0.78 30.74
C GLU A 217 -21.54 0.13 31.26
N GLY A 218 -21.43 0.03 32.58
CA GLY A 218 -20.25 -0.58 33.19
C GLY A 218 -20.14 -2.05 32.82
N ILE A 219 -21.00 -2.51 31.92
CA ILE A 219 -20.98 -3.89 31.49
C ILE A 219 -21.33 -4.00 30.01
N ASN A 220 -22.23 -3.15 29.55
CA ASN A 220 -22.65 -3.16 28.16
C ASN A 220 -21.52 -2.68 27.24
N ILE A 221 -20.87 -1.58 27.61
CA ILE A 221 -19.79 -1.04 26.78
C ILE A 221 -18.53 -1.91 26.89
N PRO A 222 -18.12 -2.25 28.08
CA PRO A 222 -16.91 -3.09 28.29
C PRO A 222 -16.99 -4.39 27.49
N LEU A 223 -18.18 -4.98 27.44
CA LEU A 223 -18.38 -6.22 26.70
C LEU A 223 -18.24 -5.97 25.20
N SER A 224 -18.85 -4.89 24.73
CA SER A 224 -18.79 -4.55 23.31
C SER A 224 -17.38 -4.09 22.94
N ALA A 225 -16.74 -3.36 23.83
CA ALA A 225 -15.39 -2.86 23.59
C ALA A 225 -14.39 -4.02 23.60
N GLN A 226 -14.65 -5.02 24.42
CA GLN A 226 -13.77 -6.17 24.51
C GLN A 226 -13.75 -6.93 23.18
N ARG A 227 -14.93 -7.14 22.61
CA ARG A 227 -15.02 -7.84 21.33
C ARG A 227 -14.25 -7.10 20.25
N ALA A 228 -14.41 -5.79 20.22
CA ALA A 228 -13.71 -4.96 19.22
C ALA A 228 -12.20 -5.06 19.44
N LYS A 229 -11.79 -5.22 20.69
CA LYS A 229 -10.37 -5.33 21.01
C LYS A 229 -9.80 -6.63 20.47
N ILE A 230 -10.53 -7.72 20.69
CA ILE A 230 -10.10 -9.04 20.21
C ILE A 230 -10.12 -9.09 18.69
N VAL A 231 -11.21 -8.61 18.11
CA VAL A 231 -11.34 -8.61 16.65
C VAL A 231 -10.24 -7.77 16.03
N ALA A 232 -10.03 -6.57 16.57
CA ALA A 232 -9.00 -5.68 16.05
C ALA A 232 -7.62 -6.31 16.18
N ASP A 233 -7.40 -7.02 17.28
CA ASP A 233 -6.11 -7.67 17.51
C ASP A 233 -5.81 -8.65 16.38
N TYR A 234 -6.84 -9.26 15.83
CA TYR A 234 -6.67 -10.21 14.74
C TYR A 234 -6.34 -9.49 13.43
N LEU A 235 -7.11 -8.46 13.12
CA LEU A 235 -6.89 -7.70 11.90
C LEU A 235 -5.49 -7.08 11.90
N VAL A 236 -5.10 -6.51 13.03
CA VAL A 236 -3.78 -5.92 13.16
C VAL A 236 -2.69 -6.96 12.88
N ALA A 237 -2.93 -8.17 13.36
CA ALA A 237 -1.97 -9.26 13.17
C ALA A 237 -1.83 -9.58 11.68
N ARG A 238 -2.83 -9.20 10.90
CA ARG A 238 -2.79 -9.45 9.46
C ARG A 238 -2.09 -8.31 8.74
N GLY A 239 -1.64 -7.32 9.51
CA GLY A 239 -0.94 -6.18 8.92
C GLY A 239 -1.86 -4.97 8.81
N VAL A 240 -2.96 -5.00 9.56
CA VAL A 240 -3.91 -3.89 9.53
C VAL A 240 -3.50 -2.81 10.52
N ALA A 241 -3.51 -1.56 10.07
CA ALA A 241 -3.14 -0.43 10.92
C ALA A 241 -4.26 -0.11 11.90
N GLY A 242 -4.08 -0.50 13.16
CA GLY A 242 -5.09 -0.25 14.18
C GLY A 242 -5.02 1.19 14.67
N ASP A 243 -4.36 2.05 13.89
CA ASP A 243 -4.23 3.46 14.25
C ASP A 243 -5.30 4.29 13.54
N HIS A 244 -5.97 3.69 12.58
CA HIS A 244 -7.03 4.39 11.84
C HIS A 244 -8.36 3.69 12.00
N ILE A 245 -8.50 2.93 13.08
CA ILE A 245 -9.73 2.20 13.35
C ILE A 245 -10.38 2.69 14.64
N ALA A 246 -11.68 2.92 14.59
CA ALA A 246 -12.42 3.39 15.76
C ALA A 246 -13.50 2.38 16.13
N THR A 247 -13.70 2.17 17.43
CA THR A 247 -14.70 1.21 17.89
C THR A 247 -15.68 1.88 18.86
N VAL A 248 -16.97 1.71 18.59
CA VAL A 248 -17.99 2.29 19.44
C VAL A 248 -19.07 1.25 19.75
N GLY A 249 -19.21 0.92 21.03
CA GLY A 249 -20.21 -0.06 21.45
C GLY A 249 -21.54 0.61 21.75
N LEU A 250 -22.50 0.45 20.85
CA LEU A 250 -23.82 1.05 21.05
C LEU A 250 -24.43 0.58 22.37
N GLY A 251 -23.98 1.19 23.46
CA GLY A 251 -24.48 0.82 24.78
C GLY A 251 -26.00 0.78 24.79
N SER A 252 -26.56 -0.33 24.31
CA SER A 252 -28.01 -0.48 24.28
C SER A 252 -28.61 0.38 23.18
N VAL A 253 -28.28 1.66 23.19
CA VAL A 253 -28.80 2.59 22.19
C VAL A 253 -29.13 1.85 20.89
N ASN A 254 -30.34 2.06 20.38
CA ASN A 254 -30.75 1.40 19.14
C ASN A 254 -30.68 -0.12 19.30
N PRO A 255 -31.36 -0.64 20.28
CA PRO A 255 -31.39 -2.10 20.57
C PRO A 255 -32.17 -2.88 19.52
N ILE A 256 -32.17 -4.21 19.66
CA ILE A 256 -32.89 -5.07 18.72
C ILE A 256 -33.74 -6.09 19.47
N ALA A 257 -33.07 -7.07 20.08
CA ALA A 257 -33.78 -8.10 20.83
C ALA A 257 -33.16 -8.27 22.21
N SER A 258 -34.01 -8.41 23.22
CA SER A 258 -33.53 -8.58 24.58
C SER A 258 -32.83 -9.93 24.75
N ASN A 259 -32.19 -10.12 25.90
CA ASN A 259 -31.49 -11.37 26.17
C ASN A 259 -32.49 -12.48 26.52
N ALA A 260 -33.72 -12.32 26.05
CA ALA A 260 -34.75 -13.32 26.31
C ALA A 260 -34.20 -14.73 26.12
N THR A 261 -33.61 -14.96 24.95
CA THR A 261 -33.04 -16.27 24.65
C THR A 261 -31.70 -16.11 23.94
N PRO A 262 -30.90 -17.14 23.92
CA PRO A 262 -29.56 -17.11 23.25
C PRO A 262 -29.67 -16.57 21.83
N GLU A 263 -30.71 -17.00 21.12
CA GLU A 263 -30.91 -16.55 19.74
C GLU A 263 -31.11 -15.04 19.69
N GLY A 264 -31.89 -14.52 20.64
CA GLY A 264 -32.14 -13.08 20.70
C GLY A 264 -30.88 -12.32 21.08
N ARG A 265 -30.19 -12.80 22.11
CA ARG A 265 -28.96 -12.16 22.56
C ARG A 265 -27.93 -12.16 21.43
N ALA A 266 -27.76 -13.31 20.79
CA ALA A 266 -26.81 -13.43 19.70
C ALA A 266 -27.19 -12.50 18.55
N LYS A 267 -28.49 -12.33 18.35
CA LYS A 267 -28.98 -11.46 17.28
C LYS A 267 -28.61 -10.00 17.56
N ASN A 268 -28.54 -9.65 18.85
CA ASN A 268 -28.19 -8.29 19.22
C ASN A 268 -26.69 -8.08 19.13
N ARG A 269 -25.93 -9.16 19.27
CA ARG A 269 -24.47 -9.08 19.21
C ARG A 269 -24.02 -9.02 17.76
N ARG A 270 -24.05 -7.83 17.17
CA ARG A 270 -23.64 -7.65 15.79
C ARG A 270 -22.63 -6.51 15.66
N VAL A 271 -21.65 -6.69 14.78
CA VAL A 271 -20.63 -5.68 14.56
C VAL A 271 -20.58 -5.31 13.09
N GLU A 272 -19.98 -4.16 12.78
CA GLU A 272 -19.89 -3.70 11.40
C GLU A 272 -18.58 -2.95 11.16
N ILE A 273 -17.85 -3.37 10.13
CA ILE A 273 -16.58 -2.73 9.79
C ILE A 273 -16.72 -2.02 8.44
N VAL A 274 -16.71 -0.69 8.47
CA VAL A 274 -16.84 0.10 7.25
C VAL A 274 -15.63 1.01 7.05
N VAL A 275 -15.13 1.05 5.82
CA VAL A 275 -13.97 1.89 5.48
C VAL A 275 -14.38 2.96 4.48
N ASN A 276 -13.92 4.19 4.72
CA ASN A 276 -14.26 5.29 3.82
C ASN A 276 -13.33 5.30 2.61
N SER A 25 24.65 4.34 -21.80
CA SER A 25 25.25 4.22 -23.13
C SER A 25 26.78 4.22 -23.02
N ALA A 26 27.31 3.38 -22.15
CA ALA A 26 28.76 3.30 -21.96
C ALA A 26 29.20 1.85 -21.86
N LEU A 27 30.50 1.63 -22.06
CA LEU A 27 31.05 0.27 -21.99
C LEU A 27 31.44 -0.07 -20.55
N SER A 28 31.31 0.89 -19.66
CA SER A 28 31.66 0.68 -18.25
C SER A 28 30.96 1.69 -17.36
N LEU A 29 30.17 1.20 -16.42
CA LEU A 29 29.45 2.07 -15.50
C LEU A 29 29.67 1.62 -14.06
N SER A 30 30.33 2.47 -13.28
CA SER A 30 30.61 2.14 -11.87
C SER A 30 29.33 1.69 -11.17
N LEU A 31 29.44 0.62 -10.41
CA LEU A 31 28.28 0.10 -9.68
C LEU A 31 27.54 1.21 -8.95
N LEU A 32 26.26 1.34 -9.23
CA LEU A 32 25.45 2.38 -8.60
C LEU A 32 24.18 1.77 -7.99
N SER A 33 23.96 2.02 -6.71
CA SER A 33 22.80 1.47 -6.03
C SER A 33 21.71 2.54 -5.86
N ILE A 34 20.49 2.19 -6.23
CA ILE A 34 19.37 3.12 -6.12
C ILE A 34 18.17 2.43 -5.49
N SER A 35 17.72 2.93 -4.35
CA SER A 35 16.58 2.35 -3.67
C SER A 35 15.59 3.44 -3.24
N ARG A 36 14.30 3.13 -3.37
CA ARG A 36 13.27 4.09 -3.00
C ARG A 36 12.29 3.45 -2.02
N SER A 37 11.71 4.27 -1.15
CA SER A 37 10.77 3.78 -0.16
C SER A 37 9.67 4.81 0.09
N GLY A 38 8.55 4.65 -0.61
CA GLY A 38 7.43 5.58 -0.45
C GLY A 38 7.91 7.03 -0.48
N ASN A 39 7.48 7.82 0.50
CA ASN A 39 7.87 9.22 0.57
C ASN A 39 9.35 9.34 0.92
N THR A 40 10.03 8.20 1.00
CA THR A 40 11.46 8.20 1.33
C THR A 40 12.28 7.65 0.16
N VAL A 41 13.25 8.43 -0.28
CA VAL A 41 14.11 8.02 -1.39
C VAL A 41 15.56 7.87 -0.93
N THR A 42 16.08 6.66 -1.02
CA THR A 42 17.46 6.40 -0.60
C THR A 42 18.37 6.20 -1.81
N LEU A 43 19.45 6.98 -1.88
CA LEU A 43 20.39 6.88 -2.99
C LEU A 43 21.82 6.75 -2.46
N ILE A 44 22.48 5.66 -2.82
CA ILE A 44 23.85 5.43 -2.38
C ILE A 44 24.72 4.98 -3.56
N GLY A 45 25.96 5.48 -3.57
CA GLY A 45 26.89 5.13 -4.64
C GLY A 45 27.96 6.20 -4.80
N ASP A 46 28.57 6.25 -5.97
CA ASP A 46 29.62 7.23 -6.24
C ASP A 46 29.35 7.96 -7.55
N PHE A 47 29.91 9.16 -7.69
CA PHE A 47 29.72 9.94 -8.90
C PHE A 47 31.02 10.67 -9.27
N PRO A 48 31.19 10.95 -10.53
CA PRO A 48 32.41 11.65 -11.06
C PRO A 48 32.57 13.05 -10.47
N ASP A 49 31.45 13.69 -10.15
CA ASP A 49 31.49 15.03 -9.58
C ASP A 49 30.10 15.47 -9.13
N GLU A 50 30.03 16.65 -8.52
CA GLU A 50 28.75 17.17 -8.05
C GLU A 50 27.90 17.67 -9.21
N ALA A 51 28.54 17.86 -10.36
CA ALA A 51 27.83 18.32 -11.55
C ALA A 51 26.73 17.34 -11.93
N ALA A 52 27.05 16.05 -11.85
CA ALA A 52 26.08 15.02 -12.19
C ALA A 52 24.92 15.06 -11.21
N LYS A 53 25.21 15.40 -9.96
CA LYS A 53 24.18 15.49 -8.94
C LYS A 53 23.18 16.58 -9.28
N ALA A 54 23.67 17.66 -9.85
CA ALA A 54 22.82 18.79 -10.22
C ALA A 54 21.68 18.30 -11.11
N ALA A 55 22.02 17.50 -12.12
CA ALA A 55 21.01 16.98 -13.03
C ALA A 55 19.98 16.14 -12.28
N LEU A 56 20.46 15.40 -11.27
CA LEU A 56 19.57 14.57 -10.48
C LEU A 56 18.60 15.41 -9.67
N MET A 57 19.09 16.51 -9.11
CA MET A 57 18.26 17.40 -8.32
C MET A 57 17.08 17.93 -9.14
N THR A 58 17.35 18.24 -10.41
CA THR A 58 16.31 18.75 -11.29
C THR A 58 15.19 17.73 -11.48
N ALA A 59 15.56 16.46 -11.56
CA ALA A 59 14.57 15.40 -11.75
C ALA A 59 13.75 15.20 -10.48
N LEU A 60 14.24 15.73 -9.36
CA LEU A 60 13.54 15.59 -8.10
C LEU A 60 12.77 16.87 -7.76
N ASN A 61 13.08 17.94 -8.48
CA ASN A 61 12.40 19.22 -8.24
C ASN A 61 10.89 19.04 -8.28
N GLY A 62 10.44 18.01 -9.00
CA GLY A 62 9.01 17.74 -9.12
C GLY A 62 8.52 16.95 -7.92
N LEU A 63 9.44 16.43 -7.12
CA LEU A 63 9.09 15.65 -5.94
C LEU A 63 9.42 16.41 -4.66
N LEU A 64 10.26 17.42 -4.79
CA LEU A 64 10.66 18.23 -3.64
C LEU A 64 9.44 18.84 -2.97
N ALA A 65 8.94 18.18 -1.92
CA ALA A 65 7.77 18.67 -1.21
C ALA A 65 7.80 18.20 0.25
N PRO A 66 7.42 19.05 1.17
CA PRO A 66 7.41 18.72 2.62
C PRO A 66 6.89 17.30 2.87
N GLY A 67 6.98 16.87 4.13
CA GLY A 67 6.52 15.53 4.50
C GLY A 67 7.36 14.47 3.85
N VAL A 68 8.14 14.86 2.83
CA VAL A 68 8.99 13.91 2.13
C VAL A 68 10.44 14.04 2.59
N ASN A 69 11.11 12.90 2.74
CA ASN A 69 12.49 12.88 3.19
C ASN A 69 13.42 12.50 2.04
N VAL A 70 14.38 13.37 1.74
CA VAL A 70 15.33 13.11 0.67
C VAL A 70 16.73 12.88 1.23
N ILE A 71 17.23 11.66 1.06
CA ILE A 71 18.56 11.31 1.55
C ILE A 71 19.37 10.64 0.45
N ASP A 72 20.65 10.99 0.36
CA ASP A 72 21.51 10.40 -0.66
C ASP A 72 22.97 10.42 -0.22
N GLN A 73 23.52 9.24 0.06
CA GLN A 73 24.91 9.12 0.48
C GLN A 73 25.79 8.82 -0.72
N ILE A 74 26.28 9.87 -1.38
CA ILE A 74 27.13 9.69 -2.56
C ILE A 74 28.59 9.98 -2.24
N HIS A 75 29.45 9.05 -2.60
CA HIS A 75 30.88 9.20 -2.38
C HIS A 75 31.52 9.86 -3.59
N VAL A 76 32.58 10.63 -3.36
CA VAL A 76 33.25 11.33 -4.45
C VAL A 76 34.46 10.54 -4.94
N ASP A 77 34.41 10.12 -6.20
CA ASP A 77 35.49 9.37 -6.80
C ASP A 77 36.17 10.19 -7.89
N PRO A 78 37.47 10.11 -7.99
CA PRO A 78 38.26 10.88 -8.99
C PRO A 78 37.46 11.18 -10.26
N VAL A 79 37.07 10.14 -10.98
CA VAL A 79 36.31 10.34 -12.22
C VAL A 79 35.64 9.05 -12.66
N VAL A 80 34.98 8.39 -11.74
CA VAL A 80 34.28 7.15 -12.04
C VAL A 80 33.39 7.32 -13.27
N ARG A 81 32.54 6.34 -13.54
CA ARG A 81 31.64 6.42 -14.69
C ARG A 81 30.20 6.63 -14.23
N SER A 82 29.37 7.14 -15.14
CA SER A 82 27.97 7.39 -14.82
C SER A 82 27.10 7.23 -16.06
N LEU A 83 25.83 6.93 -15.86
CA LEU A 83 24.90 6.76 -16.97
C LEU A 83 24.45 8.11 -17.52
N ASP A 84 24.43 8.22 -18.84
CA ASP A 84 24.03 9.46 -19.49
C ASP A 84 22.58 9.79 -19.15
N PHE A 85 22.36 11.03 -18.70
CA PHE A 85 21.01 11.47 -18.34
C PHE A 85 20.46 12.41 -19.40
N SER A 86 21.30 12.80 -20.35
CA SER A 86 20.88 13.68 -21.44
C SER A 86 19.39 13.64 -21.62
N SER A 87 18.84 12.41 -21.67
CA SER A 87 17.41 12.24 -21.86
C SER A 87 16.88 11.21 -20.85
N ALA A 88 16.93 11.56 -19.57
CA ALA A 88 16.46 10.66 -18.53
C ALA A 88 15.39 11.34 -17.68
N GLU A 89 15.30 12.66 -17.79
CA GLU A 89 14.31 13.42 -17.03
C GLU A 89 12.93 12.77 -17.15
N PRO A 90 12.52 12.46 -18.34
CA PRO A 90 11.20 11.81 -18.60
C PRO A 90 11.06 10.49 -17.87
N VAL A 91 12.18 9.79 -17.67
CA VAL A 91 12.17 8.51 -16.99
C VAL A 91 11.80 8.69 -15.52
N PHE A 92 12.37 9.71 -14.89
CA PHE A 92 12.09 9.98 -13.49
C PHE A 92 10.61 10.31 -13.30
N THR A 93 10.05 11.10 -14.22
CA THR A 93 8.65 11.46 -14.14
C THR A 93 7.78 10.21 -14.22
N ALA A 94 8.20 9.26 -15.04
CA ALA A 94 7.46 8.02 -15.20
C ALA A 94 7.70 7.09 -14.02
N SER A 95 8.78 7.34 -13.28
CA SER A 95 9.12 6.50 -12.13
C SER A 95 8.82 7.23 -10.82
N VAL A 96 8.12 8.35 -10.92
CA VAL A 96 7.77 9.13 -9.73
C VAL A 96 6.47 8.65 -9.12
N PRO A 97 5.55 8.18 -9.93
CA PRO A 97 4.23 7.68 -9.46
C PRO A 97 4.28 6.22 -9.03
N ILE A 98 5.49 5.67 -8.94
CA ILE A 98 5.65 4.27 -8.55
C ILE A 98 6.62 4.15 -7.38
N PRO A 99 6.12 4.05 -6.17
CA PRO A 99 6.96 3.92 -4.96
C PRO A 99 7.48 2.50 -4.75
N ASP A 100 8.34 2.32 -3.78
CA ASP A 100 8.90 1.00 -3.48
C ASP A 100 9.50 0.38 -4.73
N PHE A 101 10.41 1.11 -5.37
CA PHE A 101 11.05 0.62 -6.59
C PHE A 101 12.57 0.70 -6.44
N GLY A 102 13.27 -0.26 -7.04
CA GLY A 102 14.73 -0.28 -6.97
C GLY A 102 15.34 -0.31 -8.36
N LEU A 103 16.52 0.29 -8.49
CA LEU A 103 17.23 0.33 -9.76
C LEU A 103 18.72 0.09 -9.54
N LYS A 104 19.26 -0.89 -10.26
CA LYS A 104 20.68 -1.21 -10.12
C LYS A 104 21.38 -1.18 -11.49
N VAL A 105 22.45 -0.42 -11.57
CA VAL A 105 23.22 -0.31 -12.80
C VAL A 105 24.61 -0.90 -12.62
N GLU A 106 24.95 -1.88 -13.46
CA GLU A 106 26.26 -2.53 -13.37
C GLU A 106 27.10 -2.17 -14.58
N ARG A 107 28.41 -2.41 -14.46
CA ARG A 107 29.34 -2.13 -15.55
C ARG A 107 28.63 -2.16 -16.90
N ASP A 108 27.76 -3.16 -17.08
CA ASP A 108 27.02 -3.30 -18.32
C ASP A 108 25.75 -4.10 -18.10
N THR A 109 25.21 -4.02 -16.89
CA THR A 109 23.98 -4.74 -16.56
C THR A 109 23.00 -3.83 -15.83
N VAL A 110 21.78 -3.74 -16.35
CA VAL A 110 20.75 -2.91 -15.75
C VAL A 110 19.52 -3.74 -15.38
N THR A 111 19.17 -3.72 -14.10
CA THR A 111 18.01 -4.47 -13.64
C THR A 111 17.09 -3.58 -12.79
N LEU A 112 15.79 -3.70 -13.02
CA LEU A 112 14.82 -2.91 -12.27
C LEU A 112 13.88 -3.80 -11.49
N THR A 113 14.03 -3.80 -10.16
CA THR A 113 13.18 -4.63 -9.31
C THR A 113 12.26 -3.75 -8.46
N GLY A 114 11.07 -4.25 -8.16
CA GLY A 114 10.11 -3.50 -7.36
C GLY A 114 8.70 -4.05 -7.55
N THR A 115 7.71 -3.32 -7.05
CA THR A 115 6.32 -3.74 -7.18
C THR A 115 5.59 -2.88 -8.19
N ALA A 116 4.77 -3.52 -9.03
CA ALA A 116 4.01 -2.79 -10.05
C ALA A 116 2.52 -3.10 -9.90
N PRO A 117 1.72 -2.15 -9.47
CA PRO A 117 0.26 -2.35 -9.30
C PRO A 117 -0.49 -2.30 -10.62
N SER A 118 0.16 -1.78 -11.66
CA SER A 118 -0.47 -1.68 -12.98
C SER A 118 0.49 -2.16 -14.06
N SER A 119 0.01 -3.05 -14.91
CA SER A 119 0.83 -3.58 -16.00
C SER A 119 1.19 -2.48 -16.99
N GLU A 120 0.21 -1.63 -17.30
CA GLU A 120 0.43 -0.53 -18.25
C GLU A 120 1.53 0.40 -17.73
N HIS A 121 1.58 0.59 -16.42
CA HIS A 121 2.58 1.46 -15.82
C HIS A 121 3.99 0.91 -16.07
N LYS A 122 4.14 -0.40 -15.93
CA LYS A 122 5.44 -1.02 -16.13
C LYS A 122 5.87 -0.92 -17.60
N ASP A 123 4.92 -1.09 -18.50
CA ASP A 123 5.23 -1.03 -19.93
C ASP A 123 5.75 0.36 -20.32
N ALA A 124 5.07 1.39 -19.83
CA ALA A 124 5.48 2.76 -20.13
C ALA A 124 6.90 3.02 -19.66
N VAL A 125 7.22 2.55 -18.45
CA VAL A 125 8.55 2.75 -17.89
C VAL A 125 9.58 1.90 -18.64
N LYS A 126 9.17 0.68 -19.02
CA LYS A 126 10.07 -0.22 -19.73
C LYS A 126 10.48 0.38 -21.07
N ARG A 127 9.51 0.85 -21.83
CA ARG A 127 9.78 1.44 -23.13
C ARG A 127 10.62 2.71 -22.99
N ALA A 128 10.32 3.49 -21.96
CA ALA A 128 11.04 4.73 -21.71
C ALA A 128 12.50 4.46 -21.37
N ALA A 129 12.73 3.43 -20.57
CA ALA A 129 14.09 3.06 -20.17
C ALA A 129 14.86 2.51 -21.35
N THR A 130 14.23 1.61 -22.10
CA THR A 130 14.87 1.00 -23.26
C THR A 130 15.28 2.08 -24.26
N SER A 131 14.43 3.09 -24.42
CA SER A 131 14.71 4.17 -25.36
C SER A 131 15.91 4.98 -24.87
N THR A 132 16.14 4.98 -23.56
CA THR A 132 17.25 5.71 -22.98
C THR A 132 18.55 4.94 -23.17
N TRP A 133 18.51 3.64 -22.94
CA TRP A 133 19.70 2.80 -23.09
C TRP A 133 19.34 1.48 -23.77
N PRO A 134 18.96 1.54 -25.01
CA PRO A 134 18.58 0.33 -25.80
C PRO A 134 19.81 -0.48 -26.21
N ASP A 135 20.99 0.10 -26.03
CA ASP A 135 22.23 -0.57 -26.39
C ASP A 135 22.81 -1.32 -25.19
N MET A 136 22.02 -2.24 -24.64
CA MET A 136 22.47 -3.00 -23.48
C MET A 136 21.43 -4.05 -23.09
N LYS A 137 21.63 -4.67 -21.93
CA LYS A 137 20.70 -5.69 -21.46
C LYS A 137 19.88 -5.15 -20.29
N ILE A 138 18.58 -4.95 -20.53
CA ILE A 138 17.70 -4.43 -19.49
C ILE A 138 16.62 -5.46 -19.15
N VAL A 139 16.44 -5.71 -17.86
CA VAL A 139 15.44 -6.68 -17.42
C VAL A 139 14.57 -6.08 -16.32
N ASN A 140 13.27 -6.04 -16.57
CA ASN A 140 12.33 -5.50 -15.60
C ASN A 140 11.83 -6.59 -14.65
N ASN A 141 12.26 -6.52 -13.39
CA ASN A 141 11.86 -7.51 -12.40
C ASN A 141 10.80 -6.92 -11.46
N ILE A 142 9.71 -6.44 -12.03
CA ILE A 142 8.63 -5.86 -11.24
C ILE A 142 7.41 -6.77 -11.26
N GLU A 143 7.05 -7.30 -10.10
CA GLU A 143 5.90 -8.19 -10.00
C GLU A 143 4.70 -7.45 -9.40
N VAL A 144 3.52 -7.74 -9.93
CA VAL A 144 2.30 -7.10 -9.43
C VAL A 144 1.63 -7.98 -8.37
N THR A 145 1.21 -7.36 -7.27
CA THR A 145 0.57 -8.10 -6.20
C THR A 145 -0.79 -7.49 -5.87
N GLY A 146 -0.95 -6.21 -6.14
CA GLY A 146 -2.21 -5.53 -5.87
C GLY A 146 -3.00 -5.29 -7.15
N GLN A 147 -2.38 -5.61 -8.28
CA GLN A 147 -3.03 -5.43 -9.58
C GLN A 147 -4.26 -6.31 -9.70
N ALA A 148 -5.19 -5.91 -10.57
CA ALA A 148 -6.41 -6.67 -10.77
C ALA A 148 -6.93 -6.45 -12.19
N PRO A 149 -6.98 -5.22 -12.62
CA PRO A 149 -7.46 -4.85 -13.98
C PRO A 149 -6.34 -4.96 -15.02
N PRO A 150 -6.43 -5.92 -15.90
CA PRO A 150 -5.39 -6.15 -16.96
C PRO A 150 -5.55 -5.18 -18.13
N GLY A 151 -4.66 -4.20 -18.21
CA GLY A 151 -4.70 -3.22 -19.30
C GLY A 151 -4.80 -1.80 -18.76
N PRO A 152 -5.99 -1.38 -18.43
CA PRO A 152 -6.26 -0.02 -17.89
C PRO A 152 -5.15 0.45 -16.94
N PRO A 153 -4.89 1.74 -16.90
CA PRO A 153 -3.85 2.33 -16.02
C PRO A 153 -4.30 2.40 -14.56
N ALA A 154 -3.38 2.76 -13.67
CA ALA A 154 -3.69 2.87 -12.25
C ALA A 154 -4.38 1.59 -11.77
N SER A 155 -4.40 1.41 -10.45
CA SER A 155 -5.03 0.23 -9.86
C SER A 155 -5.32 0.45 -8.38
N GLY A 156 -4.26 0.43 -7.58
CA GLY A 156 -4.40 0.63 -6.14
C GLY A 156 -3.13 1.22 -5.55
N PRO A 157 -2.72 2.36 -6.03
CA PRO A 157 -1.50 3.05 -5.55
C PRO A 157 -1.70 3.71 -4.19
N CYS A 158 -2.53 3.10 -3.36
CA CYS A 158 -2.79 3.65 -2.03
C CYS A 158 -3.18 5.12 -2.14
N ALA A 159 -4.48 5.38 -2.34
CA ALA A 159 -4.96 6.75 -2.47
C ALA A 159 -6.24 6.96 -1.66
N ASP A 160 -7.10 7.85 -2.16
CA ASP A 160 -8.36 8.15 -1.49
C ASP A 160 -9.32 6.97 -1.56
N LEU A 161 -8.84 5.79 -1.19
CA LEU A 161 -9.67 4.59 -1.21
C LEU A 161 -10.79 4.69 -0.17
N GLN A 162 -10.50 5.38 0.93
CA GLN A 162 -11.50 5.53 2.00
C GLN A 162 -12.80 6.08 1.46
N SER A 163 -12.72 6.91 0.43
CA SER A 163 -13.92 7.48 -0.18
C SER A 163 -14.75 6.41 -0.82
N ALA A 164 -14.08 5.57 -1.63
CA ALA A 164 -14.76 4.48 -2.33
C ALA A 164 -15.08 3.34 -1.37
N ILE A 165 -14.21 3.12 -0.39
CA ILE A 165 -14.39 2.05 0.59
C ILE A 165 -15.71 2.22 1.33
N ASN A 166 -16.05 3.47 1.66
CA ASN A 166 -17.30 3.73 2.38
C ASN A 166 -18.47 3.11 1.62
N ALA A 167 -18.37 3.12 0.29
CA ALA A 167 -19.43 2.56 -0.54
C ALA A 167 -19.41 1.04 -0.49
N VAL A 168 -18.21 0.46 -0.32
CA VAL A 168 -18.08 -0.99 -0.26
C VAL A 168 -18.94 -1.57 0.85
N THR A 169 -18.90 -0.93 2.01
CA THR A 169 -19.68 -1.41 3.15
C THR A 169 -21.03 -0.70 3.20
N GLY A 170 -21.06 0.54 2.74
CA GLY A 170 -22.30 1.32 2.73
C GLY A 170 -22.79 1.58 4.16
N GLY A 171 -22.56 0.61 5.04
CA GLY A 171 -22.98 0.75 6.43
C GLY A 171 -22.50 -0.45 7.25
N PRO A 172 -22.92 -0.52 8.48
CA PRO A 172 -22.52 -1.62 9.40
C PRO A 172 -22.89 -2.99 8.83
N ILE A 173 -22.16 -4.02 9.26
CA ILE A 173 -22.42 -5.38 8.78
C ILE A 173 -22.87 -6.27 9.93
N ALA A 174 -23.77 -7.20 9.63
CA ALA A 174 -24.28 -8.11 10.66
C ALA A 174 -24.82 -9.38 10.01
N PHE A 175 -24.15 -10.50 10.26
CA PHE A 175 -24.57 -11.77 9.71
C PHE A 175 -25.32 -11.57 8.40
N GLY A 176 -26.64 -11.71 8.45
CA GLY A 176 -27.47 -11.53 7.26
C GLY A 176 -28.25 -10.23 7.32
N ASN A 177 -29.45 -10.23 6.74
CA ASN A 177 -30.29 -9.04 6.74
C ASN A 177 -29.44 -7.79 6.59
N ASP A 178 -29.20 -7.37 5.34
CA ASP A 178 -28.41 -6.19 5.08
C ASP A 178 -28.96 -5.43 3.89
N GLY A 179 -28.22 -5.46 2.78
CA GLY A 179 -28.65 -4.75 1.57
C GLY A 179 -27.77 -5.12 0.39
N ALA A 180 -27.91 -4.38 -0.70
CA ALA A 180 -27.12 -4.64 -1.90
C ALA A 180 -27.37 -6.05 -2.43
N SER A 181 -26.75 -6.39 -3.54
CA SER A 181 -26.91 -7.71 -4.14
C SER A 181 -25.60 -8.47 -4.12
N LEU A 182 -24.70 -8.08 -3.22
CA LEU A 182 -23.41 -8.75 -3.11
C LEU A 182 -23.55 -10.10 -2.43
N ILE A 183 -22.54 -10.95 -2.57
CA ILE A 183 -22.58 -12.27 -1.95
C ILE A 183 -21.44 -12.45 -0.95
N PRO A 184 -21.55 -11.81 0.18
CA PRO A 184 -20.50 -11.89 1.25
C PRO A 184 -20.59 -13.21 2.02
N ALA A 185 -19.44 -13.85 2.23
CA ALA A 185 -19.40 -15.12 2.95
C ALA A 185 -18.21 -15.15 3.91
N ASP A 186 -17.15 -15.82 3.50
CA ASP A 186 -15.95 -15.94 4.33
C ASP A 186 -14.69 -15.75 3.49
N TYR A 187 -14.58 -14.59 2.85
CA TYR A 187 -13.40 -14.31 2.02
C TYR A 187 -13.53 -12.92 1.39
N GLU A 188 -14.75 -12.55 1.02
CA GLU A 188 -14.99 -11.24 0.42
C GLU A 188 -14.61 -10.13 1.38
N ILE A 189 -14.79 -10.38 2.67
CA ILE A 189 -14.46 -9.40 3.69
C ILE A 189 -12.95 -9.16 3.74
N LEU A 190 -12.18 -10.24 3.62
CA LEU A 190 -10.73 -10.13 3.64
C LEU A 190 -10.25 -9.21 2.53
N ASN A 191 -10.77 -9.44 1.32
CA ASN A 191 -10.39 -8.62 0.18
C ASN A 191 -10.81 -7.17 0.40
N ARG A 192 -11.93 -6.99 1.09
CA ARG A 192 -12.44 -5.66 1.36
C ARG A 192 -11.47 -4.88 2.24
N VAL A 193 -10.84 -5.58 3.17
CA VAL A 193 -9.88 -4.94 4.07
C VAL A 193 -8.70 -4.36 3.31
N ALA A 194 -8.21 -5.12 2.32
CA ALA A 194 -7.08 -4.64 1.52
C ALA A 194 -7.42 -3.30 0.89
N ASP A 195 -8.64 -3.19 0.40
CA ASP A 195 -9.09 -1.94 -0.21
C ASP A 195 -8.92 -0.81 0.79
N LYS A 196 -9.25 -1.09 2.04
CA LYS A 196 -9.13 -0.10 3.10
C LYS A 196 -7.66 0.20 3.40
N LEU A 197 -6.80 -0.81 3.20
CA LEU A 197 -5.38 -0.63 3.46
C LEU A 197 -4.85 0.57 2.67
N LYS A 198 -5.44 0.80 1.50
CA LYS A 198 -5.03 1.93 0.67
C LYS A 198 -5.29 3.23 1.42
N ALA A 199 -6.05 3.12 2.51
CA ALA A 199 -6.37 4.26 3.36
C ALA A 199 -5.13 4.75 4.08
N CYS A 200 -3.98 4.24 3.64
CA CYS A 200 -2.70 4.58 4.26
C CYS A 200 -2.64 6.06 4.68
N PRO A 201 -3.00 6.98 3.82
CA PRO A 201 -2.97 8.44 4.17
C PRO A 201 -3.80 8.74 5.41
N ASP A 202 -4.69 7.81 5.74
CA ASP A 202 -5.55 7.95 6.91
C ASP A 202 -6.01 6.57 7.35
N ALA A 203 -5.10 5.61 7.28
CA ALA A 203 -5.41 4.23 7.65
C ALA A 203 -5.79 4.12 9.13
N ARG A 204 -6.86 4.78 9.51
CA ARG A 204 -7.34 4.72 10.87
C ARG A 204 -8.66 3.95 10.91
N VAL A 205 -8.80 3.04 11.86
CA VAL A 205 -10.02 2.25 11.95
C VAL A 205 -10.54 2.15 13.37
N THR A 206 -11.85 2.24 13.51
CA THR A 206 -12.51 2.13 14.81
C THR A 206 -13.52 1.01 14.81
N ILE A 207 -13.43 0.10 15.76
CA ILE A 207 -14.35 -1.02 15.83
C ILE A 207 -15.41 -0.80 16.90
N ASN A 208 -16.68 -0.86 16.48
CA ASN A 208 -17.79 -0.66 17.41
C ASN A 208 -18.67 -1.92 17.42
N GLY A 209 -18.80 -2.52 18.60
CA GLY A 209 -19.60 -3.73 18.74
C GLY A 209 -20.98 -3.41 19.33
N TYR A 210 -22.01 -4.06 18.79
CA TYR A 210 -23.37 -3.86 19.27
C TYR A 210 -24.01 -5.19 19.63
N THR A 211 -24.04 -5.49 20.93
CA THR A 211 -24.63 -6.74 21.40
C THR A 211 -25.40 -6.51 22.70
N ASP A 212 -26.65 -6.96 22.73
CA ASP A 212 -27.48 -6.80 23.93
C ASP A 212 -26.96 -7.67 25.06
N ASN A 213 -27.77 -8.64 25.46
CA ASN A 213 -27.38 -9.55 26.54
C ASN A 213 -27.23 -8.78 27.85
N THR A 214 -28.15 -7.86 28.10
CA THR A 214 -28.11 -7.06 29.31
C THR A 214 -27.52 -7.86 30.47
N GLY A 215 -28.31 -8.81 30.99
CA GLY A 215 -27.85 -9.64 32.10
C GLY A 215 -26.80 -8.91 32.93
N SER A 216 -25.53 -9.12 32.60
CA SER A 216 -24.43 -8.49 33.32
C SER A 216 -23.31 -8.10 32.38
N GLU A 217 -22.76 -6.91 32.57
CA GLU A 217 -21.68 -6.43 31.73
C GLU A 217 -20.49 -7.40 31.79
N GLY A 218 -20.34 -8.07 32.93
CA GLY A 218 -19.26 -9.02 33.11
C GLY A 218 -19.36 -10.16 32.11
N ILE A 219 -20.29 -10.04 31.17
CA ILE A 219 -20.49 -11.07 30.16
C ILE A 219 -20.79 -10.44 28.80
N ASN A 220 -21.63 -9.42 28.81
CA ASN A 220 -22.01 -8.73 27.58
C ASN A 220 -20.83 -7.95 26.99
N ILE A 221 -19.98 -7.42 27.86
CA ILE A 221 -18.83 -6.65 27.41
C ILE A 221 -17.75 -7.54 26.80
N PRO A 222 -17.32 -8.58 27.49
CA PRO A 222 -16.28 -9.51 26.96
C PRO A 222 -16.73 -10.21 25.68
N LEU A 223 -18.04 -10.44 25.56
CA LEU A 223 -18.58 -11.10 24.39
C LEU A 223 -18.35 -10.25 23.15
N SER A 224 -18.69 -8.97 23.24
CA SER A 224 -18.52 -8.06 22.12
C SER A 224 -17.04 -7.70 21.95
N ALA A 225 -16.33 -7.57 23.07
CA ALA A 225 -14.91 -7.23 23.04
C ALA A 225 -14.09 -8.44 22.57
N GLN A 226 -14.52 -9.63 22.98
CA GLN A 226 -13.81 -10.84 22.60
C GLN A 226 -13.80 -11.01 21.08
N ARG A 227 -14.97 -10.89 20.48
CA ARG A 227 -15.08 -11.02 19.03
C ARG A 227 -14.30 -9.91 18.33
N ALA A 228 -14.27 -8.74 18.96
CA ALA A 228 -13.56 -7.60 18.39
C ALA A 228 -12.07 -7.91 18.28
N LYS A 229 -11.55 -8.68 19.22
CA LYS A 229 -10.14 -9.04 19.21
C LYS A 229 -9.82 -9.93 18.02
N ILE A 230 -10.69 -10.90 17.77
CA ILE A 230 -10.51 -11.81 16.66
C ILE A 230 -10.54 -11.05 15.33
N VAL A 231 -11.41 -10.05 15.26
CA VAL A 231 -11.54 -9.24 14.05
C VAL A 231 -10.23 -8.52 13.77
N ALA A 232 -9.58 -8.02 14.82
CA ALA A 232 -8.33 -7.30 14.67
C ALA A 232 -7.28 -8.21 14.02
N ASP A 233 -7.29 -9.48 14.40
CA ASP A 233 -6.34 -10.44 13.85
C ASP A 233 -6.47 -10.50 12.33
N TYR A 234 -7.70 -10.49 11.84
CA TYR A 234 -7.96 -10.55 10.40
C TYR A 234 -7.56 -9.23 9.75
N LEU A 235 -7.89 -8.12 10.40
CA LEU A 235 -7.55 -6.81 9.87
C LEU A 235 -6.04 -6.67 9.72
N VAL A 236 -5.32 -7.02 10.77
CA VAL A 236 -3.87 -6.95 10.77
C VAL A 236 -3.29 -7.88 9.70
N ALA A 237 -3.95 -9.01 9.50
CA ALA A 237 -3.49 -9.99 8.52
C ALA A 237 -3.44 -9.39 7.12
N ARG A 238 -4.31 -8.42 6.85
CA ARG A 238 -4.32 -7.79 5.55
C ARG A 238 -3.22 -6.74 5.45
N GLY A 239 -2.48 -6.59 6.54
CA GLY A 239 -1.38 -5.64 6.58
C GLY A 239 -1.75 -4.39 7.37
N VAL A 240 -2.94 -4.40 7.96
CA VAL A 240 -3.40 -3.26 8.75
C VAL A 240 -2.55 -3.12 10.01
N ALA A 241 -2.05 -1.92 10.24
CA ALA A 241 -1.21 -1.66 11.41
C ALA A 241 -2.08 -1.44 12.65
N GLY A 242 -2.07 -2.42 13.55
CA GLY A 242 -2.85 -2.33 14.77
C GLY A 242 -2.50 -1.06 15.54
N ASP A 243 -1.50 -0.34 15.04
CA ASP A 243 -1.07 0.89 15.68
C ASP A 243 -2.14 1.97 15.56
N HIS A 244 -3.14 1.70 14.74
CA HIS A 244 -4.23 2.66 14.55
C HIS A 244 -5.58 1.95 14.59
N ILE A 245 -5.81 1.19 15.66
CA ILE A 245 -7.06 0.46 15.81
C ILE A 245 -7.63 0.64 17.21
N ALA A 246 -8.95 0.82 17.29
CA ALA A 246 -9.61 1.01 18.58
C ALA A 246 -10.89 0.17 18.64
N THR A 247 -11.17 -0.39 19.80
CA THR A 247 -12.36 -1.21 19.97
C THR A 247 -13.25 -0.67 21.08
N VAL A 248 -14.56 -0.75 20.87
CA VAL A 248 -15.52 -0.26 21.86
C VAL A 248 -16.73 -1.18 21.92
N GLY A 249 -16.94 -1.82 23.06
CA GLY A 249 -18.07 -2.73 23.22
C GLY A 249 -19.25 -2.02 23.87
N LEU A 250 -20.28 -1.76 23.07
CA LEU A 250 -21.48 -1.09 23.57
C LEU A 250 -22.57 -2.11 23.90
N GLY A 251 -22.27 -2.98 24.87
CA GLY A 251 -23.22 -4.01 25.27
C GLY A 251 -24.65 -3.50 25.20
N SER A 252 -25.22 -3.15 26.34
CA SER A 252 -26.58 -2.64 26.41
C SER A 252 -26.60 -1.19 26.82
N VAL A 253 -26.75 -0.29 25.86
CA VAL A 253 -26.79 1.13 26.15
C VAL A 253 -28.12 1.72 25.69
N ASN A 254 -28.14 2.28 24.49
CA ASN A 254 -29.34 2.88 23.95
C ASN A 254 -30.17 1.84 23.20
N PRO A 255 -29.56 1.16 22.27
CA PRO A 255 -30.24 0.11 21.46
C PRO A 255 -30.35 -1.22 22.19
N ILE A 256 -31.36 -2.00 21.83
CA ILE A 256 -31.57 -3.30 22.47
C ILE A 256 -32.59 -4.12 21.68
N ALA A 257 -32.31 -5.40 21.50
CA ALA A 257 -33.21 -6.28 20.77
C ALA A 257 -33.45 -7.58 21.53
N SER A 258 -34.71 -8.01 21.56
CA SER A 258 -35.06 -9.24 22.26
C SER A 258 -34.58 -10.46 21.48
N ASN A 259 -33.30 -10.78 21.61
CA ASN A 259 -32.73 -11.92 20.90
C ASN A 259 -33.78 -13.03 20.77
N ALA A 260 -34.13 -13.35 19.53
CA ALA A 260 -35.12 -14.38 19.27
C ALA A 260 -35.25 -14.63 17.77
N THR A 261 -35.42 -13.56 17.00
CA THR A 261 -35.54 -13.67 15.56
C THR A 261 -34.24 -13.27 14.87
N PRO A 262 -34.09 -13.61 13.62
CA PRO A 262 -32.85 -13.26 12.85
C PRO A 262 -32.49 -11.78 12.98
N GLU A 263 -33.50 -10.92 12.89
CA GLU A 263 -33.28 -9.48 13.00
C GLU A 263 -32.70 -9.16 14.37
N GLY A 264 -33.28 -9.73 15.42
CA GLY A 264 -32.81 -9.50 16.77
C GLY A 264 -31.38 -10.00 16.93
N ARG A 265 -31.10 -11.15 16.32
CA ARG A 265 -29.77 -11.73 16.39
C ARG A 265 -28.74 -10.78 15.79
N ALA A 266 -29.11 -10.14 14.67
CA ALA A 266 -28.21 -9.20 14.01
C ALA A 266 -27.89 -8.04 14.95
N LYS A 267 -28.93 -7.44 15.51
CA LYS A 267 -28.75 -6.31 16.42
C LYS A 267 -28.09 -6.78 17.71
N ASN A 268 -28.45 -7.98 18.16
CA ASN A 268 -27.87 -8.54 19.38
C ASN A 268 -26.43 -8.96 19.14
N ARG A 269 -26.00 -8.88 17.88
CA ARG A 269 -24.63 -9.25 17.51
C ARG A 269 -24.25 -8.62 16.18
N ARG A 270 -23.70 -7.41 16.24
CA ARG A 270 -23.30 -6.72 15.03
C ARG A 270 -21.91 -6.12 15.17
N VAL A 271 -21.19 -6.03 14.06
CA VAL A 271 -19.85 -5.47 14.05
C VAL A 271 -19.77 -4.32 13.06
N GLU A 272 -18.99 -3.29 13.38
CA GLU A 272 -18.86 -2.14 12.50
C GLU A 272 -17.40 -1.78 12.26
N ILE A 273 -17.04 -1.62 10.99
CA ILE A 273 -15.68 -1.26 10.63
C ILE A 273 -15.69 0.09 9.91
N VAL A 274 -15.16 1.12 10.58
CA VAL A 274 -15.14 2.45 10.01
C VAL A 274 -13.71 2.93 9.81
N VAL A 275 -13.44 3.52 8.65
CA VAL A 275 -12.11 4.02 8.34
C VAL A 275 -12.08 5.54 8.38
N ASN A 276 -11.06 6.10 9.02
CA ASN A 276 -10.93 7.55 9.11
C ASN A 276 -9.81 8.06 8.21
N SER A 25 27.42 3.23 -25.43
CA SER A 25 28.24 2.03 -25.63
C SER A 25 28.03 1.05 -24.48
N ALA A 26 28.25 1.53 -23.25
CA ALA A 26 28.07 0.68 -22.07
C ALA A 26 28.92 -0.58 -22.20
N LEU A 27 30.01 -0.64 -21.45
CA LEU A 27 30.89 -1.80 -21.50
C LEU A 27 30.76 -2.62 -20.21
N SER A 28 30.45 -1.93 -19.11
CA SER A 28 30.30 -2.60 -17.82
C SER A 28 29.67 -1.66 -16.80
N LEU A 29 28.53 -2.08 -16.25
CA LEU A 29 27.85 -1.26 -15.25
C LEU A 29 27.93 -1.92 -13.88
N SER A 30 27.88 -1.11 -12.83
CA SER A 30 27.95 -1.62 -11.47
C SER A 30 26.56 -1.81 -10.90
N LEU A 31 26.42 -2.76 -9.97
CA LEU A 31 25.12 -3.03 -9.35
C LEU A 31 24.67 -1.84 -8.51
N LEU A 32 23.43 -1.40 -8.74
CA LEU A 32 22.88 -0.28 -8.00
C LEU A 32 21.49 -0.62 -7.47
N SER A 33 21.27 -0.36 -6.19
CA SER A 33 19.98 -0.66 -5.57
C SER A 33 19.24 0.64 -5.24
N ILE A 34 18.05 0.79 -5.81
CA ILE A 34 17.25 1.98 -5.57
C ILE A 34 15.83 1.60 -5.15
N SER A 35 15.46 2.00 -3.93
CA SER A 35 14.12 1.69 -3.43
C SER A 35 13.46 2.96 -2.87
N ARG A 36 12.21 3.18 -3.25
CA ARG A 36 11.48 4.35 -2.79
C ARG A 36 10.33 3.95 -1.87
N SER A 37 10.08 4.76 -0.85
CA SER A 37 9.00 4.49 0.09
C SER A 37 8.28 5.78 0.46
N GLY A 38 6.99 5.83 0.20
CA GLY A 38 6.22 7.02 0.51
C GLY A 38 6.93 8.28 0.00
N ASN A 39 6.97 9.31 0.83
CA ASN A 39 7.63 10.55 0.45
C ASN A 39 9.11 10.51 0.81
N THR A 40 9.62 9.30 1.07
CA THR A 40 11.03 9.13 1.42
C THR A 40 11.79 8.44 0.29
N VAL A 41 13.01 8.92 0.04
CA VAL A 41 13.84 8.35 -1.02
C VAL A 41 15.06 7.66 -0.42
N THR A 42 15.12 6.33 -0.57
CA THR A 42 16.24 5.57 -0.04
C THR A 42 17.22 5.19 -1.15
N LEU A 43 18.44 5.70 -1.04
CA LEU A 43 19.47 5.42 -2.04
C LEU A 43 20.55 4.52 -1.43
N ILE A 44 20.76 3.36 -2.06
CA ILE A 44 21.77 2.43 -1.56
C ILE A 44 22.59 1.86 -2.72
N GLY A 45 23.90 2.01 -2.63
CA GLY A 45 24.79 1.51 -3.68
C GLY A 45 26.13 2.24 -3.64
N ASP A 46 26.62 2.62 -4.83
CA ASP A 46 27.89 3.33 -4.91
C ASP A 46 27.95 4.18 -6.17
N PHE A 47 28.79 5.21 -6.13
CA PHE A 47 28.93 6.10 -7.28
C PHE A 47 30.41 6.36 -7.59
N PRO A 48 30.71 6.67 -8.81
CA PRO A 48 32.12 6.93 -9.25
C PRO A 48 32.68 8.21 -8.63
N ASP A 49 31.80 9.15 -8.28
CA ASP A 49 32.22 10.40 -7.67
C ASP A 49 31.02 11.16 -7.12
N GLU A 50 31.28 12.06 -6.17
CA GLU A 50 30.21 12.85 -5.57
C GLU A 50 29.68 13.87 -6.57
N ALA A 51 30.49 14.19 -7.57
CA ALA A 51 30.08 15.16 -8.59
C ALA A 51 28.84 14.68 -9.32
N ALA A 52 28.75 13.37 -9.51
CA ALA A 52 27.59 12.78 -10.18
C ALA A 52 26.31 13.05 -9.40
N LYS A 53 26.43 13.06 -8.08
CA LYS A 53 25.28 13.31 -7.22
C LYS A 53 24.60 14.63 -7.59
N ALA A 54 25.42 15.64 -7.83
CA ALA A 54 24.90 16.95 -8.20
C ALA A 54 24.00 16.85 -9.43
N ALA A 55 24.41 16.04 -10.39
CA ALA A 55 23.63 15.86 -11.61
C ALA A 55 22.33 15.11 -11.32
N LEU A 56 22.40 14.17 -10.38
CA LEU A 56 21.23 13.39 -10.02
C LEU A 56 20.24 14.25 -9.24
N MET A 57 20.74 15.00 -8.27
CA MET A 57 19.89 15.86 -7.46
C MET A 57 19.17 16.88 -8.35
N THR A 58 19.85 17.30 -9.42
CA THR A 58 19.27 18.27 -10.34
C THR A 58 18.01 17.70 -10.98
N ALA A 59 18.07 16.42 -11.34
CA ALA A 59 16.92 15.76 -11.96
C ALA A 59 15.80 15.58 -10.94
N LEU A 60 16.18 15.44 -9.68
CA LEU A 60 15.20 15.27 -8.61
C LEU A 60 14.79 16.62 -8.03
N ASN A 61 15.38 17.69 -8.57
CA ASN A 61 15.07 19.03 -8.10
C ASN A 61 13.57 19.28 -8.11
N GLY A 62 12.86 18.51 -8.93
CA GLY A 62 11.41 18.65 -9.02
C GLY A 62 10.72 17.86 -7.92
N LEU A 63 11.49 17.04 -7.20
CA LEU A 63 10.95 16.24 -6.13
C LEU A 63 11.19 16.92 -4.78
N LEU A 64 12.44 17.29 -4.53
CA LEU A 64 12.80 17.96 -3.29
C LEU A 64 11.67 18.86 -2.81
N ALA A 65 10.97 18.42 -1.77
CA ALA A 65 9.87 19.21 -1.21
C ALA A 65 9.73 18.95 0.28
N PRO A 66 8.86 19.69 0.93
CA PRO A 66 8.63 19.54 2.41
C PRO A 66 8.20 18.13 2.79
N GLY A 67 8.28 17.82 4.08
CA GLY A 67 7.91 16.50 4.58
C GLY A 67 8.64 15.42 3.82
N VAL A 68 9.66 15.78 3.08
CA VAL A 68 10.44 14.81 2.31
C VAL A 68 11.76 14.50 3.02
N ASN A 69 12.13 13.23 3.02
CA ASN A 69 13.38 12.81 3.65
C ASN A 69 14.40 12.41 2.59
N VAL A 70 15.65 12.83 2.79
CA VAL A 70 16.71 12.52 1.83
C VAL A 70 17.68 11.51 2.42
N ILE A 71 17.85 10.39 1.74
CA ILE A 71 18.76 9.34 2.18
C ILE A 71 19.72 8.97 1.06
N ASP A 72 21.02 9.00 1.35
CA ASP A 72 22.02 8.67 0.34
C ASP A 72 23.07 7.72 0.90
N GLN A 73 22.74 6.42 0.92
CA GLN A 73 23.67 5.42 1.44
C GLN A 73 24.52 4.86 0.29
N ILE A 74 25.08 5.76 -0.51
CA ILE A 74 25.91 5.34 -1.64
C ILE A 74 27.38 5.58 -1.33
N HIS A 75 28.20 4.57 -1.56
CA HIS A 75 29.63 4.69 -1.30
C HIS A 75 30.38 5.10 -2.57
N VAL A 76 31.44 5.88 -2.39
CA VAL A 76 32.23 6.34 -3.53
C VAL A 76 33.48 5.49 -3.70
N ASP A 77 33.52 4.71 -4.79
CA ASP A 77 34.66 3.85 -5.07
C ASP A 77 35.22 4.13 -6.46
N PRO A 78 36.32 4.82 -6.55
CA PRO A 78 36.95 5.15 -7.86
C PRO A 78 37.16 3.92 -8.73
N VAL A 79 36.07 3.36 -9.23
CA VAL A 79 36.15 2.17 -10.08
C VAL A 79 34.77 1.72 -10.52
N VAL A 80 33.77 1.98 -9.70
CA VAL A 80 32.39 1.60 -10.04
C VAL A 80 31.91 2.39 -11.25
N ARG A 81 30.83 1.92 -11.85
CA ARG A 81 30.27 2.59 -13.02
C ARG A 81 28.81 2.98 -12.77
N SER A 82 28.34 3.95 -13.55
CA SER A 82 26.96 4.41 -13.41
C SER A 82 26.29 4.52 -14.77
N LEU A 83 24.97 4.40 -14.81
CA LEU A 83 24.24 4.49 -16.06
C LEU A 83 24.02 5.95 -16.45
N ASP A 84 24.25 6.25 -17.72
CA ASP A 84 24.08 7.62 -18.21
C ASP A 84 22.68 8.14 -17.89
N PHE A 85 22.61 9.40 -17.45
CA PHE A 85 21.33 10.01 -17.12
C PHE A 85 20.94 11.02 -18.20
N SER A 86 21.71 11.05 -19.27
CA SER A 86 21.45 11.96 -20.38
C SER A 86 19.98 11.94 -20.76
N SER A 87 19.39 13.12 -20.91
CA SER A 87 17.98 13.21 -21.29
C SER A 87 17.14 12.26 -20.46
N ALA A 88 17.49 12.13 -19.18
CA ALA A 88 16.74 11.25 -18.28
C ALA A 88 15.80 12.05 -17.40
N GLU A 89 15.95 13.37 -17.41
CA GLU A 89 15.10 14.23 -16.61
C GLU A 89 13.63 13.94 -16.89
N PRO A 90 13.28 13.86 -18.14
CA PRO A 90 11.87 13.57 -18.56
C PRO A 90 11.38 12.24 -17.99
N VAL A 91 12.26 11.27 -17.91
CA VAL A 91 11.91 9.95 -17.39
C VAL A 91 11.53 10.07 -15.90
N PHE A 92 12.32 10.83 -15.15
CA PHE A 92 12.05 11.01 -13.73
C PHE A 92 10.74 11.75 -13.53
N THR A 93 10.48 12.73 -14.40
CA THR A 93 9.25 13.51 -14.32
C THR A 93 8.03 12.62 -14.52
N ALA A 94 8.16 11.65 -15.42
CA ALA A 94 7.05 10.75 -15.71
C ALA A 94 6.90 9.70 -14.61
N SER A 95 7.96 9.49 -13.83
CA SER A 95 7.92 8.52 -12.75
C SER A 95 7.98 9.22 -11.40
N VAL A 96 7.83 10.54 -11.41
CA VAL A 96 7.87 11.30 -10.17
C VAL A 96 6.54 11.17 -9.41
N PRO A 97 5.44 11.26 -10.12
CA PRO A 97 4.09 11.14 -9.50
C PRO A 97 3.92 9.82 -8.77
N ILE A 98 4.89 8.92 -8.95
CA ILE A 98 4.85 7.62 -8.32
C ILE A 98 5.91 7.54 -7.21
N PRO A 99 5.54 7.84 -5.99
CA PRO A 99 6.48 7.79 -4.84
C PRO A 99 6.72 6.37 -4.33
N ASP A 100 6.20 5.39 -5.07
CA ASP A 100 6.37 4.00 -4.67
C ASP A 100 7.02 3.20 -5.81
N PHE A 101 8.13 3.72 -6.32
CA PHE A 101 8.84 3.05 -7.41
C PHE A 101 10.15 2.46 -6.92
N GLY A 102 10.49 1.27 -7.42
CA GLY A 102 11.73 0.62 -7.04
C GLY A 102 12.54 0.23 -8.27
N LEU A 103 13.78 0.71 -8.34
CA LEU A 103 14.64 0.42 -9.47
C LEU A 103 15.89 -0.34 -9.03
N LYS A 104 16.23 -1.39 -9.77
CA LYS A 104 17.40 -2.19 -9.45
C LYS A 104 18.31 -2.30 -10.67
N VAL A 105 19.60 -2.01 -10.49
CA VAL A 105 20.54 -2.07 -11.59
C VAL A 105 21.59 -3.16 -11.36
N GLU A 106 21.84 -3.94 -12.41
CA GLU A 106 22.83 -5.01 -12.33
C GLU A 106 23.60 -5.08 -13.65
N ARG A 107 24.55 -4.17 -13.82
CA ARG A 107 25.34 -4.14 -15.04
C ARG A 107 24.49 -3.66 -16.21
N ASP A 108 24.63 -4.32 -17.36
CA ASP A 108 23.85 -3.95 -18.54
C ASP A 108 22.41 -4.45 -18.41
N THR A 109 21.96 -4.63 -17.16
CA THR A 109 20.61 -5.11 -16.92
C THR A 109 19.87 -4.20 -15.95
N VAL A 110 18.59 -3.95 -16.23
CA VAL A 110 17.77 -3.10 -15.38
C VAL A 110 16.48 -3.81 -15.00
N THR A 111 16.12 -3.74 -13.72
CA THR A 111 14.90 -4.39 -13.25
C THR A 111 14.02 -3.40 -12.49
N LEU A 112 12.71 -3.46 -12.76
CA LEU A 112 11.76 -2.57 -12.11
C LEU A 112 10.95 -3.36 -11.09
N THR A 113 10.94 -2.90 -9.84
CA THR A 113 10.20 -3.58 -8.79
C THR A 113 9.47 -2.59 -7.90
N GLY A 114 8.31 -3.01 -7.39
CA GLY A 114 7.52 -2.15 -6.51
C GLY A 114 6.07 -2.10 -6.98
N THR A 115 5.19 -1.65 -6.09
CA THR A 115 3.76 -1.56 -6.41
C THR A 115 3.45 -0.23 -7.08
N ALA A 116 2.81 -0.29 -8.24
CA ALA A 116 2.46 0.91 -8.98
C ALA A 116 0.98 1.27 -8.76
N PRO A 117 0.66 2.53 -8.74
CA PRO A 117 -0.73 3.02 -8.53
C PRO A 117 -1.61 2.72 -9.74
N SER A 118 -0.99 2.58 -10.90
CA SER A 118 -1.73 2.30 -12.13
C SER A 118 -0.88 1.46 -13.08
N SER A 119 -1.50 0.47 -13.70
CA SER A 119 -0.80 -0.40 -14.64
C SER A 119 -0.31 0.39 -15.84
N GLU A 120 -1.11 1.36 -16.28
CA GLU A 120 -0.76 2.19 -17.42
C GLU A 120 0.51 2.99 -17.14
N HIS A 121 0.67 3.41 -15.90
CA HIS A 121 1.85 4.20 -15.51
C HIS A 121 3.13 3.44 -15.82
N LYS A 122 3.15 2.15 -15.50
CA LYS A 122 4.32 1.33 -15.75
C LYS A 122 4.66 1.31 -17.24
N ASP A 123 3.64 1.30 -18.07
CA ASP A 123 3.83 1.29 -19.52
C ASP A 123 4.48 2.59 -19.99
N ALA A 124 4.04 3.70 -19.42
CA ALA A 124 4.58 5.00 -19.80
C ALA A 124 6.06 5.09 -19.45
N VAL A 125 6.44 4.59 -18.28
CA VAL A 125 7.83 4.62 -17.84
C VAL A 125 8.69 3.69 -18.70
N LYS A 126 8.12 2.55 -19.08
CA LYS A 126 8.84 1.59 -19.90
C LYS A 126 9.23 2.19 -21.25
N ARG A 127 8.26 2.82 -21.91
CA ARG A 127 8.51 3.43 -23.20
C ARG A 127 9.66 4.43 -23.11
N ALA A 128 9.59 5.30 -22.10
CA ALA A 128 10.62 6.30 -21.91
C ALA A 128 11.95 5.65 -21.53
N ALA A 129 11.87 4.60 -20.71
CA ALA A 129 13.07 3.89 -20.27
C ALA A 129 13.77 3.23 -21.46
N THR A 130 12.98 2.65 -22.36
CA THR A 130 13.53 1.98 -23.53
C THR A 130 14.28 2.98 -24.41
N SER A 131 13.75 4.18 -24.53
CA SER A 131 14.38 5.22 -25.34
C SER A 131 15.66 5.72 -24.69
N THR A 132 15.64 5.83 -23.36
CA THR A 132 16.80 6.32 -22.63
C THR A 132 17.71 5.16 -22.23
N TRP A 133 17.14 3.96 -22.17
CA TRP A 133 17.91 2.77 -21.79
C TRP A 133 17.48 1.57 -22.62
N PRO A 134 18.09 1.38 -23.77
CA PRO A 134 17.79 0.25 -24.68
C PRO A 134 18.51 -1.03 -24.28
N ASP A 135 19.02 -1.06 -23.05
CA ASP A 135 19.73 -2.23 -22.56
C ASP A 135 19.16 -3.50 -23.19
N MET A 136 17.86 -3.50 -23.43
CA MET A 136 17.20 -4.66 -24.02
C MET A 136 16.94 -5.74 -22.97
N LYS A 137 17.71 -5.71 -21.90
CA LYS A 137 17.53 -6.69 -20.82
C LYS A 137 16.82 -6.06 -19.63
N ILE A 138 15.53 -5.75 -19.83
CA ILE A 138 14.75 -5.14 -18.75
C ILE A 138 13.75 -6.14 -18.19
N VAL A 139 13.67 -6.21 -16.87
CA VAL A 139 12.75 -7.13 -16.21
C VAL A 139 11.68 -6.37 -15.44
N ASN A 140 10.43 -6.74 -15.65
CA ASN A 140 9.31 -6.09 -14.97
C ASN A 140 8.88 -6.89 -13.75
N ASN A 141 8.98 -6.28 -12.57
CA ASN A 141 8.60 -6.94 -11.34
C ASN A 141 7.70 -6.03 -10.50
N ILE A 142 6.66 -5.49 -11.13
CA ILE A 142 5.74 -4.60 -10.44
C ILE A 142 4.46 -5.34 -10.06
N GLU A 143 4.06 -5.22 -8.80
CA GLU A 143 2.85 -5.88 -8.32
C GLU A 143 1.69 -4.89 -8.29
N VAL A 144 0.52 -5.35 -8.70
CA VAL A 144 -0.67 -4.49 -8.71
C VAL A 144 -1.65 -4.92 -7.63
N THR A 145 -1.94 -4.01 -6.70
CA THR A 145 -2.87 -4.30 -5.62
C THR A 145 -4.26 -3.75 -5.94
N GLY A 146 -4.89 -4.29 -6.97
CA GLY A 146 -6.21 -3.84 -7.38
C GLY A 146 -6.11 -2.53 -8.15
N GLN A 147 -5.01 -2.33 -8.85
CA GLN A 147 -4.81 -1.12 -9.62
C GLN A 147 -5.78 -1.07 -10.80
N ALA A 148 -6.06 0.13 -11.29
CA ALA A 148 -6.97 0.30 -12.41
C ALA A 148 -6.21 0.71 -13.67
N PRO A 149 -5.94 -0.22 -14.55
CA PRO A 149 -5.22 0.06 -15.82
C PRO A 149 -5.89 1.15 -16.65
N PRO A 150 -7.20 1.11 -16.77
CA PRO A 150 -7.95 2.12 -17.56
C PRO A 150 -8.17 3.41 -16.77
N GLY A 151 -7.08 3.91 -16.22
CA GLY A 151 -7.14 5.15 -15.43
C GLY A 151 -5.80 5.87 -15.48
N PRO A 152 -5.66 6.86 -16.33
CA PRO A 152 -4.41 7.64 -16.47
C PRO A 152 -3.94 8.24 -15.13
N PRO A 153 -4.85 8.79 -14.36
CA PRO A 153 -4.52 9.39 -13.04
C PRO A 153 -4.44 8.35 -11.92
N ALA A 154 -4.70 7.10 -12.27
CA ALA A 154 -4.66 6.01 -11.30
C ALA A 154 -5.82 6.12 -10.32
N SER A 155 -5.89 5.18 -9.38
CA SER A 155 -6.96 5.18 -8.39
C SER A 155 -6.47 5.77 -7.08
N GLY A 156 -5.39 5.20 -6.54
CA GLY A 156 -4.84 5.68 -5.29
C GLY A 156 -4.97 4.63 -4.19
N PRO A 157 -4.49 4.94 -3.01
CA PRO A 157 -4.54 4.02 -1.83
C PRO A 157 -5.90 4.04 -1.13
N CYS A 158 -6.34 2.86 -0.72
CA CYS A 158 -7.63 2.72 -0.02
C CYS A 158 -8.68 3.64 -0.63
N ALA A 159 -8.38 4.19 -1.81
CA ALA A 159 -9.31 5.09 -2.48
C ALA A 159 -10.54 4.31 -2.95
N ASP A 160 -11.70 4.97 -2.95
CA ASP A 160 -12.93 4.31 -3.37
C ASP A 160 -12.91 2.85 -2.94
N LEU A 161 -12.18 2.59 -1.86
CA LEU A 161 -12.07 1.23 -1.33
C LEU A 161 -13.44 0.66 -1.01
N GLN A 162 -14.37 1.52 -0.62
CA GLN A 162 -15.72 1.09 -0.28
C GLN A 162 -16.34 0.29 -1.43
N SER A 163 -16.17 0.79 -2.64
CA SER A 163 -16.71 0.12 -3.83
C SER A 163 -15.95 -1.16 -4.11
N ALA A 164 -14.64 -1.11 -3.95
CA ALA A 164 -13.80 -2.28 -4.21
C ALA A 164 -14.04 -3.38 -3.18
N ILE A 165 -14.27 -2.97 -1.93
CA ILE A 165 -14.51 -3.94 -0.86
C ILE A 165 -15.74 -4.79 -1.18
N ASN A 166 -16.75 -4.18 -1.77
CA ASN A 166 -17.97 -4.89 -2.12
C ASN A 166 -17.67 -6.08 -3.02
N ALA A 167 -16.77 -5.89 -3.98
CA ALA A 167 -16.41 -6.97 -4.90
C ALA A 167 -15.54 -8.00 -4.20
N VAL A 168 -14.61 -7.53 -3.38
CA VAL A 168 -13.71 -8.42 -2.66
C VAL A 168 -14.50 -9.35 -1.75
N THR A 169 -15.47 -8.79 -1.03
CA THR A 169 -16.28 -9.59 -0.12
C THR A 169 -17.57 -10.04 -0.80
N GLY A 170 -17.98 -9.30 -1.83
CA GLY A 170 -19.20 -9.64 -2.55
C GLY A 170 -20.42 -9.47 -1.66
N GLY A 171 -20.17 -9.10 -0.40
CA GLY A 171 -21.25 -8.89 0.56
C GLY A 171 -20.72 -8.27 1.85
N PRO A 172 -21.55 -8.17 2.84
CA PRO A 172 -21.16 -7.58 4.16
C PRO A 172 -20.22 -8.48 4.94
N ILE A 173 -19.38 -7.89 5.77
CA ILE A 173 -18.43 -8.65 6.57
C ILE A 173 -19.06 -9.05 7.90
N ALA A 174 -19.16 -10.36 8.14
CA ALA A 174 -19.75 -10.86 9.37
C ALA A 174 -19.50 -12.36 9.52
N PHE A 175 -18.29 -12.72 9.92
CA PHE A 175 -17.93 -14.12 10.10
C PHE A 175 -18.03 -14.86 8.76
N GLY A 176 -16.92 -15.45 8.34
CA GLY A 176 -16.89 -16.19 7.08
C GLY A 176 -16.17 -17.52 7.26
N ASN A 177 -15.05 -17.68 6.57
CA ASN A 177 -14.28 -18.92 6.66
C ASN A 177 -15.07 -20.09 6.07
N ASP A 178 -14.94 -20.30 4.77
CA ASP A 178 -15.64 -21.39 4.10
C ASP A 178 -14.75 -22.63 4.01
N GLY A 179 -15.16 -23.69 4.69
CA GLY A 179 -14.39 -24.94 4.67
C GLY A 179 -14.91 -25.89 3.61
N ALA A 180 -14.00 -26.46 2.83
CA ALA A 180 -14.38 -27.39 1.77
C ALA A 180 -14.89 -28.70 2.37
N SER A 181 -14.00 -29.44 3.02
CA SER A 181 -14.37 -30.71 3.62
C SER A 181 -13.81 -30.82 5.03
N LEU A 182 -12.57 -31.29 5.14
CA LEU A 182 -11.93 -31.43 6.45
C LEU A 182 -10.63 -30.63 6.49
N ILE A 183 -10.73 -29.34 6.17
CA ILE A 183 -9.55 -28.47 6.18
C ILE A 183 -9.95 -27.03 5.86
N PRO A 184 -10.54 -26.35 6.81
CA PRO A 184 -10.98 -24.95 6.64
C PRO A 184 -9.82 -23.97 6.77
N ALA A 185 -9.22 -23.60 5.65
CA ALA A 185 -8.11 -22.66 5.66
C ALA A 185 -8.19 -21.72 4.46
N ASP A 186 -8.74 -20.53 4.69
CA ASP A 186 -8.87 -19.55 3.62
C ASP A 186 -9.07 -18.15 4.21
N TYR A 187 -7.97 -17.42 4.40
CA TYR A 187 -8.03 -16.07 4.93
C TYR A 187 -7.59 -15.07 3.88
N GLU A 188 -7.41 -15.54 2.65
CA GLU A 188 -6.98 -14.67 1.56
C GLU A 188 -7.97 -13.53 1.36
N ILE A 189 -9.25 -13.80 1.58
CA ILE A 189 -10.27 -12.78 1.41
C ILE A 189 -10.03 -11.62 2.35
N LEU A 190 -9.76 -11.93 3.61
CA LEU A 190 -9.49 -10.90 4.61
C LEU A 190 -8.15 -10.23 4.35
N ASN A 191 -7.19 -11.00 3.85
CA ASN A 191 -5.87 -10.46 3.54
C ASN A 191 -5.97 -9.28 2.59
N ARG A 192 -6.78 -9.43 1.55
CA ARG A 192 -6.96 -8.37 0.57
C ARG A 192 -7.54 -7.13 1.24
N VAL A 193 -8.52 -7.34 2.10
CA VAL A 193 -9.17 -6.24 2.81
C VAL A 193 -8.20 -5.62 3.80
N ALA A 194 -7.42 -6.48 4.47
CA ALA A 194 -6.46 -6.01 5.46
C ALA A 194 -5.37 -5.16 4.81
N ASP A 195 -4.83 -5.64 3.70
CA ASP A 195 -3.78 -4.91 2.99
C ASP A 195 -4.29 -3.54 2.53
N LYS A 196 -5.45 -3.55 1.87
CA LYS A 196 -6.04 -2.30 1.39
C LYS A 196 -6.33 -1.39 2.58
N LEU A 197 -6.65 -2.00 3.71
CA LEU A 197 -6.95 -1.26 4.92
C LEU A 197 -5.75 -0.45 5.40
N LYS A 198 -4.55 -0.96 5.16
CA LYS A 198 -3.33 -0.28 5.59
C LYS A 198 -3.16 1.07 4.89
N ALA A 199 -3.86 1.26 3.77
CA ALA A 199 -3.76 2.51 3.02
C ALA A 199 -4.92 3.44 3.36
N CYS A 200 -5.82 2.95 4.20
CA CYS A 200 -7.01 3.72 4.61
C CYS A 200 -6.68 4.83 5.61
N PRO A 201 -5.66 4.68 6.40
CA PRO A 201 -5.29 5.71 7.43
C PRO A 201 -5.12 7.09 6.83
N ASP A 202 -4.98 7.16 5.51
CA ASP A 202 -4.84 8.45 4.84
C ASP A 202 -6.10 9.27 5.07
N ALA A 203 -7.11 8.61 5.63
CA ALA A 203 -8.39 9.26 5.92
C ALA A 203 -8.87 8.87 7.31
N ARG A 204 -10.17 8.98 7.53
CA ARG A 204 -10.74 8.60 8.83
C ARG A 204 -11.55 7.32 8.69
N VAL A 205 -11.41 6.43 9.66
CA VAL A 205 -12.13 5.17 9.61
C VAL A 205 -13.07 5.03 10.80
N THR A 206 -14.30 4.62 10.52
CA THR A 206 -15.30 4.43 11.57
C THR A 206 -15.80 3.01 11.58
N ILE A 207 -15.55 2.30 12.68
CA ILE A 207 -15.98 0.92 12.80
C ILE A 207 -17.25 0.83 13.66
N ASN A 208 -18.35 0.45 13.04
CA ASN A 208 -19.62 0.33 13.75
C ASN A 208 -20.07 -1.13 13.82
N GLY A 209 -20.26 -1.62 15.04
CA GLY A 209 -20.70 -3.00 15.23
C GLY A 209 -22.00 -3.04 16.02
N TYR A 210 -22.94 -3.85 15.56
CA TYR A 210 -24.23 -3.98 16.24
C TYR A 210 -24.59 -5.44 16.45
N THR A 211 -25.41 -5.70 17.47
CA THR A 211 -25.83 -7.06 17.77
C THR A 211 -27.34 -7.21 17.62
N ASP A 212 -28.01 -7.54 18.72
CA ASP A 212 -29.46 -7.71 18.70
C ASP A 212 -30.08 -7.01 19.90
N ASN A 213 -30.40 -7.78 20.93
CA ASN A 213 -31.00 -7.22 22.14
C ASN A 213 -31.15 -8.29 23.22
N THR A 214 -32.38 -8.47 23.69
CA THR A 214 -32.66 -9.47 24.72
C THR A 214 -32.05 -9.03 26.05
N GLY A 215 -30.72 -8.95 26.09
CA GLY A 215 -30.03 -8.55 27.31
C GLY A 215 -29.93 -9.71 28.29
N SER A 216 -28.73 -9.97 28.78
CA SER A 216 -28.53 -11.07 29.71
C SER A 216 -28.41 -12.39 28.98
N GLU A 217 -29.54 -12.90 28.52
CA GLU A 217 -29.56 -14.17 27.79
C GLU A 217 -28.70 -14.05 26.54
N GLY A 218 -28.61 -12.84 26.00
CA GLY A 218 -27.82 -12.60 24.80
C GLY A 218 -26.46 -12.03 25.17
N ILE A 219 -26.42 -11.19 26.19
CA ILE A 219 -25.19 -10.57 26.64
C ILE A 219 -24.28 -10.29 25.45
N ASN A 220 -24.89 -10.17 24.28
CA ASN A 220 -24.16 -9.90 23.05
C ASN A 220 -23.58 -8.48 23.01
N ILE A 221 -24.31 -7.52 23.56
CA ILE A 221 -23.85 -6.13 23.54
C ILE A 221 -22.46 -5.95 24.17
N PRO A 222 -22.21 -6.47 25.35
CA PRO A 222 -20.87 -6.32 25.99
C PRO A 222 -19.77 -7.00 25.17
N LEU A 223 -20.09 -8.17 24.63
CA LEU A 223 -19.13 -8.93 23.84
C LEU A 223 -18.80 -8.19 22.55
N SER A 224 -19.79 -7.49 21.99
CA SER A 224 -19.59 -6.74 20.76
C SER A 224 -18.57 -5.62 20.96
N ALA A 225 -18.66 -4.95 22.11
CA ALA A 225 -17.75 -3.85 22.41
C ALA A 225 -16.31 -4.36 22.50
N GLN A 226 -16.13 -5.47 23.22
CA GLN A 226 -14.80 -6.05 23.38
C GLN A 226 -14.28 -6.57 22.05
N ARG A 227 -15.19 -7.07 21.22
CA ARG A 227 -14.81 -7.60 19.91
C ARG A 227 -14.16 -6.51 19.07
N ALA A 228 -14.77 -5.33 19.05
CA ALA A 228 -14.26 -4.22 18.27
C ALA A 228 -12.85 -3.86 18.74
N LYS A 229 -12.61 -3.96 20.04
CA LYS A 229 -11.31 -3.64 20.59
C LYS A 229 -10.26 -4.63 20.08
N ILE A 230 -10.61 -5.91 20.09
CA ILE A 230 -9.69 -6.95 19.63
C ILE A 230 -9.51 -6.86 18.12
N VAL A 231 -10.59 -6.53 17.42
CA VAL A 231 -10.54 -6.41 15.97
C VAL A 231 -9.59 -5.29 15.56
N ALA A 232 -9.65 -4.18 16.27
CA ALA A 232 -8.78 -3.04 15.97
C ALA A 232 -7.32 -3.42 16.15
N ASP A 233 -7.03 -4.18 17.19
CA ASP A 233 -5.67 -4.60 17.47
C ASP A 233 -5.08 -5.39 16.29
N TYR A 234 -5.88 -6.26 15.70
CA TYR A 234 -5.43 -7.06 14.57
C TYR A 234 -5.14 -6.19 13.37
N LEU A 235 -6.05 -5.24 13.09
CA LEU A 235 -5.88 -4.34 11.96
C LEU A 235 -4.59 -3.55 12.11
N VAL A 236 -4.32 -3.10 13.32
CA VAL A 236 -3.11 -2.33 13.60
C VAL A 236 -1.88 -3.15 13.25
N ALA A 237 -1.96 -4.45 13.52
CA ALA A 237 -0.85 -5.35 13.24
C ALA A 237 -0.62 -5.48 11.73
N ARG A 238 -1.65 -5.17 10.95
CA ARG A 238 -1.55 -5.26 9.50
C ARG A 238 -0.98 -3.96 8.93
N GLY A 239 -0.73 -3.00 9.80
CA GLY A 239 -0.18 -1.72 9.37
C GLY A 239 -1.23 -0.61 9.40
N VAL A 240 -2.31 -0.84 10.15
CA VAL A 240 -3.38 0.15 10.25
C VAL A 240 -3.09 1.12 11.38
N ALA A 241 -3.05 2.41 11.06
CA ALA A 241 -2.78 3.44 12.06
C ALA A 241 -3.95 3.56 13.03
N GLY A 242 -3.82 2.93 14.19
CA GLY A 242 -4.87 2.98 15.20
C GLY A 242 -4.99 4.39 15.77
N ASP A 243 -4.42 5.36 15.07
CA ASP A 243 -4.47 6.75 15.52
C ASP A 243 -5.66 7.47 14.90
N HIS A 244 -6.26 6.84 13.89
CA HIS A 244 -7.41 7.45 13.22
C HIS A 244 -8.53 6.42 13.05
N ILE A 245 -8.55 5.42 13.92
CA ILE A 245 -9.57 4.40 13.86
C ILE A 245 -10.43 4.42 15.13
N ALA A 246 -11.74 4.54 14.95
CA ALA A 246 -12.65 4.57 16.08
C ALA A 246 -13.70 3.47 15.97
N THR A 247 -14.10 2.92 17.11
CA THR A 247 -15.10 1.86 17.12
C THR A 247 -16.28 2.25 18.01
N VAL A 248 -17.49 1.95 17.54
CA VAL A 248 -18.69 2.28 18.30
C VAL A 248 -19.66 1.11 18.28
N GLY A 249 -20.02 0.62 19.47
CA GLY A 249 -20.95 -0.50 19.58
C GLY A 249 -22.36 0.00 19.86
N LEU A 250 -23.23 -0.10 18.86
CA LEU A 250 -24.61 0.35 19.02
C LEU A 250 -25.14 -0.01 20.40
N GLY A 251 -25.18 -1.30 20.70
CA GLY A 251 -25.67 -1.78 21.99
C GLY A 251 -27.14 -2.18 21.90
N SER A 252 -27.40 -3.48 21.93
CA SER A 252 -28.77 -3.97 21.86
C SER A 252 -29.57 -3.17 20.86
N VAL A 253 -29.58 -3.59 19.61
CA VAL A 253 -30.33 -2.90 18.57
C VAL A 253 -31.56 -3.69 18.16
N ASN A 254 -32.52 -3.01 17.55
CA ASN A 254 -33.75 -3.66 17.12
C ASN A 254 -33.46 -5.04 16.55
N PRO A 255 -34.40 -5.93 16.62
CA PRO A 255 -34.23 -7.32 16.10
C PRO A 255 -34.15 -7.35 14.57
N ILE A 256 -32.99 -7.76 14.06
CA ILE A 256 -32.79 -7.83 12.62
C ILE A 256 -32.88 -9.28 12.14
N ALA A 257 -32.27 -10.19 12.91
CA ALA A 257 -32.28 -11.60 12.55
C ALA A 257 -32.90 -12.43 13.67
N SER A 258 -33.18 -13.70 13.38
CA SER A 258 -33.78 -14.58 14.38
C SER A 258 -32.71 -15.14 15.30
N ASN A 259 -32.46 -14.44 16.40
CA ASN A 259 -31.45 -14.88 17.37
C ASN A 259 -31.89 -16.19 18.03
N ALA A 260 -33.07 -16.67 17.66
CA ALA A 260 -33.59 -17.91 18.22
C ALA A 260 -32.62 -19.05 17.98
N THR A 261 -31.62 -18.82 17.14
CA THR A 261 -30.63 -19.84 16.83
C THR A 261 -29.24 -19.23 16.77
N PRO A 262 -28.23 -20.03 16.92
CA PRO A 262 -26.81 -19.58 16.89
C PRO A 262 -26.50 -18.81 15.61
N GLU A 263 -27.09 -19.24 14.50
CA GLU A 263 -26.87 -18.58 13.21
C GLU A 263 -27.42 -17.16 13.25
N GLY A 264 -28.47 -16.96 14.03
CA GLY A 264 -29.08 -15.63 14.15
C GLY A 264 -28.10 -14.64 14.76
N ARG A 265 -27.37 -15.09 15.78
CA ARG A 265 -26.40 -14.23 16.44
C ARG A 265 -25.33 -13.76 15.46
N ALA A 266 -24.94 -14.66 14.55
CA ALA A 266 -23.93 -14.33 13.56
C ALA A 266 -24.43 -13.21 12.65
N LYS A 267 -25.72 -13.23 12.34
CA LYS A 267 -26.30 -12.21 11.48
C LYS A 267 -26.43 -10.87 12.24
N ASN A 268 -26.75 -10.95 13.52
CA ASN A 268 -26.91 -9.74 14.32
C ASN A 268 -25.54 -9.14 14.67
N ARG A 269 -24.51 -9.98 14.67
CA ARG A 269 -23.16 -9.51 14.98
C ARG A 269 -22.39 -9.20 13.69
N ARG A 270 -22.59 -7.99 13.17
CA ARG A 270 -21.91 -7.58 11.95
C ARG A 270 -21.10 -6.31 12.18
N VAL A 271 -20.05 -6.13 11.37
CA VAL A 271 -19.20 -4.95 11.49
C VAL A 271 -19.04 -4.28 10.13
N GLU A 272 -18.90 -2.96 10.13
CA GLU A 272 -18.75 -2.22 8.88
C GLU A 272 -17.53 -1.31 8.95
N ILE A 273 -16.66 -1.42 7.94
CA ILE A 273 -15.47 -0.60 7.88
C ILE A 273 -15.65 0.52 6.85
N VAL A 274 -15.72 1.75 7.34
CA VAL A 274 -15.91 2.90 6.46
C VAL A 274 -14.74 3.86 6.55
N VAL A 275 -14.08 4.09 5.42
CA VAL A 275 -12.92 5.00 5.38
C VAL A 275 -13.30 6.32 4.73
N ASN A 276 -12.88 7.43 5.33
CA ASN A 276 -13.18 8.75 4.79
C ASN A 276 -12.13 9.15 3.76
N SER A 25 28.33 2.95 -23.70
CA SER A 25 29.36 3.85 -23.20
C SER A 25 29.62 3.59 -21.72
N ALA A 26 28.74 2.81 -21.09
CA ALA A 26 28.90 2.49 -19.68
C ALA A 26 29.90 1.37 -19.48
N LEU A 27 30.79 1.54 -18.51
CA LEU A 27 31.80 0.52 -18.23
C LEU A 27 31.34 -0.41 -17.11
N SER A 28 31.62 -0.02 -15.87
CA SER A 28 31.23 -0.83 -14.72
C SER A 28 30.52 0.03 -13.69
N LEU A 29 29.32 -0.39 -13.30
CA LEU A 29 28.54 0.36 -12.32
C LEU A 29 28.59 -0.32 -10.96
N SER A 30 28.70 0.48 -9.90
CA SER A 30 28.75 -0.05 -8.55
C SER A 30 27.35 -0.36 -8.04
N LEU A 31 27.26 -1.31 -7.12
CA LEU A 31 25.97 -1.69 -6.56
C LEU A 31 25.24 -0.47 -6.02
N LEU A 32 24.05 -0.21 -6.56
CA LEU A 32 23.26 0.93 -6.12
C LEU A 32 21.87 0.49 -5.67
N SER A 33 21.56 0.74 -4.40
CA SER A 33 20.25 0.37 -3.86
C SER A 33 19.35 1.59 -3.77
N ILE A 34 18.25 1.57 -4.52
CA ILE A 34 17.31 2.69 -4.52
C ILE A 34 15.88 2.19 -4.30
N SER A 35 15.28 2.60 -3.18
CA SER A 35 13.92 2.19 -2.88
C SER A 35 13.09 3.38 -2.41
N ARG A 36 11.93 3.57 -3.02
CA ARG A 36 11.05 4.67 -2.67
C ARG A 36 9.79 4.16 -1.98
N SER A 37 9.45 4.76 -0.85
CA SER A 37 8.27 4.35 -0.11
C SER A 37 7.42 5.58 0.24
N GLY A 38 6.20 5.62 -0.30
CA GLY A 38 5.30 6.74 -0.03
C GLY A 38 6.06 8.06 -0.07
N ASN A 39 5.85 8.88 0.95
CA ASN A 39 6.51 10.18 1.02
C ASN A 39 7.88 10.05 1.67
N THR A 40 8.43 8.83 1.65
CA THR A 40 9.74 8.59 2.23
C THR A 40 10.70 8.03 1.19
N VAL A 41 11.85 8.69 1.04
CA VAL A 41 12.84 8.26 0.06
C VAL A 41 14.05 7.64 0.75
N THR A 42 14.48 6.48 0.27
CA THR A 42 15.64 5.81 0.84
C THR A 42 16.75 5.66 -0.21
N LEU A 43 17.88 6.29 0.04
CA LEU A 43 19.00 6.22 -0.89
C LEU A 43 20.25 5.69 -0.19
N ILE A 44 20.80 4.61 -0.73
CA ILE A 44 21.99 4.00 -0.16
C ILE A 44 22.91 3.50 -1.26
N GLY A 45 24.16 3.96 -1.25
CA GLY A 45 25.12 3.55 -2.26
C GLY A 45 26.37 4.42 -2.22
N ASP A 46 26.93 4.69 -3.39
CA ASP A 46 28.13 5.53 -3.48
C ASP A 46 28.22 6.22 -4.84
N PHE A 47 28.89 7.36 -4.87
CA PHE A 47 29.05 8.11 -6.12
C PHE A 47 30.48 8.64 -6.25
N PRO A 48 30.96 8.79 -7.45
CA PRO A 48 32.33 9.29 -7.72
C PRO A 48 32.46 10.79 -7.44
N ASP A 49 31.33 11.49 -7.43
CA ASP A 49 31.33 12.92 -7.19
C ASP A 49 29.92 13.42 -6.89
N GLU A 50 29.82 14.42 -6.00
CA GLU A 50 28.53 14.98 -5.64
C GLU A 50 27.76 15.40 -6.89
N ALA A 51 28.46 15.41 -8.02
CA ALA A 51 27.84 15.80 -9.28
C ALA A 51 26.68 14.86 -9.61
N ALA A 52 26.88 13.58 -9.36
CA ALA A 52 25.84 12.59 -9.63
C ALA A 52 24.60 12.86 -8.80
N LYS A 53 24.82 13.34 -7.57
CA LYS A 53 23.72 13.64 -6.66
C LYS A 53 22.91 14.83 -7.18
N ALA A 54 23.60 15.80 -7.76
CA ALA A 54 22.93 16.98 -8.29
C ALA A 54 21.89 16.59 -9.33
N ALA A 55 22.30 15.73 -10.27
CA ALA A 55 21.39 15.29 -11.32
C ALA A 55 20.21 14.52 -10.73
N LEU A 56 20.48 13.78 -9.66
CA LEU A 56 19.43 13.00 -9.01
C LEU A 56 18.46 13.91 -8.27
N MET A 57 18.99 14.90 -7.56
CA MET A 57 18.17 15.84 -6.80
C MET A 57 17.18 16.55 -7.73
N THR A 58 17.64 16.91 -8.92
CA THR A 58 16.79 17.60 -9.87
C THR A 58 15.59 16.74 -10.26
N ALA A 59 15.77 15.43 -10.20
CA ALA A 59 14.69 14.52 -10.55
C ALA A 59 13.58 14.56 -9.49
N LEU A 60 13.96 14.82 -8.25
CA LEU A 60 13.00 14.89 -7.16
C LEU A 60 12.40 16.28 -7.04
N ASN A 61 13.07 17.26 -7.66
CA ASN A 61 12.59 18.63 -7.61
C ASN A 61 11.08 18.69 -7.90
N GLY A 62 10.62 17.82 -8.78
CA GLY A 62 9.21 17.79 -9.14
C GLY A 62 8.41 16.97 -8.13
N LEU A 63 9.12 16.15 -7.34
CA LEU A 63 8.47 15.31 -6.35
C LEU A 63 8.49 15.98 -4.98
N LEU A 64 9.56 16.73 -4.72
CA LEU A 64 9.68 17.42 -3.44
C LEU A 64 8.32 17.87 -2.92
N ALA A 65 7.81 17.16 -1.93
CA ALA A 65 6.51 17.49 -1.36
C ALA A 65 6.59 17.53 0.17
N PRO A 66 6.02 18.52 0.79
CA PRO A 66 6.03 18.65 2.28
C PRO A 66 5.75 17.33 2.98
N GLY A 67 6.11 17.25 4.26
CA GLY A 67 5.88 16.04 5.04
C GLY A 67 6.65 14.87 4.46
N VAL A 68 7.59 15.14 3.57
CA VAL A 68 8.38 14.09 2.95
C VAL A 68 9.78 14.02 3.58
N ASN A 69 10.18 12.82 3.98
CA ASN A 69 11.49 12.61 4.59
C ASN A 69 12.48 12.07 3.57
N VAL A 70 13.61 12.76 3.43
CA VAL A 70 14.63 12.34 2.48
C VAL A 70 15.93 12.02 3.20
N ILE A 71 16.47 10.82 2.93
CA ILE A 71 17.71 10.39 3.54
C ILE A 71 18.70 9.94 2.48
N ASP A 72 19.95 10.40 2.60
CA ASP A 72 20.97 10.04 1.63
C ASP A 72 22.14 9.32 2.30
N GLN A 73 22.06 8.00 2.35
CA GLN A 73 23.12 7.20 2.96
C GLN A 73 24.11 6.75 1.89
N ILE A 74 24.57 7.71 1.08
CA ILE A 74 25.52 7.41 0.02
C ILE A 74 26.92 7.89 0.40
N HIS A 75 27.90 7.01 0.25
CA HIS A 75 29.28 7.36 0.58
C HIS A 75 30.01 7.86 -0.67
N VAL A 76 30.92 8.81 -0.49
CA VAL A 76 31.67 9.35 -1.62
C VAL A 76 33.05 8.72 -1.70
N ASP A 77 33.33 8.06 -2.82
CA ASP A 77 34.63 7.42 -3.01
C ASP A 77 35.14 7.67 -4.43
N PRO A 78 36.37 8.11 -4.56
CA PRO A 78 36.97 8.40 -5.90
C PRO A 78 37.36 7.11 -6.64
N VAL A 79 36.49 6.11 -6.56
CA VAL A 79 36.75 4.83 -7.23
C VAL A 79 35.45 4.19 -7.70
N VAL A 80 34.39 4.37 -6.94
CA VAL A 80 33.09 3.81 -7.28
C VAL A 80 32.54 4.47 -8.55
N ARG A 81 31.54 3.84 -9.15
CA ARG A 81 30.92 4.38 -10.36
C ARG A 81 29.46 4.73 -10.09
N SER A 82 28.91 5.62 -10.91
CA SER A 82 27.53 6.04 -10.75
C SER A 82 26.74 5.84 -12.04
N LEU A 83 25.43 5.70 -11.92
CA LEU A 83 24.56 5.52 -13.08
C LEU A 83 24.33 6.85 -13.79
N ASP A 84 24.53 6.86 -15.10
CA ASP A 84 24.35 8.08 -15.88
C ASP A 84 22.89 8.52 -15.86
N PHE A 85 22.68 9.82 -15.64
CA PHE A 85 21.34 10.37 -15.59
C PHE A 85 21.17 11.44 -16.66
N SER A 86 22.18 11.59 -17.50
CA SER A 86 22.14 12.56 -18.59
C SER A 86 20.73 12.91 -18.96
N SER A 87 20.00 11.92 -19.50
CA SER A 87 18.63 12.14 -19.92
C SER A 87 17.69 11.15 -19.22
N ALA A 88 17.85 11.01 -17.91
CA ALA A 88 17.00 10.10 -17.14
C ALA A 88 15.81 10.85 -16.55
N GLU A 89 15.82 12.17 -16.68
CA GLU A 89 14.74 12.99 -16.16
C GLU A 89 13.38 12.43 -16.58
N PRO A 90 13.23 12.13 -17.84
CA PRO A 90 11.96 11.57 -18.40
C PRO A 90 11.53 10.30 -17.68
N VAL A 91 12.49 9.43 -17.40
CA VAL A 91 12.20 8.17 -16.71
C VAL A 91 11.58 8.44 -15.34
N PHE A 92 12.18 9.37 -14.60
CA PHE A 92 11.67 9.71 -13.28
C PHE A 92 10.28 10.33 -13.37
N THR A 93 10.09 11.20 -14.36
CA THR A 93 8.80 11.85 -14.55
C THR A 93 7.74 10.84 -14.94
N ALA A 94 8.12 9.90 -15.79
CA ALA A 94 7.18 8.87 -16.24
C ALA A 94 6.88 7.89 -15.11
N SER A 95 7.75 7.87 -14.10
CA SER A 95 7.57 6.98 -12.96
C SER A 95 7.09 7.76 -11.74
N VAL A 96 6.88 9.07 -11.92
CA VAL A 96 6.42 9.91 -10.83
C VAL A 96 5.02 9.48 -10.37
N PRO A 97 4.17 9.17 -11.31
CA PRO A 97 2.77 8.74 -11.00
C PRO A 97 2.75 7.58 -10.00
N ILE A 98 3.92 7.04 -9.70
CA ILE A 98 4.03 5.93 -8.76
C ILE A 98 4.97 6.30 -7.62
N PRO A 99 4.43 6.65 -6.47
CA PRO A 99 5.26 7.02 -5.29
C PRO A 99 5.89 5.80 -4.62
N ASP A 100 5.96 4.71 -5.37
CA ASP A 100 6.54 3.47 -4.85
C ASP A 100 7.26 2.70 -5.95
N PHE A 101 8.48 3.13 -6.26
CA PHE A 101 9.27 2.47 -7.30
C PHE A 101 10.62 2.05 -6.74
N GLY A 102 11.08 0.86 -7.13
CA GLY A 102 12.36 0.36 -6.65
C GLY A 102 13.32 0.14 -7.81
N LEU A 103 14.48 0.78 -7.74
CA LEU A 103 15.49 0.65 -8.78
C LEU A 103 16.78 0.07 -8.22
N LYS A 104 17.27 -0.99 -8.85
CA LYS A 104 18.49 -1.64 -8.40
C LYS A 104 19.50 -1.73 -9.53
N VAL A 105 20.71 -1.23 -9.29
CA VAL A 105 21.75 -1.27 -10.32
C VAL A 105 22.96 -2.07 -9.83
N GLU A 106 23.39 -3.03 -10.65
CA GLU A 106 24.54 -3.85 -10.29
C GLU A 106 25.41 -4.10 -11.53
N ARG A 107 26.30 -3.16 -11.83
CA ARG A 107 27.16 -3.29 -12.99
C ARG A 107 26.34 -3.39 -14.27
N ASP A 108 26.78 -4.23 -15.19
CA ASP A 108 26.07 -4.40 -16.45
C ASP A 108 24.72 -5.10 -16.21
N THR A 109 24.18 -4.93 -15.01
CA THR A 109 22.90 -5.55 -14.67
C THR A 109 22.03 -4.58 -13.87
N VAL A 110 20.79 -4.42 -14.30
CA VAL A 110 19.85 -3.53 -13.63
C VAL A 110 18.52 -4.23 -13.40
N THR A 111 17.97 -4.09 -12.20
CA THR A 111 16.70 -4.74 -11.87
C THR A 111 15.75 -3.74 -11.22
N LEU A 112 14.51 -3.71 -11.72
CA LEU A 112 13.50 -2.81 -11.18
C LEU A 112 12.38 -3.60 -10.51
N THR A 113 12.12 -3.31 -9.24
CA THR A 113 11.08 -4.00 -8.51
C THR A 113 10.11 -3.00 -7.88
N GLY A 114 8.86 -3.41 -7.75
CA GLY A 114 7.84 -2.56 -7.16
C GLY A 114 6.47 -2.85 -7.77
N THR A 115 5.41 -2.47 -7.05
CA THR A 115 4.06 -2.71 -7.54
C THR A 115 3.49 -1.46 -8.21
N ALA A 116 2.84 -1.66 -9.35
CA ALA A 116 2.26 -0.53 -10.08
C ALA A 116 0.73 -0.67 -10.15
N PRO A 117 0.02 0.41 -10.00
CA PRO A 117 -1.47 0.41 -10.06
C PRO A 117 -1.99 0.22 -11.48
N SER A 118 -1.23 0.71 -12.45
CA SER A 118 -1.62 0.60 -13.86
C SER A 118 -0.54 -0.13 -14.65
N SER A 119 -0.96 -1.16 -15.38
CA SER A 119 -0.02 -1.95 -16.19
C SER A 119 0.58 -1.09 -17.30
N GLU A 120 -0.19 -0.13 -17.77
CA GLU A 120 0.28 0.76 -18.84
C GLU A 120 1.54 1.51 -18.40
N HIS A 121 1.59 1.87 -17.13
CA HIS A 121 2.73 2.60 -16.60
C HIS A 121 4.01 1.76 -16.69
N LYS A 122 3.87 0.46 -16.45
CA LYS A 122 5.01 -0.45 -16.51
C LYS A 122 5.58 -0.52 -17.92
N ASP A 123 4.70 -0.50 -18.92
CA ASP A 123 5.13 -0.57 -20.31
C ASP A 123 5.91 0.68 -20.70
N ALA A 124 5.37 1.84 -20.35
CA ALA A 124 6.03 3.10 -20.69
C ALA A 124 7.37 3.23 -19.98
N VAL A 125 7.44 2.77 -18.73
CA VAL A 125 8.67 2.85 -17.96
C VAL A 125 9.70 1.86 -18.49
N LYS A 126 9.25 0.65 -18.83
CA LYS A 126 10.15 -0.37 -19.34
C LYS A 126 10.86 0.12 -20.60
N ARG A 127 10.09 0.63 -21.56
CA ARG A 127 10.65 1.13 -22.79
C ARG A 127 11.59 2.30 -22.50
N ALA A 128 11.13 3.22 -21.65
CA ALA A 128 11.94 4.37 -21.28
C ALA A 128 13.20 3.91 -20.57
N ALA A 129 13.09 2.83 -19.82
CA ALA A 129 14.23 2.29 -19.08
C ALA A 129 15.22 1.65 -20.04
N THR A 130 14.69 0.92 -21.03
CA THR A 130 15.53 0.25 -22.02
C THR A 130 16.22 1.29 -22.89
N SER A 131 15.53 2.38 -23.18
CA SER A 131 16.08 3.44 -24.02
C SER A 131 17.16 4.20 -23.25
N THR A 132 16.89 4.50 -21.99
CA THR A 132 17.85 5.23 -21.15
C THR A 132 19.03 4.34 -20.78
N TRP A 133 18.73 3.10 -20.39
CA TRP A 133 19.77 2.15 -20.01
C TRP A 133 19.62 0.86 -20.81
N PRO A 134 20.05 0.88 -22.05
CA PRO A 134 19.96 -0.31 -22.96
C PRO A 134 20.85 -1.46 -22.49
N ASP A 135 21.35 -1.36 -21.26
CA ASP A 135 22.21 -2.41 -20.72
C ASP A 135 21.83 -3.77 -21.29
N MET A 136 20.53 -3.96 -21.52
CA MET A 136 20.05 -5.23 -22.06
C MET A 136 19.78 -6.21 -20.94
N LYS A 137 20.52 -6.08 -19.84
CA LYS A 137 20.35 -6.97 -18.70
C LYS A 137 19.37 -6.38 -17.70
N ILE A 138 18.11 -6.21 -18.13
CA ILE A 138 17.09 -5.65 -17.26
C ILE A 138 16.19 -6.76 -16.70
N VAL A 139 16.14 -6.85 -15.37
CA VAL A 139 15.31 -7.86 -14.73
C VAL A 139 14.00 -7.23 -14.24
N ASN A 140 12.88 -7.80 -14.66
CA ASN A 140 11.58 -7.29 -14.26
C ASN A 140 11.08 -7.98 -13.00
N ASN A 141 10.78 -7.20 -11.98
CA ASN A 141 10.29 -7.75 -10.72
C ASN A 141 9.13 -6.91 -10.19
N ILE A 142 8.22 -6.55 -11.10
CA ILE A 142 7.05 -5.75 -10.72
C ILE A 142 5.89 -6.65 -10.30
N GLU A 143 5.28 -6.30 -9.17
CA GLU A 143 4.14 -7.08 -8.67
C GLU A 143 2.84 -6.36 -8.97
N VAL A 144 1.76 -7.13 -9.16
CA VAL A 144 0.46 -6.57 -9.46
C VAL A 144 -0.47 -6.74 -8.26
N THR A 145 -0.77 -5.63 -7.58
CA THR A 145 -1.65 -5.67 -6.42
C THR A 145 -2.99 -5.01 -6.73
N GLY A 146 -2.94 -3.93 -7.51
CA GLY A 146 -4.15 -3.22 -7.88
C GLY A 146 -4.32 -3.17 -9.40
N GLN A 147 -3.36 -3.71 -10.11
CA GLN A 147 -3.41 -3.72 -11.58
C GLN A 147 -4.72 -4.34 -12.05
N ALA A 148 -5.25 -3.85 -13.17
CA ALA A 148 -6.50 -4.36 -13.71
C ALA A 148 -6.46 -4.34 -15.24
N PRO A 149 -7.39 -5.02 -15.86
CA PRO A 149 -7.49 -5.09 -17.34
C PRO A 149 -7.23 -3.73 -18.00
N PRO A 150 -6.95 -3.74 -19.27
CA PRO A 150 -6.67 -2.48 -20.04
C PRO A 150 -7.65 -1.37 -19.68
N GLY A 151 -7.31 -0.60 -18.66
CA GLY A 151 -8.16 0.50 -18.23
C GLY A 151 -7.34 1.62 -17.61
N PRO A 152 -7.22 2.75 -18.28
CA PRO A 152 -6.43 3.90 -17.77
C PRO A 152 -6.83 4.29 -16.35
N PRO A 153 -8.11 4.32 -16.06
CA PRO A 153 -8.62 4.69 -14.71
C PRO A 153 -8.10 3.75 -13.62
N ALA A 154 -7.15 2.90 -13.99
CA ALA A 154 -6.58 1.95 -13.03
C ALA A 154 -5.21 2.41 -12.57
N SER A 155 -5.12 3.66 -12.14
CA SER A 155 -3.85 4.21 -11.65
C SER A 155 -3.97 4.62 -10.20
N GLY A 156 -4.95 4.05 -9.50
CA GLY A 156 -5.16 4.36 -8.09
C GLY A 156 -5.37 5.86 -7.89
N PRO A 157 -6.33 6.42 -8.59
CA PRO A 157 -6.65 7.87 -8.48
C PRO A 157 -6.74 8.32 -7.03
N CYS A 158 -6.67 7.37 -6.11
CA CYS A 158 -6.75 7.69 -4.68
C CYS A 158 -7.90 8.66 -4.43
N ALA A 159 -9.04 8.39 -5.05
CA ALA A 159 -10.21 9.25 -4.90
C ALA A 159 -10.91 8.98 -3.57
N ASP A 160 -12.15 9.45 -3.46
CA ASP A 160 -12.93 9.26 -2.23
C ASP A 160 -13.75 7.98 -2.32
N LEU A 161 -13.08 6.86 -2.56
CA LEU A 161 -13.76 5.57 -2.66
C LEU A 161 -14.53 5.26 -1.37
N GLN A 162 -14.01 5.77 -0.25
CA GLN A 162 -14.65 5.53 1.04
C GLN A 162 -16.12 5.93 0.99
N SER A 163 -16.43 6.97 0.23
CA SER A 163 -17.82 7.40 0.08
C SER A 163 -18.63 6.35 -0.64
N ALA A 164 -17.97 5.70 -1.60
CA ALA A 164 -18.61 4.65 -2.38
C ALA A 164 -18.77 3.38 -1.55
N ILE A 165 -17.83 3.16 -0.64
CA ILE A 165 -17.86 1.97 0.21
C ILE A 165 -19.18 1.90 0.97
N ASN A 166 -19.70 3.05 1.38
CA ASN A 166 -20.96 3.08 2.10
C ASN A 166 -22.03 2.34 1.31
N ALA A 167 -22.06 2.59 0.01
CA ALA A 167 -23.03 1.93 -0.88
C ALA A 167 -22.62 0.49 -1.13
N VAL A 168 -21.31 0.22 -1.07
CA VAL A 168 -20.81 -1.13 -1.30
C VAL A 168 -21.44 -2.10 -0.29
N THR A 169 -21.39 -1.73 0.99
CA THR A 169 -21.95 -2.58 2.03
C THR A 169 -23.29 -2.02 2.51
N GLY A 170 -23.60 -0.81 2.09
CA GLY A 170 -24.85 -0.17 2.47
C GLY A 170 -24.88 0.13 3.97
N GLY A 171 -24.28 -0.76 4.75
CA GLY A 171 -24.25 -0.59 6.20
C GLY A 171 -23.37 -1.66 6.86
N PRO A 172 -23.23 -1.60 8.15
CA PRO A 172 -22.41 -2.58 8.92
C PRO A 172 -23.05 -3.97 8.93
N ILE A 173 -22.22 -5.00 9.09
CA ILE A 173 -22.71 -6.37 9.11
C ILE A 173 -21.96 -7.19 10.15
N ALA A 174 -21.68 -8.44 9.83
CA ALA A 174 -20.97 -9.32 10.74
C ALA A 174 -20.83 -10.72 10.16
N PHE A 175 -19.64 -11.04 9.69
CA PHE A 175 -19.39 -12.35 9.09
C PHE A 175 -19.73 -13.46 10.08
N GLY A 176 -21.01 -13.68 10.29
CA GLY A 176 -21.46 -14.72 11.22
C GLY A 176 -22.97 -14.93 11.11
N ASN A 177 -23.74 -13.88 11.37
CA ASN A 177 -25.18 -13.96 11.30
C ASN A 177 -25.62 -14.77 10.08
N ASP A 178 -25.40 -14.21 8.89
CA ASP A 178 -25.77 -14.88 7.66
C ASP A 178 -25.16 -14.18 6.46
N GLY A 179 -25.92 -14.11 5.37
CA GLY A 179 -25.44 -13.46 4.15
C GLY A 179 -24.69 -14.45 3.27
N ALA A 180 -24.16 -13.95 2.15
CA ALA A 180 -23.42 -14.80 1.23
C ALA A 180 -24.07 -16.16 1.11
N SER A 181 -25.16 -16.23 0.33
CA SER A 181 -25.87 -17.49 0.13
C SER A 181 -25.73 -17.96 -1.31
N LEU A 182 -26.07 -17.09 -2.25
CA LEU A 182 -25.97 -17.43 -3.67
C LEU A 182 -24.71 -16.81 -4.26
N ILE A 183 -23.70 -16.62 -3.44
CA ILE A 183 -22.44 -16.03 -3.90
C ILE A 183 -21.25 -16.80 -3.32
N PRO A 184 -21.12 -18.04 -3.68
CA PRO A 184 -20.01 -18.91 -3.22
C PRO A 184 -18.68 -18.53 -3.86
N ALA A 185 -17.93 -17.66 -3.19
CA ALA A 185 -16.64 -17.22 -3.72
C ALA A 185 -16.09 -16.07 -2.88
N ASP A 186 -14.87 -16.23 -2.39
CA ASP A 186 -14.24 -15.19 -1.58
C ASP A 186 -13.40 -14.26 -2.46
N TYR A 187 -13.86 -13.03 -2.63
CA TYR A 187 -13.15 -12.06 -3.45
C TYR A 187 -13.80 -10.68 -3.35
N GLU A 188 -15.11 -10.67 -3.15
CA GLU A 188 -15.84 -9.42 -3.05
C GLU A 188 -15.33 -8.57 -1.88
N ILE A 189 -15.00 -9.23 -0.78
CA ILE A 189 -14.50 -8.52 0.40
C ILE A 189 -13.08 -8.02 0.17
N LEU A 190 -12.25 -8.85 -0.45
CA LEU A 190 -10.86 -8.47 -0.72
C LEU A 190 -10.81 -7.30 -1.70
N ASN A 191 -11.56 -7.41 -2.79
CA ASN A 191 -11.59 -6.37 -3.80
C ASN A 191 -12.27 -5.12 -3.24
N ARG A 192 -13.22 -5.32 -2.34
CA ARG A 192 -13.95 -4.22 -1.75
C ARG A 192 -13.02 -3.28 -0.97
N VAL A 193 -12.12 -3.85 -0.17
CA VAL A 193 -11.19 -3.03 0.60
C VAL A 193 -10.27 -2.23 -0.31
N ALA A 194 -9.87 -2.83 -1.43
CA ALA A 194 -8.99 -2.15 -2.37
C ALA A 194 -9.62 -0.84 -2.81
N ASP A 195 -10.89 -0.90 -3.16
CA ASP A 195 -11.61 0.29 -3.58
C ASP A 195 -11.51 1.36 -2.50
N LYS A 196 -11.80 0.96 -1.26
CA LYS A 196 -11.71 1.87 -0.13
C LYS A 196 -10.28 2.36 0.03
N LEU A 197 -9.32 1.50 -0.34
CA LEU A 197 -7.91 1.84 -0.23
C LEU A 197 -7.63 3.17 -0.93
N LYS A 198 -8.37 3.44 -1.99
CA LYS A 198 -8.19 4.69 -2.71
C LYS A 198 -8.49 5.86 -1.79
N ALA A 199 -9.06 5.54 -0.63
CA ALA A 199 -9.38 6.54 0.37
C ALA A 199 -8.10 7.12 0.96
N CYS A 200 -6.98 6.80 0.31
CA CYS A 200 -5.68 7.25 0.76
C CYS A 200 -5.71 8.70 1.27
N PRO A 201 -6.31 9.60 0.54
CA PRO A 201 -6.38 11.03 0.96
C PRO A 201 -7.01 11.16 2.36
N ASP A 202 -7.61 10.08 2.82
CA ASP A 202 -8.22 10.03 4.14
C ASP A 202 -8.39 8.59 4.60
N ALA A 203 -7.47 7.74 4.13
CA ALA A 203 -7.51 6.32 4.46
C ALA A 203 -7.51 6.09 5.97
N ARG A 204 -8.60 6.48 6.63
CA ARG A 204 -8.74 6.29 8.06
C ARG A 204 -9.89 5.33 8.33
N VAL A 205 -9.68 4.38 9.23
CA VAL A 205 -10.73 3.41 9.53
C VAL A 205 -10.79 3.08 11.02
N THR A 206 -12.01 3.05 11.54
CA THR A 206 -12.24 2.72 12.94
C THR A 206 -13.16 1.53 13.07
N ILE A 207 -12.68 0.46 13.69
CA ILE A 207 -13.47 -0.75 13.85
C ILE A 207 -14.06 -0.84 15.26
N ASN A 208 -15.37 -1.04 15.33
CA ASN A 208 -16.04 -1.15 16.62
C ASN A 208 -16.71 -2.53 16.74
N GLY A 209 -16.34 -3.27 17.77
CA GLY A 209 -16.90 -4.60 17.98
C GLY A 209 -17.82 -4.62 19.20
N TYR A 210 -18.88 -5.42 19.11
CA TYR A 210 -19.83 -5.53 20.22
C TYR A 210 -20.16 -7.00 20.48
N THR A 211 -20.47 -7.32 21.74
CA THR A 211 -20.80 -8.69 22.10
C THR A 211 -21.52 -8.73 23.45
N ASP A 212 -21.74 -9.93 23.96
CA ASP A 212 -22.41 -10.10 25.24
C ASP A 212 -21.40 -10.17 26.38
N ASN A 213 -21.85 -10.64 27.54
CA ASN A 213 -20.97 -10.74 28.70
C ASN A 213 -20.98 -12.17 29.25
N THR A 214 -21.45 -12.33 30.48
CA THR A 214 -21.52 -13.64 31.10
C THR A 214 -20.12 -14.16 31.39
N GLY A 215 -19.16 -13.76 30.57
CA GLY A 215 -17.78 -14.19 30.75
C GLY A 215 -17.68 -15.71 30.72
N SER A 216 -16.54 -16.22 30.27
CA SER A 216 -16.35 -17.67 30.21
C SER A 216 -17.40 -18.31 29.33
N GLU A 217 -18.64 -18.33 29.84
CA GLU A 217 -19.75 -18.92 29.09
C GLU A 217 -19.87 -18.24 27.73
N GLY A 218 -19.63 -16.93 27.70
CA GLY A 218 -19.70 -16.18 26.46
C GLY A 218 -18.33 -16.09 25.80
N ILE A 219 -17.31 -15.74 26.59
CA ILE A 219 -15.96 -15.62 26.07
C ILE A 219 -15.97 -15.10 24.65
N ASN A 220 -17.04 -14.40 24.29
CA ASN A 220 -17.20 -13.83 22.97
C ASN A 220 -16.22 -12.69 22.71
N ILE A 221 -15.85 -11.96 23.76
CA ILE A 221 -14.95 -10.82 23.61
C ILE A 221 -13.65 -11.19 22.92
N PRO A 222 -12.95 -12.20 23.38
CA PRO A 222 -11.67 -12.63 22.76
C PRO A 222 -11.87 -13.07 21.30
N LEU A 223 -13.00 -13.70 21.03
CA LEU A 223 -13.31 -14.17 19.69
C LEU A 223 -13.55 -12.98 18.76
N SER A 224 -14.36 -12.03 19.23
CA SER A 224 -14.67 -10.85 18.44
C SER A 224 -13.41 -10.00 18.22
N ALA A 225 -12.59 -9.89 19.25
CA ALA A 225 -11.37 -9.11 19.16
C ALA A 225 -10.41 -9.73 18.16
N GLN A 226 -10.31 -11.06 18.19
CA GLN A 226 -9.44 -11.78 17.27
C GLN A 226 -9.90 -11.58 15.83
N ARG A 227 -11.22 -11.55 15.64
CA ARG A 227 -11.78 -11.37 14.31
C ARG A 227 -11.38 -10.01 13.74
N ALA A 228 -11.29 -9.01 14.61
CA ALA A 228 -10.91 -7.67 14.18
C ALA A 228 -9.45 -7.63 13.72
N LYS A 229 -8.62 -8.48 14.30
CA LYS A 229 -7.20 -8.52 13.96
C LYS A 229 -6.97 -9.17 12.59
N ILE A 230 -7.59 -10.32 12.37
CA ILE A 230 -7.43 -11.03 11.09
C ILE A 230 -7.91 -10.18 9.93
N VAL A 231 -9.06 -9.53 10.08
CA VAL A 231 -9.61 -8.69 9.03
C VAL A 231 -8.67 -7.54 8.71
N ALA A 232 -8.08 -6.96 9.75
CA ALA A 232 -7.16 -5.84 9.57
C ALA A 232 -5.98 -6.25 8.70
N ASP A 233 -5.49 -7.48 8.90
CA ASP A 233 -4.36 -7.98 8.13
C ASP A 233 -4.67 -7.94 6.63
N TYR A 234 -5.84 -8.43 6.26
CA TYR A 234 -6.25 -8.45 4.85
C TYR A 234 -6.21 -7.05 4.27
N LEU A 235 -6.64 -6.06 5.05
CA LEU A 235 -6.66 -4.68 4.58
C LEU A 235 -5.25 -4.21 4.25
N VAL A 236 -4.30 -4.57 5.11
CA VAL A 236 -2.90 -4.19 4.90
C VAL A 236 -2.35 -4.84 3.63
N ALA A 237 -2.77 -6.07 3.36
CA ALA A 237 -2.32 -6.80 2.19
C ALA A 237 -2.79 -6.11 0.91
N ARG A 238 -3.87 -5.35 1.00
CA ARG A 238 -4.42 -4.65 -0.15
C ARG A 238 -3.66 -3.35 -0.38
N GLY A 239 -2.72 -3.06 0.52
CA GLY A 239 -1.95 -1.83 0.40
C GLY A 239 -2.37 -0.80 1.43
N VAL A 240 -3.20 -1.21 2.39
CA VAL A 240 -3.68 -0.30 3.42
C VAL A 240 -2.61 -0.11 4.50
N ALA A 241 -2.30 1.15 4.80
CA ALA A 241 -1.29 1.44 5.81
C ALA A 241 -1.81 1.13 7.21
N GLY A 242 -1.47 -0.06 7.70
CA GLY A 242 -1.91 -0.49 9.02
C GLY A 242 -1.64 0.61 10.05
N ASP A 243 -0.92 1.64 9.64
CA ASP A 243 -0.60 2.75 10.54
C ASP A 243 -1.82 3.64 10.75
N HIS A 244 -2.88 3.37 10.00
CA HIS A 244 -4.10 4.15 10.11
C HIS A 244 -5.30 3.24 10.39
N ILE A 245 -5.03 2.10 11.03
CA ILE A 245 -6.09 1.16 11.35
C ILE A 245 -6.21 1.00 12.87
N ALA A 246 -7.44 1.08 13.36
CA ALA A 246 -7.69 0.93 14.79
C ALA A 246 -8.76 -0.13 15.04
N THR A 247 -8.55 -0.94 16.07
CA THR A 247 -9.51 -2.00 16.38
C THR A 247 -9.77 -2.05 17.89
N VAL A 248 -11.05 -2.00 18.26
CA VAL A 248 -11.43 -2.06 19.67
C VAL A 248 -12.77 -2.78 19.82
N GLY A 249 -12.87 -3.58 20.88
CA GLY A 249 -14.10 -4.33 21.13
C GLY A 249 -14.64 -4.05 22.53
N LEU A 250 -15.84 -3.49 22.59
CA LEU A 250 -16.46 -3.17 23.87
C LEU A 250 -17.77 -3.93 24.03
N GLY A 251 -17.69 -5.26 23.99
CA GLY A 251 -18.88 -6.09 24.13
C GLY A 251 -19.31 -6.18 25.60
N SER A 252 -18.89 -7.25 26.26
CA SER A 252 -19.22 -7.44 27.66
C SER A 252 -19.22 -6.12 28.40
N VAL A 253 -18.38 -5.20 27.93
CA VAL A 253 -18.27 -3.89 28.57
C VAL A 253 -19.59 -3.15 28.51
N ASN A 254 -20.22 -3.14 27.34
CA ASN A 254 -21.49 -2.47 27.17
C ASN A 254 -22.43 -3.31 26.28
N PRO A 255 -23.14 -4.21 26.86
CA PRO A 255 -24.09 -5.10 26.13
C PRO A 255 -25.15 -4.30 25.37
N ILE A 256 -25.82 -4.96 24.42
CA ILE A 256 -26.85 -4.31 23.63
C ILE A 256 -28.06 -5.22 23.48
N ALA A 257 -27.83 -6.53 23.65
CA ALA A 257 -28.91 -7.49 23.53
C ALA A 257 -29.07 -8.26 24.84
N SER A 258 -30.29 -8.73 25.10
CA SER A 258 -30.55 -9.48 26.33
C SER A 258 -29.54 -10.60 26.50
N ASN A 259 -29.84 -11.54 27.41
CA ASN A 259 -28.94 -12.66 27.66
C ASN A 259 -29.71 -13.84 28.23
N ALA A 260 -30.80 -14.21 27.56
CA ALA A 260 -31.61 -15.34 28.01
C ALA A 260 -31.86 -16.31 26.87
N THR A 261 -31.36 -15.97 25.68
CA THR A 261 -31.54 -16.82 24.51
C THR A 261 -30.31 -16.70 23.60
N PRO A 262 -29.99 -17.77 22.90
CA PRO A 262 -28.83 -17.80 21.97
C PRO A 262 -28.90 -16.69 20.93
N GLU A 263 -30.12 -16.31 20.56
CA GLU A 263 -30.31 -15.25 19.58
C GLU A 263 -29.77 -13.93 20.12
N GLY A 264 -29.91 -13.74 21.43
CA GLY A 264 -29.42 -12.51 22.06
C GLY A 264 -27.92 -12.37 21.87
N ARG A 265 -27.19 -13.45 22.08
CA ARG A 265 -25.75 -13.44 21.93
C ARG A 265 -25.38 -13.19 20.47
N ALA A 266 -26.07 -13.86 19.57
CA ALA A 266 -25.82 -13.70 18.14
C ALA A 266 -26.17 -12.28 17.70
N LYS A 267 -27.28 -11.77 18.22
CA LYS A 267 -27.73 -10.43 17.88
C LYS A 267 -26.71 -9.40 18.39
N ASN A 268 -26.09 -9.71 19.53
CA ASN A 268 -25.10 -8.81 20.11
C ASN A 268 -23.79 -8.90 19.35
N ARG A 269 -23.55 -10.02 18.69
CA ARG A 269 -22.33 -10.21 17.92
C ARG A 269 -22.35 -9.34 16.68
N ARG A 270 -22.07 -8.05 16.85
CA ARG A 270 -22.07 -7.12 15.74
C ARG A 270 -20.72 -6.43 15.60
N VAL A 271 -20.37 -6.06 14.37
CA VAL A 271 -19.10 -5.40 14.11
C VAL A 271 -19.34 -4.14 13.27
N GLU A 272 -18.49 -3.13 13.46
CA GLU A 272 -18.65 -1.89 12.71
C GLU A 272 -17.35 -1.54 11.98
N ILE A 273 -17.48 -1.20 10.70
CA ILE A 273 -16.33 -0.84 9.88
C ILE A 273 -16.62 0.45 9.12
N VAL A 274 -15.95 1.52 9.50
CA VAL A 274 -16.16 2.81 8.84
C VAL A 274 -14.83 3.43 8.40
N VAL A 275 -14.70 3.65 7.09
CA VAL A 275 -13.46 4.24 6.56
C VAL A 275 -13.72 5.68 6.11
N ASN A 276 -12.85 6.58 6.55
CA ASN A 276 -12.98 7.99 6.19
C ASN A 276 -12.35 8.25 4.83
N SER A 25 26.67 2.12 -21.59
CA SER A 25 27.85 1.28 -21.53
C SER A 25 28.96 1.85 -22.42
N ALA A 26 28.99 3.16 -22.53
CA ALA A 26 30.01 3.82 -23.35
C ALA A 26 31.37 3.22 -23.08
N LEU A 27 31.46 2.38 -22.05
CA LEU A 27 32.72 1.73 -21.69
C LEU A 27 32.52 0.80 -20.51
N SER A 28 32.05 1.36 -19.41
CA SER A 28 31.82 0.57 -18.20
C SER A 28 31.30 1.46 -17.07
N LEU A 29 30.05 1.26 -16.70
CA LEU A 29 29.44 2.05 -15.63
C LEU A 29 29.77 1.46 -14.27
N SER A 30 29.89 2.33 -13.27
CA SER A 30 30.20 1.88 -11.91
C SER A 30 28.95 1.36 -11.21
N LEU A 31 29.14 0.56 -10.17
CA LEU A 31 28.03 0.00 -9.43
C LEU A 31 27.22 1.11 -8.75
N LEU A 32 25.95 1.20 -9.12
CA LEU A 32 25.07 2.21 -8.55
C LEU A 32 23.78 1.56 -8.03
N SER A 33 23.41 1.89 -6.79
CA SER A 33 22.21 1.32 -6.20
C SER A 33 21.27 2.41 -5.70
N ILE A 34 20.06 2.42 -6.23
CA ILE A 34 19.06 3.41 -5.82
C ILE A 34 17.80 2.71 -5.32
N SER A 35 17.43 3.00 -4.08
CA SER A 35 16.24 2.38 -3.49
C SER A 35 15.35 3.43 -2.82
N ARG A 36 14.07 3.43 -3.19
CA ARG A 36 13.12 4.38 -2.62
C ARG A 36 12.07 3.64 -1.79
N SER A 37 11.69 4.23 -0.67
CA SER A 37 10.70 3.61 0.21
C SER A 37 9.78 4.67 0.82
N GLY A 38 8.48 4.47 0.65
CA GLY A 38 7.49 5.40 1.20
C GLY A 38 7.80 6.84 0.76
N ASN A 39 7.92 7.73 1.75
CA ASN A 39 8.19 9.13 1.45
C ASN A 39 9.67 9.44 1.64
N THR A 40 10.50 8.40 1.63
CA THR A 40 11.93 8.57 1.79
C THR A 40 12.69 7.93 0.62
N VAL A 41 13.67 8.66 0.10
CA VAL A 41 14.47 8.16 -1.02
C VAL A 41 15.91 7.96 -0.59
N THR A 42 16.41 6.73 -0.74
CA THR A 42 17.78 6.42 -0.36
C THR A 42 18.66 6.22 -1.60
N LEU A 43 19.70 7.05 -1.71
CA LEU A 43 20.62 6.95 -2.84
C LEU A 43 22.05 6.76 -2.35
N ILE A 44 22.73 5.79 -2.94
CA ILE A 44 24.11 5.50 -2.55
C ILE A 44 24.96 5.15 -3.77
N GLY A 45 26.10 5.81 -3.91
CA GLY A 45 26.99 5.54 -5.03
C GLY A 45 28.04 6.64 -5.18
N ASP A 46 28.50 6.84 -6.41
CA ASP A 46 29.51 7.86 -6.68
C ASP A 46 29.41 8.33 -8.14
N PHE A 47 29.86 9.55 -8.40
CA PHE A 47 29.82 10.09 -9.75
C PHE A 47 31.18 10.58 -10.19
N PRO A 48 31.40 10.69 -11.47
CA PRO A 48 32.70 11.16 -12.04
C PRO A 48 32.93 12.64 -11.78
N ASP A 49 31.84 13.39 -11.59
CA ASP A 49 31.94 14.82 -11.33
C ASP A 49 30.69 15.32 -10.63
N GLU A 50 30.61 16.64 -10.46
CA GLU A 50 29.45 17.25 -9.80
C GLU A 50 28.36 17.57 -10.81
N ALA A 51 28.74 17.64 -12.08
CA ALA A 51 27.79 17.93 -13.14
C ALA A 51 26.71 16.86 -13.20
N ALA A 52 27.10 15.62 -12.93
CA ALA A 52 26.17 14.51 -12.96
C ALA A 52 25.07 14.69 -11.90
N LYS A 53 25.45 15.26 -10.77
CA LYS A 53 24.48 15.49 -9.69
C LYS A 53 23.37 16.42 -10.15
N ALA A 54 23.74 17.42 -10.95
CA ALA A 54 22.76 18.38 -11.46
C ALA A 54 21.60 17.66 -12.13
N ALA A 55 21.92 16.65 -12.92
CA ALA A 55 20.90 15.88 -13.62
C ALA A 55 20.03 15.12 -12.63
N LEU A 56 20.66 14.55 -11.61
CA LEU A 56 19.93 13.80 -10.59
C LEU A 56 18.95 14.70 -9.85
N MET A 57 19.40 15.90 -9.50
CA MET A 57 18.55 16.86 -8.79
C MET A 57 17.29 17.15 -9.59
N THR A 58 17.46 17.35 -10.89
CA THR A 58 16.32 17.65 -11.76
C THR A 58 15.33 16.50 -11.77
N ALA A 59 15.85 15.28 -11.76
CA ALA A 59 15.00 14.09 -11.77
C ALA A 59 14.23 13.97 -10.47
N LEU A 60 14.67 14.71 -9.45
CA LEU A 60 14.00 14.67 -8.15
C LEU A 60 13.12 15.90 -7.95
N ASN A 61 13.29 16.89 -8.82
CA ASN A 61 12.51 18.12 -8.73
C ASN A 61 11.02 17.79 -8.66
N GLY A 62 10.59 16.84 -9.48
CA GLY A 62 9.19 16.45 -9.52
C GLY A 62 8.76 15.81 -8.20
N LEU A 63 9.73 15.47 -7.37
CA LEU A 63 9.43 14.86 -6.08
C LEU A 63 9.47 15.89 -4.97
N LEU A 64 10.23 16.96 -5.18
CA LEU A 64 10.35 18.02 -4.18
C LEU A 64 9.00 18.26 -3.50
N ALA A 65 8.91 17.88 -2.23
CA ALA A 65 7.67 18.05 -1.48
C ALA A 65 7.95 17.98 0.02
N PRO A 66 7.02 18.44 0.82
CA PRO A 66 7.15 18.42 2.30
C PRO A 66 6.94 17.04 2.89
N GLY A 67 7.30 16.87 4.16
CA GLY A 67 7.14 15.58 4.82
C GLY A 67 7.96 14.51 4.15
N VAL A 68 8.70 14.90 3.11
CA VAL A 68 9.54 13.95 2.38
C VAL A 68 10.99 14.05 2.82
N ASN A 69 11.61 12.89 3.04
CA ASN A 69 13.01 12.86 3.46
C ASN A 69 13.90 12.40 2.31
N VAL A 70 14.95 13.17 2.04
CA VAL A 70 15.86 12.84 0.95
C VAL A 70 17.24 12.45 1.48
N ILE A 71 17.78 11.37 0.93
CA ILE A 71 19.09 10.88 1.34
C ILE A 71 20.00 10.79 0.12
N ASP A 72 21.16 11.45 0.19
CA ASP A 72 22.10 11.42 -0.93
C ASP A 72 23.53 11.21 -0.46
N GLN A 73 23.89 9.94 -0.25
CA GLN A 73 25.24 9.61 0.18
C GLN A 73 26.08 9.20 -1.03
N ILE A 74 26.43 10.18 -1.85
CA ILE A 74 27.21 9.92 -3.05
C ILE A 74 28.64 10.39 -2.88
N HIS A 75 29.60 9.51 -3.20
CA HIS A 75 31.00 9.86 -3.08
C HIS A 75 31.54 10.41 -4.40
N VAL A 76 32.46 11.34 -4.32
CA VAL A 76 33.04 11.94 -5.51
C VAL A 76 34.41 11.32 -5.83
N ASP A 77 34.50 10.65 -6.97
CA ASP A 77 35.74 10.01 -7.38
C ASP A 77 36.05 10.32 -8.84
N PRO A 78 36.97 11.23 -9.10
CA PRO A 78 37.35 11.60 -10.50
C PRO A 78 37.93 10.42 -11.28
N VAL A 79 37.15 9.34 -11.39
CA VAL A 79 37.60 8.16 -12.11
C VAL A 79 36.42 7.25 -12.45
N VAL A 80 35.48 7.13 -11.51
CA VAL A 80 34.32 6.28 -11.71
C VAL A 80 33.46 6.79 -12.87
N ARG A 81 32.35 6.10 -13.12
CA ARG A 81 31.45 6.48 -14.20
C ARG A 81 30.05 6.70 -13.65
N SER A 82 29.22 7.44 -14.40
CA SER A 82 27.85 7.72 -13.98
C SER A 82 26.88 7.52 -15.13
N LEU A 83 25.62 7.24 -14.78
CA LEU A 83 24.59 7.04 -15.80
C LEU A 83 24.08 8.39 -16.31
N ASP A 84 24.36 8.66 -17.58
CA ASP A 84 23.93 9.92 -18.19
C ASP A 84 22.41 10.03 -18.17
N PHE A 85 21.92 11.22 -17.81
CA PHE A 85 20.48 11.45 -17.77
C PHE A 85 19.99 12.00 -19.10
N SER A 86 20.91 12.13 -20.05
CA SER A 86 20.55 12.64 -21.38
C SER A 86 19.09 12.41 -21.67
N SER A 87 18.78 11.17 -22.10
CA SER A 87 17.40 10.82 -22.43
C SER A 87 16.85 9.82 -21.43
N ALA A 88 17.47 9.75 -20.25
CA ALA A 88 17.02 8.81 -19.22
C ALA A 88 16.12 9.53 -18.21
N GLU A 89 16.09 10.86 -18.30
CA GLU A 89 15.26 11.65 -17.40
C GLU A 89 13.81 11.20 -17.46
N PRO A 90 13.29 11.00 -18.63
CA PRO A 90 11.88 10.57 -18.85
C PRO A 90 11.55 9.29 -18.09
N VAL A 91 12.49 8.36 -18.05
CA VAL A 91 12.28 7.09 -17.36
C VAL A 91 11.98 7.32 -15.88
N PHE A 92 12.80 8.15 -15.24
CA PHE A 92 12.61 8.45 -13.82
C PHE A 92 11.27 9.15 -13.59
N THR A 93 10.90 10.04 -14.49
CA THR A 93 9.64 10.77 -14.37
C THR A 93 8.45 9.81 -14.43
N ALA A 94 8.59 8.75 -15.23
CA ALA A 94 7.53 7.77 -15.37
C ALA A 94 7.36 6.97 -14.09
N SER A 95 8.46 6.82 -13.34
CA SER A 95 8.43 6.07 -12.09
C SER A 95 8.45 7.02 -10.89
N VAL A 96 8.26 8.30 -11.17
CA VAL A 96 8.26 9.31 -10.11
C VAL A 96 6.98 9.24 -9.29
N PRO A 97 5.87 8.92 -9.91
CA PRO A 97 4.55 8.83 -9.22
C PRO A 97 4.60 7.89 -8.02
N ILE A 98 5.49 6.89 -8.08
CA ILE A 98 5.62 5.94 -6.98
C ILE A 98 7.03 5.99 -6.39
N PRO A 99 7.18 6.51 -5.19
CA PRO A 99 8.51 6.61 -4.52
C PRO A 99 8.97 5.27 -3.98
N ASP A 100 8.36 4.20 -4.45
CA ASP A 100 8.73 2.85 -4.00
C ASP A 100 9.35 2.06 -5.15
N PHE A 101 10.38 2.62 -5.77
CA PHE A 101 11.05 1.95 -6.88
C PHE A 101 12.54 1.83 -6.59
N GLY A 102 13.13 0.72 -7.05
CA GLY A 102 14.56 0.50 -6.84
C GLY A 102 15.26 0.21 -8.16
N LEU A 103 16.41 0.84 -8.36
CA LEU A 103 17.17 0.64 -9.60
C LEU A 103 18.61 0.27 -9.29
N LYS A 104 19.08 -0.82 -9.90
CA LYS A 104 20.44 -1.26 -9.69
C LYS A 104 21.22 -1.22 -11.00
N VAL A 105 22.41 -0.63 -10.97
CA VAL A 105 23.24 -0.54 -12.16
C VAL A 105 24.57 -1.25 -11.96
N GLU A 106 24.94 -2.10 -12.91
CA GLU A 106 26.19 -2.84 -12.81
C GLU A 106 26.90 -2.90 -14.17
N ARG A 107 27.54 -1.80 -14.55
CA ARG A 107 28.25 -1.73 -15.81
C ARG A 107 27.29 -1.80 -16.99
N ASP A 108 26.88 -3.01 -17.36
CA ASP A 108 25.97 -3.18 -18.48
C ASP A 108 24.66 -3.84 -18.04
N THR A 109 24.69 -4.48 -16.87
CA THR A 109 23.49 -5.15 -16.36
C THR A 109 22.85 -4.34 -15.24
N VAL A 110 21.53 -4.14 -15.34
CA VAL A 110 20.80 -3.38 -14.33
C VAL A 110 19.61 -4.19 -13.82
N THR A 111 19.42 -4.19 -12.51
CA THR A 111 18.32 -4.94 -11.91
C THR A 111 17.25 -3.98 -11.37
N LEU A 112 16.01 -4.24 -11.74
CA LEU A 112 14.89 -3.40 -11.28
C LEU A 112 13.94 -4.21 -10.41
N THR A 113 13.80 -3.81 -9.15
CA THR A 113 12.93 -4.51 -8.23
C THR A 113 12.00 -3.53 -7.51
N GLY A 114 10.83 -4.02 -7.10
CA GLY A 114 9.87 -3.17 -6.41
C GLY A 114 8.44 -3.49 -6.85
N THR A 115 7.48 -3.18 -5.99
CA THR A 115 6.08 -3.44 -6.29
C THR A 115 5.52 -2.32 -7.16
N ALA A 116 4.67 -2.68 -8.12
CA ALA A 116 4.08 -1.69 -9.01
C ALA A 116 2.60 -1.52 -8.70
N PRO A 117 2.10 -0.31 -8.70
CA PRO A 117 0.66 -0.03 -8.42
C PRO A 117 -0.24 -0.48 -9.57
N SER A 118 0.22 -0.26 -10.80
CA SER A 118 -0.55 -0.64 -11.97
C SER A 118 0.32 -1.42 -12.96
N SER A 119 -0.17 -2.57 -13.40
CA SER A 119 0.57 -3.40 -14.34
C SER A 119 0.97 -2.60 -15.58
N GLU A 120 0.12 -1.64 -15.96
CA GLU A 120 0.40 -0.82 -17.12
C GLU A 120 1.57 0.12 -16.85
N HIS A 121 1.67 0.59 -15.62
CA HIS A 121 2.75 1.50 -15.23
C HIS A 121 4.12 0.87 -15.48
N LYS A 122 4.28 -0.38 -15.03
CA LYS A 122 5.55 -1.08 -15.21
C LYS A 122 5.80 -1.37 -16.68
N ASP A 123 4.75 -1.66 -17.42
CA ASP A 123 4.87 -1.96 -18.84
C ASP A 123 5.54 -0.80 -19.57
N ALA A 124 5.13 0.42 -19.24
CA ALA A 124 5.69 1.61 -19.86
C ALA A 124 7.12 1.83 -19.40
N VAL A 125 7.40 1.51 -18.14
CA VAL A 125 8.73 1.69 -17.58
C VAL A 125 9.72 0.72 -18.24
N LYS A 126 9.30 -0.52 -18.41
CA LYS A 126 10.16 -1.53 -19.01
C LYS A 126 10.51 -1.15 -20.45
N ARG A 127 9.50 -0.77 -21.22
CA ARG A 127 9.72 -0.39 -22.62
C ARG A 127 10.67 0.81 -22.71
N ALA A 128 10.37 1.85 -21.94
CA ALA A 128 11.20 3.05 -21.95
C ALA A 128 12.59 2.75 -21.39
N ALA A 129 12.66 1.79 -20.47
CA ALA A 129 13.92 1.42 -19.86
C ALA A 129 14.84 0.77 -20.87
N THR A 130 14.28 -0.08 -21.73
CA THR A 130 15.07 -0.78 -22.73
C THR A 130 15.67 0.22 -23.73
N SER A 131 14.84 1.11 -24.25
CA SER A 131 15.30 2.10 -25.20
C SER A 131 16.16 3.16 -24.52
N THR A 132 15.91 3.36 -23.23
CA THR A 132 16.65 4.36 -22.46
C THR A 132 18.10 3.96 -22.23
N TRP A 133 18.32 2.98 -21.36
CA TRP A 133 19.68 2.54 -21.05
C TRP A 133 19.84 1.01 -21.12
N PRO A 134 19.21 0.29 -20.22
CA PRO A 134 19.30 -1.20 -20.18
C PRO A 134 18.86 -1.87 -21.48
N ASP A 135 19.10 -1.20 -22.60
CA ASP A 135 18.73 -1.77 -23.90
C ASP A 135 19.52 -3.06 -24.17
N MET A 136 20.22 -3.54 -23.14
CA MET A 136 21.00 -4.76 -23.27
C MET A 136 20.48 -5.85 -22.34
N LYS A 137 21.01 -5.90 -21.12
CA LYS A 137 20.59 -6.90 -20.15
C LYS A 137 19.76 -6.27 -19.05
N ILE A 138 18.50 -6.67 -18.96
CA ILE A 138 17.60 -6.13 -17.93
C ILE A 138 16.97 -7.26 -17.13
N VAL A 139 16.72 -6.99 -15.85
CA VAL A 139 16.11 -7.99 -14.97
C VAL A 139 14.83 -7.44 -14.35
N ASN A 140 13.73 -8.17 -14.54
CA ASN A 140 12.44 -7.74 -14.00
C ASN A 140 12.14 -8.46 -12.70
N ASN A 141 11.81 -7.70 -11.67
CA ASN A 141 11.49 -8.27 -10.37
C ASN A 141 10.38 -7.46 -9.69
N ILE A 142 9.37 -7.09 -10.47
CA ILE A 142 8.26 -6.31 -9.95
C ILE A 142 6.97 -7.11 -10.00
N GLU A 143 6.23 -7.10 -8.90
CA GLU A 143 4.96 -7.83 -8.84
C GLU A 143 3.85 -6.93 -8.30
N VAL A 144 2.66 -7.07 -8.86
CA VAL A 144 1.53 -6.25 -8.42
C VAL A 144 0.68 -7.01 -7.40
N THR A 145 0.60 -6.46 -6.20
CA THR A 145 -0.18 -7.10 -5.13
C THR A 145 -1.67 -6.84 -5.33
N GLY A 146 -2.12 -6.95 -6.59
CA GLY A 146 -3.53 -6.73 -6.90
C GLY A 146 -3.89 -5.25 -6.80
N GLN A 147 -2.89 -4.39 -6.98
CA GLN A 147 -3.11 -2.95 -6.91
C GLN A 147 -3.55 -2.41 -8.27
N ALA A 148 -4.66 -1.67 -8.27
CA ALA A 148 -5.18 -1.10 -9.50
C ALA A 148 -5.08 -2.11 -10.64
N PRO A 149 -5.94 -3.10 -10.62
CA PRO A 149 -5.96 -4.16 -11.67
C PRO A 149 -6.13 -3.59 -13.08
N PRO A 150 -6.99 -2.62 -13.26
CA PRO A 150 -7.22 -2.00 -14.59
C PRO A 150 -5.91 -1.64 -15.29
N GLY A 151 -5.23 -0.63 -14.76
CA GLY A 151 -3.96 -0.20 -15.33
C GLY A 151 -3.88 1.33 -15.38
N PRO A 152 -4.61 1.93 -16.28
CA PRO A 152 -4.64 3.41 -16.43
C PRO A 152 -4.66 4.16 -15.09
N PRO A 153 -5.58 3.84 -14.21
CA PRO A 153 -5.67 4.50 -12.88
C PRO A 153 -4.30 4.89 -12.33
N ALA A 154 -3.27 4.15 -12.75
CA ALA A 154 -1.91 4.42 -12.30
C ALA A 154 -1.77 4.09 -10.81
N SER A 155 -2.91 3.95 -10.13
CA SER A 155 -2.91 3.64 -8.71
C SER A 155 -4.33 3.45 -8.20
N GLY A 156 -4.54 2.43 -7.37
CA GLY A 156 -5.87 2.16 -6.83
C GLY A 156 -5.82 1.97 -5.31
N PRO A 157 -5.67 3.05 -4.58
CA PRO A 157 -5.60 3.02 -3.10
C PRO A 157 -7.00 3.05 -2.48
N CYS A 158 -7.07 3.39 -1.19
CA CYS A 158 -8.35 3.46 -0.51
C CYS A 158 -9.20 4.60 -1.07
N ALA A 159 -8.79 5.10 -2.24
CA ALA A 159 -9.50 6.19 -2.89
C ALA A 159 -10.97 6.20 -2.45
N ASP A 160 -11.54 7.40 -2.34
CA ASP A 160 -12.92 7.52 -1.92
C ASP A 160 -13.18 6.60 -0.73
N LEU A 161 -12.50 6.88 0.38
CA LEU A 161 -12.66 6.07 1.58
C LEU A 161 -14.12 5.99 2.00
N GLN A 162 -14.80 7.13 1.96
CA GLN A 162 -16.21 7.18 2.35
C GLN A 162 -17.09 6.51 1.31
N SER A 163 -16.95 6.90 0.05
CA SER A 163 -17.74 6.36 -1.04
C SER A 163 -17.35 4.93 -1.33
N ALA A 164 -16.06 4.67 -1.40
CA ALA A 164 -15.56 3.32 -1.73
C ALA A 164 -16.00 2.30 -0.69
N ILE A 165 -15.90 2.65 0.59
CA ILE A 165 -16.30 1.72 1.65
C ILE A 165 -17.81 1.53 1.67
N ASN A 166 -18.56 2.61 1.45
CA ASN A 166 -20.02 2.53 1.45
C ASN A 166 -20.52 1.75 0.23
N ALA A 167 -19.93 2.03 -0.93
CA ALA A 167 -20.33 1.36 -2.16
C ALA A 167 -19.92 -0.11 -2.12
N VAL A 168 -18.67 -0.37 -1.78
CA VAL A 168 -18.16 -1.74 -1.72
C VAL A 168 -18.95 -2.57 -0.72
N THR A 169 -19.20 -2.01 0.45
CA THR A 169 -19.94 -2.72 1.49
C THR A 169 -21.44 -2.54 1.28
N GLY A 170 -21.82 -1.41 0.71
CA GLY A 170 -23.24 -1.12 0.46
C GLY A 170 -23.94 -0.75 1.76
N GLY A 171 -23.73 -1.55 2.79
CA GLY A 171 -24.35 -1.29 4.10
C GLY A 171 -23.48 -1.83 5.23
N PRO A 172 -23.57 -1.23 6.37
CA PRO A 172 -22.77 -1.66 7.57
C PRO A 172 -23.26 -2.99 8.14
N ILE A 173 -22.31 -3.83 8.55
CA ILE A 173 -22.64 -5.13 9.11
C ILE A 173 -21.41 -6.03 9.13
N ALA A 174 -20.70 -6.08 8.01
CA ALA A 174 -19.50 -6.90 7.91
C ALA A 174 -19.81 -8.35 8.28
N PHE A 175 -19.14 -8.85 9.31
CA PHE A 175 -19.35 -10.22 9.75
C PHE A 175 -20.81 -10.62 9.62
N GLY A 176 -21.06 -11.79 9.03
CA GLY A 176 -22.42 -12.26 8.84
C GLY A 176 -22.89 -12.07 7.41
N ASN A 177 -24.11 -12.51 7.11
CA ASN A 177 -24.65 -12.37 5.77
C ASN A 177 -25.70 -11.27 5.72
N ASP A 178 -25.88 -10.68 4.55
CA ASP A 178 -26.85 -9.61 4.38
C ASP A 178 -28.27 -10.16 4.47
N GLY A 179 -28.46 -11.39 4.01
CA GLY A 179 -29.77 -12.02 4.04
C GLY A 179 -29.96 -12.95 2.85
N ALA A 180 -29.93 -12.36 1.65
CA ALA A 180 -30.09 -13.15 0.42
C ALA A 180 -28.73 -13.56 -0.13
N SER A 181 -28.68 -13.79 -1.44
CA SER A 181 -27.43 -14.19 -2.09
C SER A 181 -26.82 -15.39 -1.36
N LEU A 182 -26.72 -16.52 -2.06
CA LEU A 182 -26.14 -17.72 -1.47
C LEU A 182 -24.64 -17.77 -1.75
N ILE A 183 -23.85 -17.28 -0.80
CA ILE A 183 -22.40 -17.27 -0.96
C ILE A 183 -21.74 -18.09 0.16
N PRO A 184 -21.07 -19.17 -0.17
CA PRO A 184 -20.40 -20.03 0.84
C PRO A 184 -19.09 -19.41 1.34
N ALA A 185 -19.06 -19.04 2.62
CA ALA A 185 -17.88 -18.44 3.20
C ALA A 185 -17.67 -17.02 2.68
N ASP A 186 -18.29 -16.05 3.35
CA ASP A 186 -18.17 -14.65 2.93
C ASP A 186 -16.81 -14.11 3.32
N TYR A 187 -15.81 -14.39 2.49
CA TYR A 187 -14.45 -13.92 2.75
C TYR A 187 -13.87 -13.24 1.52
N GLU A 188 -14.53 -13.42 0.38
CA GLU A 188 -14.07 -12.81 -0.86
C GLU A 188 -14.20 -11.29 -0.79
N ILE A 189 -15.36 -10.83 -0.33
CA ILE A 189 -15.59 -9.40 -0.22
C ILE A 189 -14.69 -8.78 0.86
N LEU A 190 -14.49 -9.51 1.95
CA LEU A 190 -13.65 -9.03 3.04
C LEU A 190 -12.24 -8.75 2.54
N ASN A 191 -11.77 -9.59 1.60
CA ASN A 191 -10.44 -9.42 1.05
C ASN A 191 -10.35 -8.11 0.27
N ARG A 192 -11.39 -7.81 -0.50
CA ARG A 192 -11.42 -6.58 -1.28
C ARG A 192 -11.35 -5.37 -0.37
N VAL A 193 -12.13 -5.39 0.71
CA VAL A 193 -12.14 -4.28 1.64
C VAL A 193 -10.80 -4.18 2.38
N ALA A 194 -10.24 -5.34 2.72
CA ALA A 194 -8.97 -5.37 3.42
C ALA A 194 -7.89 -4.64 2.63
N ASP A 195 -7.82 -4.90 1.34
CA ASP A 195 -6.82 -4.26 0.49
C ASP A 195 -6.95 -2.74 0.57
N LYS A 196 -8.16 -2.24 0.38
CA LYS A 196 -8.40 -0.80 0.44
C LYS A 196 -8.17 -0.31 1.86
N LEU A 197 -8.48 -1.17 2.83
CA LEU A 197 -8.32 -0.83 4.24
C LEU A 197 -6.90 -0.37 4.54
N LYS A 198 -5.93 -0.90 3.80
CA LYS A 198 -4.52 -0.56 4.03
C LYS A 198 -4.23 0.93 3.78
N ALA A 199 -4.86 1.51 2.77
CA ALA A 199 -4.63 2.92 2.45
C ALA A 199 -5.75 3.81 2.97
N CYS A 200 -6.67 3.21 3.71
CA CYS A 200 -7.80 3.94 4.27
C CYS A 200 -7.41 4.81 5.47
N PRO A 201 -6.37 4.45 6.20
CA PRO A 201 -5.94 5.20 7.42
C PRO A 201 -5.71 6.68 7.14
N ASP A 202 -5.59 7.05 5.87
CA ASP A 202 -5.39 8.45 5.54
C ASP A 202 -6.31 9.31 6.42
N ALA A 203 -7.33 8.65 6.97
CA ALA A 203 -8.29 9.31 7.83
C ALA A 203 -8.37 8.56 9.17
N ARG A 204 -9.50 8.68 9.84
CA ARG A 204 -9.69 8.00 11.12
C ARG A 204 -10.71 6.88 10.95
N VAL A 205 -10.42 5.72 11.51
CA VAL A 205 -11.33 4.59 11.39
C VAL A 205 -11.82 4.13 12.77
N THR A 206 -13.13 3.94 12.87
CA THR A 206 -13.74 3.49 14.11
C THR A 206 -14.51 2.21 13.92
N ILE A 207 -14.15 1.17 14.66
CA ILE A 207 -14.81 -0.11 14.55
C ILE A 207 -15.79 -0.32 15.69
N ASN A 208 -17.08 -0.42 15.36
CA ASN A 208 -18.11 -0.62 16.38
C ASN A 208 -18.54 -2.09 16.40
N GLY A 209 -18.56 -2.67 17.60
CA GLY A 209 -18.96 -4.07 17.75
C GLY A 209 -20.16 -4.20 18.69
N TYR A 210 -21.19 -4.89 18.23
CA TYR A 210 -22.38 -5.08 19.03
C TYR A 210 -22.46 -6.52 19.54
N THR A 211 -22.82 -6.68 20.80
CA THR A 211 -22.92 -7.99 21.41
C THR A 211 -24.27 -8.18 22.08
N ASP A 212 -24.35 -9.16 22.98
CA ASP A 212 -25.58 -9.44 23.69
C ASP A 212 -25.32 -9.61 25.18
N ASN A 213 -26.02 -8.84 26.00
CA ASN A 213 -25.84 -8.92 27.44
C ASN A 213 -25.76 -10.37 27.88
N THR A 214 -26.92 -11.01 28.00
CA THR A 214 -26.97 -12.41 28.40
C THR A 214 -26.15 -12.63 29.66
N GLY A 215 -24.84 -12.67 29.51
CA GLY A 215 -23.95 -12.89 30.65
C GLY A 215 -23.89 -11.64 31.53
N SER A 216 -22.68 -11.24 31.91
CA SER A 216 -22.49 -10.07 32.76
C SER A 216 -21.71 -9.00 32.02
N GLU A 217 -21.67 -7.80 32.60
CA GLU A 217 -20.93 -6.69 32.00
C GLU A 217 -19.43 -6.99 31.97
N GLY A 218 -18.96 -7.75 32.95
CA GLY A 218 -17.54 -8.09 33.02
C GLY A 218 -17.25 -9.37 32.26
N ILE A 219 -18.26 -9.90 31.56
CA ILE A 219 -18.09 -11.13 30.80
C ILE A 219 -18.43 -10.90 29.32
N ASN A 220 -19.54 -10.22 29.09
CA ASN A 220 -19.99 -9.93 27.72
C ASN A 220 -19.05 -8.96 27.03
N ILE A 221 -18.69 -7.88 27.74
CA ILE A 221 -17.82 -6.87 27.17
C ILE A 221 -16.47 -7.46 26.72
N PRO A 222 -15.80 -8.19 27.57
CA PRO A 222 -14.48 -8.80 27.22
C PRO A 222 -14.57 -9.70 25.99
N LEU A 223 -15.73 -10.34 25.82
CA LEU A 223 -15.93 -11.23 24.68
C LEU A 223 -15.99 -10.41 23.39
N SER A 224 -16.65 -9.26 23.44
CA SER A 224 -16.77 -8.40 22.27
C SER A 224 -15.42 -7.77 21.93
N ALA A 225 -14.66 -7.41 22.95
CA ALA A 225 -13.36 -6.81 22.75
C ALA A 225 -12.41 -7.79 22.06
N GLN A 226 -12.52 -9.06 22.41
CA GLN A 226 -11.68 -10.09 21.82
C GLN A 226 -11.90 -10.15 20.31
N ARG A 227 -13.15 -10.03 19.89
CA ARG A 227 -13.48 -10.07 18.48
C ARG A 227 -12.76 -8.94 17.74
N ALA A 228 -12.79 -7.74 18.32
CA ALA A 228 -12.14 -6.60 17.70
C ALA A 228 -10.63 -6.77 17.70
N LYS A 229 -10.12 -7.45 18.72
CA LYS A 229 -8.68 -7.68 18.83
C LYS A 229 -8.22 -8.69 17.78
N ILE A 230 -8.96 -9.78 17.65
CA ILE A 230 -8.62 -10.82 16.68
C ILE A 230 -8.62 -10.24 15.27
N VAL A 231 -9.67 -9.48 14.94
CA VAL A 231 -9.78 -8.88 13.62
C VAL A 231 -8.78 -7.73 13.47
N ALA A 232 -8.61 -6.97 14.54
CA ALA A 232 -7.68 -5.84 14.53
C ALA A 232 -6.28 -6.31 14.14
N ASP A 233 -5.87 -7.44 14.71
CA ASP A 233 -4.55 -7.99 14.42
C ASP A 233 -4.45 -8.37 12.94
N TYR A 234 -5.54 -8.89 12.40
CA TYR A 234 -5.56 -9.29 10.99
C TYR A 234 -5.58 -8.06 10.09
N LEU A 235 -6.26 -7.02 10.53
CA LEU A 235 -6.35 -5.79 9.75
C LEU A 235 -4.96 -5.21 9.52
N VAL A 236 -4.17 -5.12 10.58
CA VAL A 236 -2.81 -4.59 10.48
C VAL A 236 -1.97 -5.50 9.58
N ALA A 237 -2.20 -6.79 9.67
CA ALA A 237 -1.46 -7.76 8.88
C ALA A 237 -1.72 -7.55 7.39
N ARG A 238 -2.82 -6.87 7.07
CA ARG A 238 -3.16 -6.61 5.68
C ARG A 238 -2.56 -5.30 5.21
N GLY A 239 -1.88 -4.61 6.12
CA GLY A 239 -1.25 -3.34 5.78
C GLY A 239 -2.02 -2.15 6.36
N VAL A 240 -2.84 -2.42 7.38
CA VAL A 240 -3.62 -1.36 8.01
C VAL A 240 -2.81 -0.71 9.13
N ALA A 241 -2.75 0.62 9.10
CA ALA A 241 -2.00 1.36 10.11
C ALA A 241 -2.75 1.38 11.43
N GLY A 242 -2.33 0.53 12.37
CA GLY A 242 -2.96 0.46 13.67
C GLY A 242 -2.71 1.75 14.45
N ASP A 243 -2.16 2.74 13.78
CA ASP A 243 -1.87 4.02 14.40
C ASP A 243 -3.11 4.91 14.43
N HIS A 244 -4.13 4.52 13.68
CA HIS A 244 -5.37 5.29 13.62
C HIS A 244 -6.58 4.38 13.74
N ILE A 245 -6.36 3.13 14.12
CA ILE A 245 -7.45 2.17 14.26
C ILE A 245 -8.04 2.23 15.67
N ALA A 246 -9.36 2.27 15.75
CA ALA A 246 -10.04 2.32 17.05
C ALA A 246 -11.26 1.40 17.05
N THR A 247 -11.43 0.64 18.12
CA THR A 247 -12.56 -0.27 18.23
C THR A 247 -13.35 0.00 19.51
N VAL A 248 -14.66 0.17 19.36
CA VAL A 248 -15.53 0.44 20.51
C VAL A 248 -16.49 -0.72 20.73
N GLY A 249 -16.36 -1.39 21.87
CA GLY A 249 -17.22 -2.52 22.18
C GLY A 249 -18.51 -2.06 22.87
N LEU A 250 -19.64 -2.25 22.19
CA LEU A 250 -20.92 -1.85 22.75
C LEU A 250 -21.74 -3.08 23.14
N GLY A 251 -21.16 -3.94 23.95
CA GLY A 251 -21.84 -5.16 24.39
C GLY A 251 -23.19 -4.84 25.01
N SER A 252 -23.21 -4.67 26.31
CA SER A 252 -24.44 -4.34 27.03
C SER A 252 -24.76 -2.87 26.92
N VAL A 253 -25.13 -2.43 25.73
CA VAL A 253 -25.45 -1.02 25.51
C VAL A 253 -26.39 -0.87 24.32
N ASN A 254 -27.02 0.30 24.21
CA ASN A 254 -27.95 0.55 23.10
C ASN A 254 -28.66 -0.73 22.71
N PRO A 255 -29.85 -0.95 23.21
CA PRO A 255 -30.66 -2.16 22.90
C PRO A 255 -30.78 -2.41 21.40
N ILE A 256 -31.17 -3.62 21.03
CA ILE A 256 -31.32 -3.97 19.63
C ILE A 256 -32.35 -5.11 19.48
N ALA A 257 -31.90 -6.33 19.73
CA ALA A 257 -32.77 -7.49 19.63
C ALA A 257 -32.78 -8.28 20.93
N SER A 258 -33.85 -9.03 21.18
CA SER A 258 -33.96 -9.82 22.39
C SER A 258 -32.88 -10.90 22.42
N ASN A 259 -32.32 -11.14 23.60
CA ASN A 259 -31.28 -12.16 23.75
C ASN A 259 -31.88 -13.46 24.29
N ALA A 260 -33.05 -13.82 23.78
CA ALA A 260 -33.71 -15.04 24.21
C ALA A 260 -33.68 -16.09 23.11
N THR A 261 -33.81 -15.65 21.87
CA THR A 261 -33.79 -16.56 20.73
C THR A 261 -32.43 -16.56 20.04
N PRO A 262 -32.09 -17.64 19.39
CA PRO A 262 -30.79 -17.78 18.68
C PRO A 262 -30.59 -16.69 17.64
N GLU A 263 -31.68 -16.29 16.98
CA GLU A 263 -31.61 -15.25 15.96
C GLU A 263 -31.25 -13.91 16.58
N GLY A 264 -31.68 -13.70 17.82
CA GLY A 264 -31.38 -12.46 18.52
C GLY A 264 -29.90 -12.33 18.83
N ARG A 265 -29.30 -13.44 19.25
CA ARG A 265 -27.88 -13.44 19.58
C ARG A 265 -27.04 -13.11 18.35
N ALA A 266 -27.36 -13.74 17.23
CA ALA A 266 -26.64 -13.50 15.99
C ALA A 266 -26.85 -12.08 15.49
N LYS A 267 -28.06 -11.56 15.70
CA LYS A 267 -28.38 -10.20 15.28
C LYS A 267 -27.61 -9.18 16.12
N ASN A 268 -27.34 -9.54 17.37
CA ASN A 268 -26.61 -8.65 18.27
C ASN A 268 -25.12 -8.61 17.90
N ARG A 269 -24.66 -9.67 17.24
CA ARG A 269 -23.27 -9.75 16.84
C ARG A 269 -23.06 -9.09 15.48
N ARG A 270 -22.80 -7.79 15.50
CA ARG A 270 -22.59 -7.05 14.26
C ARG A 270 -21.39 -6.11 14.40
N VAL A 271 -20.66 -5.94 13.30
CA VAL A 271 -19.49 -5.06 13.30
C VAL A 271 -19.44 -4.26 12.00
N GLU A 272 -18.89 -3.05 12.08
CA GLU A 272 -18.79 -2.19 10.90
C GLU A 272 -17.55 -1.30 11.00
N ILE A 273 -16.77 -1.29 9.92
CA ILE A 273 -15.56 -0.48 9.88
C ILE A 273 -15.77 0.76 9.01
N VAL A 274 -15.75 1.93 9.65
CA VAL A 274 -15.95 3.18 8.92
C VAL A 274 -14.68 4.03 8.97
N VAL A 275 -14.31 4.60 7.83
CA VAL A 275 -13.10 5.44 7.74
C VAL A 275 -13.49 6.87 7.39
N ASN A 276 -12.89 7.84 8.09
CA ASN A 276 -13.18 9.24 7.83
C ASN A 276 -12.38 9.75 6.65
N SER A 25 29.58 3.29 -18.25
CA SER A 25 28.47 3.52 -19.16
C SER A 25 27.61 2.26 -19.27
N ALA A 26 28.26 1.11 -19.34
CA ALA A 26 27.55 -0.16 -19.45
C ALA A 26 28.52 -1.33 -19.43
N LEU A 27 29.72 -1.09 -18.91
CA LEU A 27 30.74 -2.13 -18.83
C LEU A 27 30.64 -2.88 -17.50
N SER A 28 30.73 -2.14 -16.42
CA SER A 28 30.66 -2.72 -15.09
C SER A 28 30.21 -1.68 -14.07
N LEU A 29 29.01 -1.86 -13.54
CA LEU A 29 28.48 -0.92 -12.55
C LEU A 29 28.28 -1.60 -11.20
N SER A 30 28.31 -0.80 -10.14
CA SER A 30 28.13 -1.34 -8.79
C SER A 30 26.65 -1.46 -8.46
N LEU A 31 26.30 -2.54 -7.77
CA LEU A 31 24.91 -2.76 -7.39
C LEU A 31 24.34 -1.55 -6.65
N LEU A 32 23.22 -1.03 -7.15
CA LEU A 32 22.58 0.12 -6.53
C LEU A 32 21.11 -0.18 -6.25
N SER A 33 20.72 -0.07 -4.99
CA SER A 33 19.33 -0.35 -4.60
C SER A 33 18.55 0.95 -4.40
N ILE A 34 17.45 1.09 -5.14
CA ILE A 34 16.61 2.27 -5.03
C ILE A 34 15.16 1.87 -4.81
N SER A 35 14.57 2.35 -3.72
CA SER A 35 13.18 2.02 -3.41
C SER A 35 12.42 3.27 -2.99
N ARG A 36 11.31 3.54 -3.67
CA ARG A 36 10.49 4.71 -3.35
C ARG A 36 9.12 4.27 -2.88
N SER A 37 8.77 4.66 -1.66
CA SER A 37 7.47 4.30 -1.09
C SER A 37 6.80 5.52 -0.48
N GLY A 38 5.59 5.83 -0.94
CA GLY A 38 4.85 6.97 -0.44
C GLY A 38 5.66 8.26 -0.56
N ASN A 39 5.59 9.08 0.48
CA ASN A 39 6.33 10.35 0.48
C ASN A 39 7.71 10.16 1.08
N THR A 40 8.17 8.92 1.15
CA THR A 40 9.48 8.62 1.71
C THR A 40 10.38 7.96 0.66
N VAL A 41 11.54 8.56 0.43
CA VAL A 41 12.48 8.03 -0.54
C VAL A 41 13.74 7.51 0.14
N THR A 42 14.03 6.23 -0.06
CA THR A 42 15.21 5.62 0.54
C THR A 42 16.22 5.24 -0.53
N LEU A 43 17.40 5.87 -0.48
CA LEU A 43 18.44 5.58 -1.46
C LEU A 43 19.71 5.08 -0.77
N ILE A 44 20.24 3.96 -1.26
CA ILE A 44 21.45 3.38 -0.70
C ILE A 44 22.34 2.80 -1.79
N GLY A 45 23.62 3.14 -1.75
CA GLY A 45 24.57 2.65 -2.73
C GLY A 45 25.92 3.34 -2.59
N ASP A 46 26.69 3.36 -3.68
CA ASP A 46 28.01 3.98 -3.65
C ASP A 46 28.24 4.79 -4.93
N PHE A 47 29.04 5.85 -4.83
CA PHE A 47 29.34 6.69 -5.98
C PHE A 47 30.83 7.01 -6.05
N PRO A 48 31.32 7.33 -7.20
CA PRO A 48 32.75 7.67 -7.41
C PRO A 48 33.12 9.03 -6.84
N ASP A 49 32.11 9.88 -6.68
CA ASP A 49 32.34 11.22 -6.13
C ASP A 49 31.01 11.90 -5.83
N GLU A 50 31.03 12.81 -4.86
CA GLU A 50 29.83 13.53 -4.48
C GLU A 50 29.34 14.41 -5.62
N ALA A 51 30.27 14.83 -6.47
CA ALA A 51 29.94 15.67 -7.61
C ALA A 51 28.95 14.95 -8.53
N ALA A 52 29.19 13.66 -8.75
CA ALA A 52 28.31 12.87 -9.61
C ALA A 52 26.92 12.77 -9.00
N LYS A 53 26.86 12.71 -7.67
CA LYS A 53 25.60 12.62 -6.97
C LYS A 53 24.72 13.83 -7.28
N ALA A 54 25.36 14.99 -7.42
CA ALA A 54 24.64 16.22 -7.71
C ALA A 54 23.74 16.05 -8.94
N ALA A 55 24.20 15.30 -9.92
CA ALA A 55 23.42 15.07 -11.13
C ALA A 55 22.10 14.40 -10.80
N LEU A 56 22.12 13.45 -9.86
CA LEU A 56 20.91 12.75 -9.46
C LEU A 56 20.00 13.66 -8.65
N MET A 57 20.61 14.44 -7.76
CA MET A 57 19.84 15.36 -6.91
C MET A 57 19.09 16.38 -7.76
N THR A 58 19.67 16.75 -8.90
CA THR A 58 19.05 17.72 -9.78
C THR A 58 17.70 17.22 -10.27
N ALA A 59 17.59 15.90 -10.44
CA ALA A 59 16.34 15.30 -10.92
C ALA A 59 15.27 15.37 -9.83
N LEU A 60 15.71 15.40 -8.57
CA LEU A 60 14.79 15.46 -7.45
C LEU A 60 14.45 16.92 -7.11
N ASN A 61 15.26 17.84 -7.62
CA ASN A 61 15.03 19.25 -7.36
C ASN A 61 13.59 19.64 -7.67
N GLY A 62 12.99 18.92 -8.62
CA GLY A 62 11.61 19.19 -9.00
C GLY A 62 10.63 18.50 -8.05
N LEU A 63 11.18 17.63 -7.20
CA LEU A 63 10.35 16.90 -6.24
C LEU A 63 10.43 17.55 -4.87
N LEU A 64 11.64 17.93 -4.46
CA LEU A 64 11.83 18.56 -3.16
C LEU A 64 10.61 19.39 -2.77
N ALA A 65 9.92 18.96 -1.72
CA ALA A 65 8.73 19.67 -1.26
C ALA A 65 8.46 19.35 0.21
N PRO A 66 7.74 20.20 0.88
CA PRO A 66 7.40 20.03 2.33
C PRO A 66 6.63 18.73 2.58
N GLY A 67 6.82 18.18 3.78
CA GLY A 67 6.16 16.93 4.15
C GLY A 67 6.82 15.74 3.49
N VAL A 68 7.69 16.01 2.52
CA VAL A 68 8.38 14.94 1.81
C VAL A 68 9.77 14.72 2.42
N ASN A 69 10.06 13.48 2.78
CA ASN A 69 11.35 13.15 3.37
C ASN A 69 12.28 12.54 2.32
N VAL A 70 13.54 12.95 2.34
CA VAL A 70 14.51 12.43 1.38
C VAL A 70 15.86 12.17 2.06
N ILE A 71 16.28 10.90 2.04
CA ILE A 71 17.55 10.53 2.66
C ILE A 71 18.44 9.80 1.67
N ASP A 72 19.72 10.15 1.65
CA ASP A 72 20.66 9.51 0.73
C ASP A 72 21.80 8.83 1.50
N GLN A 73 21.75 7.51 1.55
CA GLN A 73 22.78 6.74 2.24
C GLN A 73 23.79 6.21 1.24
N ILE A 74 24.51 7.12 0.59
CA ILE A 74 25.50 6.73 -0.41
C ILE A 74 26.91 6.89 0.15
N HIS A 75 27.71 5.84 0.04
CA HIS A 75 29.09 5.87 0.52
C HIS A 75 30.02 6.32 -0.60
N VAL A 76 31.07 7.04 -0.24
CA VAL A 76 32.02 7.53 -1.23
C VAL A 76 33.26 6.65 -1.26
N ASP A 77 33.46 5.96 -2.38
CA ASP A 77 34.61 5.08 -2.54
C ASP A 77 35.22 5.26 -3.93
N PRO A 78 36.51 5.48 -4.02
CA PRO A 78 37.20 5.67 -5.33
C PRO A 78 37.39 4.36 -6.07
N VAL A 79 36.38 3.49 -6.00
CA VAL A 79 36.46 2.20 -6.69
C VAL A 79 35.10 1.80 -7.24
N VAL A 80 34.04 2.17 -6.54
CA VAL A 80 32.69 1.84 -6.97
C VAL A 80 32.34 2.58 -8.26
N ARG A 81 31.25 2.16 -8.89
CA ARG A 81 30.80 2.78 -10.13
C ARG A 81 29.39 3.35 -9.97
N SER A 82 29.03 4.28 -10.85
CA SER A 82 27.70 4.89 -10.79
C SER A 82 26.93 4.64 -12.08
N LEU A 83 25.60 4.68 -11.98
CA LEU A 83 24.76 4.45 -13.14
C LEU A 83 24.71 5.69 -14.03
N ASP A 84 25.02 5.51 -15.31
CA ASP A 84 25.02 6.62 -16.26
C ASP A 84 23.64 7.27 -16.32
N PHE A 85 23.64 8.57 -16.61
CA PHE A 85 22.39 9.31 -16.70
C PHE A 85 22.44 10.30 -17.87
N SER A 86 22.34 9.79 -19.09
CA SER A 86 22.36 10.62 -20.28
C SER A 86 20.95 10.95 -20.73
N SER A 87 19.97 10.59 -19.93
CA SER A 87 18.58 10.85 -20.27
C SER A 87 17.65 10.41 -19.14
N ALA A 88 18.15 10.50 -17.91
CA ALA A 88 17.36 10.11 -16.74
C ALA A 88 16.40 11.23 -16.35
N GLU A 89 16.71 12.44 -16.78
CA GLU A 89 15.87 13.60 -16.48
C GLU A 89 14.41 13.29 -16.78
N PRO A 90 14.10 12.97 -18.01
CA PRO A 90 12.70 12.65 -18.42
C PRO A 90 12.14 11.45 -17.67
N VAL A 91 13.04 10.55 -17.26
CA VAL A 91 12.62 9.36 -16.52
C VAL A 91 12.07 9.74 -15.15
N PHE A 92 12.75 10.66 -14.49
CA PHE A 92 12.32 11.12 -13.17
C PHE A 92 10.97 11.83 -13.27
N THR A 93 10.81 12.63 -14.31
CA THR A 93 9.56 13.35 -14.51
C THR A 93 8.40 12.37 -14.73
N ALA A 94 8.70 11.26 -15.40
CA ALA A 94 7.69 10.25 -15.66
C ALA A 94 7.36 9.48 -14.38
N SER A 95 8.35 9.37 -13.50
CA SER A 95 8.16 8.67 -12.24
C SER A 95 7.74 9.63 -11.14
N VAL A 96 7.82 10.93 -11.43
CA VAL A 96 7.44 11.95 -10.47
C VAL A 96 6.03 11.69 -9.92
N PRO A 97 5.08 11.45 -10.80
CA PRO A 97 3.68 11.17 -10.36
C PRO A 97 3.53 9.76 -9.80
N ILE A 98 4.64 9.04 -9.74
CA ILE A 98 4.63 7.69 -9.20
C ILE A 98 5.53 7.59 -7.99
N PRO A 99 5.01 7.92 -6.83
CA PRO A 99 5.78 7.88 -5.56
C PRO A 99 5.91 6.46 -4.99
N ASP A 100 5.75 5.47 -5.86
CA ASP A 100 5.84 4.08 -5.42
C ASP A 100 6.56 3.24 -6.47
N PHE A 101 7.77 3.65 -6.84
CA PHE A 101 8.55 2.92 -7.83
C PHE A 101 9.91 2.51 -7.25
N GLY A 102 10.38 1.33 -7.64
CA GLY A 102 11.66 0.84 -7.16
C GLY A 102 12.56 0.43 -8.33
N LEU A 103 13.86 0.65 -8.18
CA LEU A 103 14.80 0.31 -9.24
C LEU A 103 16.01 -0.43 -8.66
N LYS A 104 16.34 -1.56 -9.27
CA LYS A 104 17.48 -2.35 -8.82
C LYS A 104 18.57 -2.36 -9.87
N VAL A 105 19.81 -2.17 -9.43
CA VAL A 105 20.95 -2.14 -10.36
C VAL A 105 21.91 -3.27 -10.05
N GLU A 106 22.36 -3.97 -11.10
CA GLU A 106 23.28 -5.07 -10.92
C GLU A 106 24.26 -5.16 -12.10
N ARG A 107 25.25 -4.28 -12.10
CA ARG A 107 26.24 -4.26 -13.18
C ARG A 107 25.58 -3.95 -14.51
N ASP A 108 25.28 -4.99 -15.26
CA ASP A 108 24.63 -4.82 -16.57
C ASP A 108 23.20 -5.33 -16.54
N THR A 109 22.55 -5.19 -15.39
CA THR A 109 21.16 -5.65 -15.24
C THR A 109 20.35 -4.61 -14.50
N VAL A 110 19.16 -4.31 -15.03
CA VAL A 110 18.27 -3.34 -14.41
C VAL A 110 16.92 -3.97 -14.10
N THR A 111 16.41 -3.72 -12.90
CA THR A 111 15.13 -4.27 -12.49
C THR A 111 14.26 -3.19 -11.86
N LEU A 112 13.03 -3.06 -12.36
CA LEU A 112 12.09 -2.07 -11.84
C LEU A 112 10.94 -2.75 -11.11
N THR A 113 10.81 -2.46 -9.83
CA THR A 113 9.74 -3.05 -9.02
C THR A 113 8.96 -1.98 -8.28
N GLY A 114 7.67 -2.23 -8.10
CA GLY A 114 6.81 -1.27 -7.40
C GLY A 114 5.37 -1.34 -7.90
N THR A 115 4.46 -0.72 -7.15
CA THR A 115 3.05 -0.72 -7.53
C THR A 115 2.69 0.59 -8.19
N ALA A 116 1.84 0.54 -9.20
CA ALA A 116 1.43 1.73 -9.93
C ALA A 116 -0.08 1.95 -9.80
N PRO A 117 -0.50 3.19 -9.82
CA PRO A 117 -1.95 3.55 -9.73
C PRO A 117 -2.70 3.22 -11.02
N SER A 118 -2.05 3.51 -12.15
CA SER A 118 -2.64 3.25 -13.45
C SER A 118 -1.66 2.50 -14.34
N SER A 119 -2.18 1.64 -15.20
CA SER A 119 -1.34 0.86 -16.11
C SER A 119 -0.66 1.77 -17.14
N GLU A 120 -1.41 2.77 -17.61
CA GLU A 120 -0.87 3.69 -18.60
C GLU A 120 0.30 4.49 -18.04
N HIS A 121 0.20 4.84 -16.76
CA HIS A 121 1.27 5.62 -16.12
C HIS A 121 2.57 4.83 -16.08
N LYS A 122 2.48 3.57 -15.65
CA LYS A 122 3.66 2.72 -15.57
C LYS A 122 4.20 2.42 -16.96
N ASP A 123 3.29 2.31 -17.93
CA ASP A 123 3.68 2.04 -19.31
C ASP A 123 4.73 3.03 -19.79
N ALA A 124 4.51 4.31 -19.49
CA ALA A 124 5.45 5.36 -19.89
C ALA A 124 6.78 5.19 -19.17
N VAL A 125 6.71 4.83 -17.89
CA VAL A 125 7.93 4.65 -17.09
C VAL A 125 8.75 3.48 -17.63
N LYS A 126 8.08 2.40 -18.01
CA LYS A 126 8.76 1.23 -18.53
C LYS A 126 9.51 1.55 -19.82
N ARG A 127 8.81 2.15 -20.78
CA ARG A 127 9.42 2.50 -22.06
C ARG A 127 10.56 3.50 -21.86
N ALA A 128 10.35 4.46 -20.96
CA ALA A 128 11.36 5.47 -20.70
C ALA A 128 12.64 4.82 -20.17
N ALA A 129 12.46 3.83 -19.28
CA ALA A 129 13.61 3.14 -18.70
C ALA A 129 14.37 2.38 -19.77
N THR A 130 13.63 1.75 -20.68
CA THR A 130 14.26 0.98 -21.76
C THR A 130 15.00 1.91 -22.71
N SER A 131 14.40 3.07 -23.00
CA SER A 131 15.02 4.02 -23.91
C SER A 131 16.26 4.64 -23.27
N THR A 132 16.18 4.91 -21.97
CA THR A 132 17.31 5.50 -21.25
C THR A 132 18.30 4.41 -20.83
N TRP A 133 17.77 3.27 -20.42
CA TRP A 133 18.61 2.16 -19.98
C TRP A 133 18.24 0.87 -20.73
N PRO A 134 18.60 0.80 -21.99
CA PRO A 134 18.32 -0.38 -22.84
C PRO A 134 19.29 -1.53 -22.55
N ASP A 135 19.80 -1.58 -21.33
CA ASP A 135 20.73 -2.62 -20.94
C ASP A 135 20.29 -3.97 -21.50
N MET A 136 19.06 -4.03 -22.00
CA MET A 136 18.53 -5.27 -22.56
C MET A 136 18.18 -6.25 -21.46
N LYS A 137 18.85 -6.12 -20.31
CA LYS A 137 18.59 -7.00 -19.18
C LYS A 137 17.60 -6.34 -18.22
N ILE A 138 16.39 -6.08 -18.70
CA ILE A 138 15.37 -5.45 -17.88
C ILE A 138 14.43 -6.51 -17.30
N VAL A 139 14.11 -6.37 -16.02
CA VAL A 139 13.23 -7.31 -15.35
C VAL A 139 11.89 -6.65 -15.02
N ASN A 140 10.80 -7.29 -15.40
CA ASN A 140 9.47 -6.75 -15.14
C ASN A 140 8.96 -7.20 -13.76
N ASN A 141 8.94 -6.27 -12.82
CA ASN A 141 8.45 -6.57 -11.47
C ASN A 141 7.29 -5.66 -11.12
N ILE A 142 6.29 -5.62 -11.99
CA ILE A 142 5.12 -4.79 -11.77
C ILE A 142 4.08 -5.51 -10.92
N GLU A 143 3.56 -4.82 -9.91
CA GLU A 143 2.56 -5.40 -9.04
C GLU A 143 1.28 -4.58 -9.09
N VAL A 144 0.17 -5.24 -9.41
CA VAL A 144 -1.11 -4.54 -9.51
C VAL A 144 -1.99 -4.85 -8.31
N THR A 145 -2.18 -3.83 -7.45
CA THR A 145 -3.02 -3.99 -6.27
C THR A 145 -4.24 -3.08 -6.37
N GLY A 146 -4.09 -2.01 -7.16
CA GLY A 146 -5.17 -1.06 -7.36
C GLY A 146 -5.05 -0.40 -8.72
N GLN A 147 -4.26 -1.02 -9.59
CA GLN A 147 -4.04 -0.49 -10.94
C GLN A 147 -5.33 -0.53 -11.74
N ALA A 148 -5.43 0.32 -12.75
CA ALA A 148 -6.62 0.38 -13.60
C ALA A 148 -6.35 -0.32 -14.94
N PRO A 149 -6.90 -1.48 -15.14
CA PRO A 149 -6.71 -2.25 -16.42
C PRO A 149 -7.08 -1.42 -17.65
N PRO A 150 -8.18 -0.69 -17.61
CA PRO A 150 -8.62 0.14 -18.76
C PRO A 150 -7.48 1.01 -19.30
N GLY A 151 -7.07 2.00 -18.52
CA GLY A 151 -6.00 2.89 -18.93
C GLY A 151 -6.35 4.35 -18.66
N PRO A 152 -7.44 4.80 -19.23
CA PRO A 152 -7.90 6.21 -19.05
C PRO A 152 -7.94 6.66 -17.59
N PRO A 153 -8.39 5.81 -16.70
CA PRO A 153 -8.47 6.16 -15.24
C PRO A 153 -7.08 6.44 -14.64
N ALA A 154 -7.06 6.67 -13.34
CA ALA A 154 -5.80 6.96 -12.65
C ALA A 154 -6.06 7.49 -11.25
N SER A 155 -5.41 6.90 -10.26
CA SER A 155 -5.58 7.31 -8.87
C SER A 155 -6.92 6.84 -8.33
N GLY A 156 -7.09 5.52 -8.23
CA GLY A 156 -8.33 4.96 -7.72
C GLY A 156 -8.10 4.13 -6.45
N PRO A 157 -7.78 4.78 -5.37
CA PRO A 157 -7.53 4.11 -4.07
C PRO A 157 -8.83 3.67 -3.38
N CYS A 158 -9.37 4.54 -2.54
CA CYS A 158 -10.61 4.23 -1.82
C CYS A 158 -11.66 5.32 -2.07
N ALA A 159 -11.66 5.87 -3.28
CA ALA A 159 -12.62 6.91 -3.63
C ALA A 159 -14.03 6.49 -3.24
N ASP A 160 -14.87 6.26 -4.22
CA ASP A 160 -16.24 5.84 -3.96
C ASP A 160 -16.31 4.34 -3.68
N LEU A 161 -15.16 3.77 -3.36
CA LEU A 161 -15.08 2.34 -3.06
C LEU A 161 -16.05 1.97 -1.94
N GLN A 162 -16.29 2.92 -1.04
CA GLN A 162 -17.18 2.67 0.09
C GLN A 162 -18.53 2.15 -0.40
N SER A 163 -19.13 2.86 -1.35
CA SER A 163 -20.41 2.44 -1.91
C SER A 163 -20.29 1.09 -2.59
N ALA A 164 -19.18 0.90 -3.29
CA ALA A 164 -18.94 -0.35 -4.00
C ALA A 164 -18.62 -1.47 -3.02
N ILE A 165 -17.94 -1.11 -1.93
CA ILE A 165 -17.58 -2.09 -0.91
C ILE A 165 -18.82 -2.76 -0.35
N ASN A 166 -19.89 -1.99 -0.19
CA ASN A 166 -21.14 -2.53 0.33
C ASN A 166 -21.57 -3.72 -0.52
N ALA A 167 -21.42 -3.58 -1.83
CA ALA A 167 -21.80 -4.65 -2.76
C ALA A 167 -20.77 -5.77 -2.71
N VAL A 168 -19.52 -5.42 -2.44
CA VAL A 168 -18.45 -6.42 -2.38
C VAL A 168 -18.77 -7.46 -1.32
N THR A 169 -19.28 -7.01 -0.19
CA THR A 169 -19.63 -7.91 0.90
C THR A 169 -21.14 -8.08 1.00
N GLY A 170 -21.87 -7.05 0.58
CA GLY A 170 -23.33 -7.10 0.63
C GLY A 170 -23.83 -6.81 2.04
N GLY A 171 -22.93 -6.89 3.02
CA GLY A 171 -23.29 -6.65 4.40
C GLY A 171 -22.05 -6.54 5.28
N PRO A 172 -22.23 -6.19 6.52
CA PRO A 172 -21.11 -6.04 7.49
C PRO A 172 -20.50 -7.38 7.87
N ILE A 173 -19.20 -7.39 8.16
CA ILE A 173 -18.51 -8.61 8.54
C ILE A 173 -19.21 -9.28 9.72
N ALA A 174 -20.07 -10.24 9.42
CA ALA A 174 -20.79 -10.95 10.47
C ALA A 174 -21.21 -12.35 9.99
N PHE A 175 -20.22 -13.18 9.69
CA PHE A 175 -20.50 -14.53 9.22
C PHE A 175 -19.72 -15.55 10.05
N GLY A 176 -20.44 -16.51 10.61
CA GLY A 176 -19.81 -17.55 11.44
C GLY A 176 -19.63 -18.84 10.65
N ASN A 177 -19.43 -18.71 9.34
CA ASN A 177 -19.26 -19.89 8.48
C ASN A 177 -17.86 -19.88 7.87
N ASP A 178 -17.19 -21.03 7.92
CA ASP A 178 -15.84 -21.14 7.37
C ASP A 178 -15.90 -21.69 5.95
N GLY A 179 -16.39 -20.87 5.02
CA GLY A 179 -16.48 -21.28 3.63
C GLY A 179 -17.41 -20.34 2.85
N ALA A 180 -17.14 -20.20 1.56
CA ALA A 180 -17.95 -19.33 0.71
C ALA A 180 -18.07 -19.92 -0.70
N SER A 181 -17.06 -19.68 -1.53
CA SER A 181 -17.06 -20.19 -2.89
C SER A 181 -16.27 -21.49 -2.97
N LEU A 182 -16.34 -22.15 -4.12
CA LEU A 182 -15.62 -23.41 -4.31
C LEU A 182 -14.18 -23.28 -3.81
N ILE A 183 -13.53 -24.41 -3.59
CA ILE A 183 -12.15 -24.41 -3.12
C ILE A 183 -11.91 -23.23 -2.19
N PRO A 184 -12.35 -23.33 -0.97
CA PRO A 184 -12.19 -22.26 0.05
C PRO A 184 -10.77 -21.69 0.07
N ALA A 185 -9.81 -22.51 0.49
CA ALA A 185 -8.43 -22.08 0.56
C ALA A 185 -8.34 -20.68 1.14
N ASP A 186 -8.56 -20.57 2.45
CA ASP A 186 -8.51 -19.28 3.12
C ASP A 186 -9.71 -18.43 2.76
N TYR A 187 -9.47 -17.13 2.57
CA TYR A 187 -10.55 -16.21 2.21
C TYR A 187 -10.14 -15.34 1.04
N GLU A 188 -10.43 -15.81 -0.18
CA GLU A 188 -10.08 -15.07 -1.38
C GLU A 188 -10.88 -13.78 -1.48
N ILE A 189 -12.12 -13.82 -1.01
CA ILE A 189 -12.99 -12.64 -1.05
C ILE A 189 -12.37 -11.49 -0.26
N LEU A 190 -11.88 -11.80 0.93
CA LEU A 190 -11.26 -10.78 1.77
C LEU A 190 -10.09 -10.12 1.05
N ASN A 191 -9.40 -10.90 0.21
CA ASN A 191 -8.26 -10.39 -0.52
C ASN A 191 -8.66 -9.16 -1.34
N ARG A 192 -9.83 -9.22 -1.97
CA ARG A 192 -10.31 -8.10 -2.76
C ARG A 192 -10.50 -6.88 -1.87
N VAL A 193 -11.11 -7.09 -0.71
CA VAL A 193 -11.34 -6.00 0.23
C VAL A 193 -10.02 -5.54 0.83
N ALA A 194 -9.13 -6.51 1.08
CA ALA A 194 -7.83 -6.21 1.66
C ALA A 194 -7.01 -5.33 0.73
N ASP A 195 -7.00 -5.68 -0.56
CA ASP A 195 -6.25 -4.92 -1.54
C ASP A 195 -6.71 -3.47 -1.56
N LYS A 196 -8.02 -3.27 -1.65
CA LYS A 196 -8.57 -1.92 -1.66
C LYS A 196 -8.33 -1.23 -0.33
N LEU A 197 -8.30 -2.02 0.74
CA LEU A 197 -8.07 -1.49 2.08
C LEU A 197 -6.69 -0.88 2.19
N LYS A 198 -5.73 -1.43 1.45
CA LYS A 198 -4.35 -0.94 1.49
C LYS A 198 -4.24 0.51 0.98
N ALA A 199 -5.17 0.90 0.11
CA ALA A 199 -5.16 2.26 -0.44
C ALA A 199 -6.12 3.17 0.32
N CYS A 200 -6.77 2.63 1.34
CA CYS A 200 -7.72 3.38 2.14
C CYS A 200 -7.05 4.37 3.09
N PRO A 201 -5.84 4.09 3.54
CA PRO A 201 -5.12 4.99 4.48
C PRO A 201 -5.05 6.43 3.95
N ASP A 202 -5.35 6.59 2.67
CA ASP A 202 -5.34 7.93 2.07
C ASP A 202 -6.45 8.77 2.70
N ALA A 203 -7.21 8.15 3.58
CA ALA A 203 -8.31 8.83 4.26
C ALA A 203 -8.37 8.39 5.73
N ARG A 204 -9.54 8.57 6.34
CA ARG A 204 -9.72 8.18 7.73
C ARG A 204 -10.52 6.88 7.82
N VAL A 205 -10.13 6.01 8.73
CA VAL A 205 -10.82 4.74 8.88
C VAL A 205 -11.41 4.61 10.29
N THR A 206 -12.66 4.19 10.35
CA THR A 206 -13.34 4.02 11.63
C THR A 206 -13.86 2.61 11.77
N ILE A 207 -13.28 1.86 12.69
CA ILE A 207 -13.70 0.48 12.92
C ILE A 207 -14.69 0.42 14.09
N ASN A 208 -15.89 -0.10 13.81
CA ASN A 208 -16.92 -0.21 14.85
C ASN A 208 -17.00 -1.64 15.37
N GLY A 209 -16.89 -1.77 16.70
CA GLY A 209 -16.97 -3.09 17.33
C GLY A 209 -18.38 -3.33 17.87
N TYR A 210 -18.91 -4.52 17.63
CA TYR A 210 -20.25 -4.85 18.10
C TYR A 210 -20.21 -6.07 19.02
N THR A 211 -20.60 -5.85 20.28
CA THR A 211 -20.62 -6.92 21.26
C THR A 211 -21.92 -6.88 22.06
N ASP A 212 -22.28 -8.00 22.66
CA ASP A 212 -23.51 -8.06 23.45
C ASP A 212 -23.20 -8.25 24.94
N ASN A 213 -23.20 -7.16 25.68
CA ASN A 213 -22.92 -7.22 27.11
C ASN A 213 -21.82 -8.24 27.40
N THR A 214 -22.23 -9.46 27.72
CA THR A 214 -21.28 -10.53 28.00
C THR A 214 -20.42 -10.18 29.22
N GLY A 215 -19.54 -9.18 29.05
CA GLY A 215 -18.67 -8.77 30.15
C GLY A 215 -19.32 -7.67 30.99
N SER A 216 -18.50 -6.95 31.75
CA SER A 216 -19.00 -5.87 32.59
C SER A 216 -19.01 -4.56 31.84
N GLU A 217 -19.75 -3.58 32.36
CA GLU A 217 -19.82 -2.27 31.72
C GLU A 217 -18.46 -1.58 31.75
N GLY A 218 -17.57 -2.07 32.60
CA GLY A 218 -16.24 -1.48 32.72
C GLY A 218 -15.21 -2.27 31.89
N ILE A 219 -15.55 -3.51 31.57
CA ILE A 219 -14.64 -4.36 30.80
C ILE A 219 -15.23 -4.64 29.41
N ASN A 220 -16.37 -4.01 29.12
CA ASN A 220 -17.02 -4.20 27.83
C ASN A 220 -16.20 -3.58 26.70
N ILE A 221 -15.69 -2.37 26.94
CA ILE A 221 -14.91 -1.68 25.93
C ILE A 221 -13.62 -2.43 25.60
N PRO A 222 -12.84 -2.80 26.58
CA PRO A 222 -11.56 -3.55 26.34
C PRO A 222 -11.81 -4.90 25.67
N LEU A 223 -12.86 -5.58 26.09
CA LEU A 223 -13.20 -6.88 25.51
C LEU A 223 -13.57 -6.74 24.05
N SER A 224 -14.38 -5.72 23.74
CA SER A 224 -14.79 -5.48 22.37
C SER A 224 -13.63 -4.93 21.55
N ALA A 225 -12.84 -4.06 22.18
CA ALA A 225 -11.69 -3.46 21.51
C ALA A 225 -10.66 -4.53 21.16
N GLN A 226 -10.59 -5.57 21.98
CA GLN A 226 -9.65 -6.66 21.73
C GLN A 226 -9.94 -7.32 20.39
N ARG A 227 -11.22 -7.46 20.07
CA ARG A 227 -11.63 -8.07 18.80
C ARG A 227 -11.25 -7.16 17.65
N ALA A 228 -11.41 -5.85 17.84
CA ALA A 228 -11.07 -4.88 16.81
C ALA A 228 -9.56 -4.86 16.58
N LYS A 229 -8.81 -5.15 17.64
CA LYS A 229 -7.36 -5.17 17.54
C LYS A 229 -6.89 -6.30 16.64
N ILE A 230 -7.46 -7.49 16.84
CA ILE A 230 -7.10 -8.64 16.03
C ILE A 230 -7.40 -8.37 14.56
N VAL A 231 -8.53 -7.74 14.29
CA VAL A 231 -8.91 -7.42 12.92
C VAL A 231 -7.98 -6.37 12.33
N ALA A 232 -7.60 -5.40 13.14
CA ALA A 232 -6.70 -4.33 12.70
C ALA A 232 -5.36 -4.91 12.29
N ASP A 233 -4.88 -5.89 13.07
CA ASP A 233 -3.59 -6.53 12.77
C ASP A 233 -3.61 -7.12 11.37
N TYR A 234 -4.72 -7.76 11.02
CA TYR A 234 -4.84 -8.37 9.70
C TYR A 234 -4.67 -7.32 8.61
N LEU A 235 -5.40 -6.22 8.74
CA LEU A 235 -5.33 -5.14 7.76
C LEU A 235 -3.89 -4.62 7.67
N VAL A 236 -3.29 -4.34 8.83
CA VAL A 236 -1.93 -3.84 8.86
C VAL A 236 -0.99 -4.80 8.16
N ALA A 237 -1.23 -6.10 8.34
CA ALA A 237 -0.40 -7.11 7.72
C ALA A 237 -0.47 -7.01 6.20
N ARG A 238 -1.55 -6.43 5.70
CA ARG A 238 -1.73 -6.27 4.27
C ARG A 238 -1.10 -4.98 3.78
N GLY A 239 -0.54 -4.22 4.72
CA GLY A 239 0.12 -2.96 4.37
C GLY A 239 -0.72 -1.75 4.77
N VAL A 240 -1.75 -2.00 5.59
CA VAL A 240 -2.62 -0.92 6.04
C VAL A 240 -1.96 -0.15 7.19
N ALA A 241 -1.94 1.18 7.08
CA ALA A 241 -1.34 2.01 8.11
C ALA A 241 -2.22 2.04 9.35
N GLY A 242 -1.71 1.46 10.44
CA GLY A 242 -2.46 1.42 11.69
C GLY A 242 -2.45 2.78 12.38
N ASP A 243 -1.98 3.80 11.66
CA ASP A 243 -1.93 5.14 12.21
C ASP A 243 -3.23 5.89 11.95
N HIS A 244 -4.01 5.37 11.01
CA HIS A 244 -5.29 5.98 10.65
C HIS A 244 -6.43 5.06 11.05
N ILE A 245 -6.10 3.93 11.65
CA ILE A 245 -7.10 2.96 12.07
C ILE A 245 -7.60 3.27 13.47
N ALA A 246 -8.91 3.41 13.60
CA ALA A 246 -9.52 3.71 14.90
C ALA A 246 -10.57 2.65 15.25
N THR A 247 -10.80 2.47 16.54
CA THR A 247 -11.78 1.49 16.99
C THR A 247 -12.66 2.06 18.08
N VAL A 248 -13.97 1.86 17.94
CA VAL A 248 -14.92 2.37 18.93
C VAL A 248 -15.81 1.22 19.44
N GLY A 249 -15.70 0.93 20.73
CA GLY A 249 -16.49 -0.14 21.32
C GLY A 249 -17.88 0.35 21.69
N LEU A 250 -18.88 -0.04 20.90
CA LEU A 250 -20.26 0.36 21.16
C LEU A 250 -20.49 0.54 22.66
N GLY A 251 -20.33 -0.55 23.41
CA GLY A 251 -20.54 -0.50 24.85
C GLY A 251 -21.99 -0.20 25.18
N SER A 252 -22.90 -0.93 24.55
CA SER A 252 -24.32 -0.75 24.77
C SER A 252 -24.86 -1.77 25.73
N VAL A 253 -24.18 -2.90 25.83
CA VAL A 253 -24.60 -3.99 26.71
C VAL A 253 -26.06 -4.35 26.44
N ASN A 254 -26.29 -5.62 26.13
CA ASN A 254 -27.64 -6.09 25.84
C ASN A 254 -28.23 -5.35 24.65
N PRO A 255 -27.51 -5.35 23.54
CA PRO A 255 -27.96 -4.66 22.29
C PRO A 255 -29.02 -5.48 21.55
N ILE A 256 -28.59 -6.17 20.49
CA ILE A 256 -29.51 -6.99 19.70
C ILE A 256 -29.74 -8.33 20.37
N ALA A 257 -28.68 -8.90 20.96
CA ALA A 257 -28.79 -10.18 21.64
C ALA A 257 -28.49 -10.02 23.12
N SER A 258 -28.94 -11.00 23.92
CA SER A 258 -28.72 -10.95 25.35
C SER A 258 -27.58 -11.88 25.76
N ASN A 259 -26.78 -12.29 24.78
CA ASN A 259 -25.65 -13.19 25.05
C ASN A 259 -26.07 -14.31 25.99
N ALA A 260 -27.13 -15.02 25.61
CA ALA A 260 -27.62 -16.13 26.43
C ALA A 260 -27.75 -17.39 25.59
N THR A 261 -27.50 -17.26 24.29
CA THR A 261 -27.59 -18.40 23.39
C THR A 261 -26.43 -18.39 22.40
N PRO A 262 -25.99 -19.55 21.98
CA PRO A 262 -24.87 -19.68 21.01
C PRO A 262 -25.12 -18.90 19.73
N GLU A 263 -26.38 -18.79 19.35
CA GLU A 263 -26.74 -18.06 18.14
C GLU A 263 -26.60 -16.56 18.37
N GLY A 264 -26.88 -16.13 19.60
CA GLY A 264 -26.78 -14.72 19.96
C GLY A 264 -25.34 -14.24 19.90
N ARG A 265 -24.43 -15.05 20.45
CA ARG A 265 -23.02 -14.69 20.46
C ARG A 265 -22.48 -14.58 19.03
N ALA A 266 -22.84 -15.55 18.20
CA ALA A 266 -22.41 -15.54 16.81
C ALA A 266 -22.94 -14.31 16.08
N LYS A 267 -24.22 -14.03 16.28
CA LYS A 267 -24.84 -12.87 15.64
C LYS A 267 -24.37 -11.58 16.30
N ASN A 268 -24.17 -11.63 17.62
CA ASN A 268 -23.72 -10.46 18.36
C ASN A 268 -22.36 -10.00 17.88
N ARG A 269 -21.58 -10.92 17.32
CA ARG A 269 -20.25 -10.59 16.82
C ARG A 269 -20.35 -9.92 15.47
N ARG A 270 -20.26 -8.59 15.44
CA ARG A 270 -20.35 -7.86 14.20
C ARG A 270 -19.25 -6.79 14.12
N VAL A 271 -18.78 -6.54 12.90
CA VAL A 271 -17.72 -5.54 12.70
C VAL A 271 -17.94 -4.82 11.37
N GLU A 272 -17.61 -3.54 11.34
CA GLU A 272 -17.78 -2.75 10.12
C GLU A 272 -16.58 -1.84 9.90
N ILE A 273 -16.26 -1.58 8.63
CA ILE A 273 -15.14 -0.72 8.29
C ILE A 273 -15.60 0.43 7.40
N VAL A 274 -15.23 1.65 7.79
CA VAL A 274 -15.61 2.83 7.02
C VAL A 274 -14.40 3.72 6.77
N VAL A 275 -14.13 4.00 5.49
CA VAL A 275 -13.00 4.84 5.11
C VAL A 275 -13.48 6.20 4.64
N ASN A 276 -12.83 7.26 5.11
CA ASN A 276 -13.21 8.61 4.74
C ASN A 276 -12.55 9.01 3.42
N SER A 25 31.12 7.26 -24.42
CA SER A 25 31.28 6.95 -23.00
C SER A 25 30.35 5.79 -22.60
N ALA A 26 30.38 4.72 -23.38
CA ALA A 26 29.54 3.56 -23.09
C ALA A 26 30.36 2.28 -23.17
N LEU A 27 31.68 2.41 -23.12
CA LEU A 27 32.56 1.26 -23.19
C LEU A 27 32.41 0.38 -21.96
N SER A 28 32.32 1.01 -20.80
CA SER A 28 32.17 0.28 -19.54
C SER A 28 31.72 1.20 -18.42
N LEU A 29 30.54 0.95 -17.89
CA LEU A 29 30.00 1.78 -16.81
C LEU A 29 30.23 1.11 -15.45
N SER A 30 30.33 1.92 -14.41
CA SER A 30 30.54 1.40 -13.07
C SER A 30 29.25 0.80 -12.51
N LEU A 31 29.38 -0.02 -11.47
CA LEU A 31 28.22 -0.65 -10.86
C LEU A 31 27.54 0.31 -9.89
N LEU A 32 26.38 0.82 -10.31
CA LEU A 32 25.63 1.74 -9.47
C LEU A 32 24.53 1.01 -8.72
N SER A 33 24.31 1.38 -7.46
CA SER A 33 23.28 0.74 -6.65
C SER A 33 22.36 1.78 -6.02
N ILE A 34 21.07 1.72 -6.39
CA ILE A 34 20.09 2.66 -5.84
C ILE A 34 18.83 1.90 -5.44
N SER A 35 18.47 1.99 -4.16
CA SER A 35 17.28 1.31 -3.67
C SER A 35 16.42 2.26 -2.84
N ARG A 36 15.13 2.27 -3.11
CA ARG A 36 14.21 3.13 -2.39
C ARG A 36 13.13 2.29 -1.70
N SER A 37 12.81 2.66 -0.46
CA SER A 37 11.79 1.94 0.30
C SER A 37 10.98 2.91 1.16
N GLY A 38 9.73 3.13 0.79
CA GLY A 38 8.87 4.03 1.53
C GLY A 38 9.22 5.48 1.22
N ASN A 39 9.49 6.26 2.27
CA ASN A 39 9.86 7.66 2.11
C ASN A 39 11.36 7.85 2.32
N THR A 40 12.10 6.75 2.23
CA THR A 40 13.55 6.80 2.40
C THR A 40 14.26 6.34 1.15
N VAL A 41 15.34 7.02 0.79
CA VAL A 41 16.08 6.67 -0.41
C VAL A 41 17.57 6.51 -0.08
N THR A 42 18.10 5.32 -0.36
CA THR A 42 19.51 5.03 -0.11
C THR A 42 20.29 5.05 -1.42
N LEU A 43 21.33 5.86 -1.47
CA LEU A 43 22.15 5.96 -2.68
C LEU A 43 23.59 5.57 -2.39
N ILE A 44 24.10 4.61 -3.16
CA ILE A 44 25.48 4.16 -2.98
C ILE A 44 26.10 3.84 -4.35
N GLY A 45 27.18 4.54 -4.68
CA GLY A 45 27.85 4.33 -5.95
C GLY A 45 29.13 5.17 -6.05
N ASP A 46 29.73 5.18 -7.24
CA ASP A 46 30.95 5.96 -7.45
C ASP A 46 30.84 6.80 -8.72
N PHE A 47 31.44 7.99 -8.68
CA PHE A 47 31.40 8.88 -9.83
C PHE A 47 32.78 9.45 -10.11
N PRO A 48 33.03 9.85 -11.33
CA PRO A 48 34.34 10.43 -11.74
C PRO A 48 34.63 11.77 -11.07
N ASP A 49 33.57 12.51 -10.73
CA ASP A 49 33.73 13.80 -10.09
C ASP A 49 32.43 14.24 -9.41
N GLU A 50 32.52 15.30 -8.61
CA GLU A 50 31.34 15.80 -7.90
C GLU A 50 30.46 16.61 -8.86
N ALA A 51 31.06 17.15 -9.91
CA ALA A 51 30.32 17.95 -10.88
C ALA A 51 29.23 17.10 -11.54
N ALA A 52 29.55 15.85 -11.83
CA ALA A 52 28.59 14.95 -12.47
C ALA A 52 27.37 14.72 -11.56
N LYS A 53 27.61 14.69 -10.26
CA LYS A 53 26.54 14.47 -9.29
C LYS A 53 25.48 15.57 -9.41
N ALA A 54 25.93 16.80 -9.62
CA ALA A 54 25.01 17.92 -9.74
C ALA A 54 23.94 17.64 -10.79
N ALA A 55 24.34 16.98 -11.86
CA ALA A 55 23.41 16.66 -12.95
C ALA A 55 22.43 15.57 -12.51
N LEU A 56 22.95 14.55 -11.84
CA LEU A 56 22.10 13.46 -11.38
C LEU A 56 21.22 13.91 -10.22
N MET A 57 21.82 14.64 -9.28
CA MET A 57 21.09 15.13 -8.12
C MET A 57 19.91 16.00 -8.57
N THR A 58 20.04 16.60 -9.75
CA THR A 58 18.99 17.45 -10.29
C THR A 58 17.74 16.63 -10.61
N ALA A 59 17.96 15.38 -11.00
CA ALA A 59 16.84 14.50 -11.35
C ALA A 59 16.05 14.11 -10.10
N LEU A 60 16.66 14.29 -8.94
CA LEU A 60 15.99 13.97 -7.68
C LEU A 60 15.99 15.16 -6.74
N ASN A 61 16.50 16.30 -7.22
CA ASN A 61 16.56 17.51 -6.40
C ASN A 61 15.17 17.86 -5.87
N GLY A 62 14.17 17.74 -6.74
CA GLY A 62 12.80 18.04 -6.34
C GLY A 62 12.28 17.01 -5.33
N LEU A 63 12.96 15.88 -5.25
CA LEU A 63 12.57 14.82 -4.33
C LEU A 63 12.83 15.25 -2.90
N LEU A 64 14.03 15.75 -2.63
CA LEU A 64 14.39 16.19 -1.29
C LEU A 64 13.28 17.03 -0.69
N ALA A 65 12.54 16.45 0.25
CA ALA A 65 11.45 17.17 0.90
C ALA A 65 11.17 16.60 2.28
N PRO A 66 10.51 17.35 3.13
CA PRO A 66 10.18 16.90 4.51
C PRO A 66 9.58 15.49 4.54
N GLY A 67 9.72 14.83 5.68
CA GLY A 67 9.18 13.48 5.85
C GLY A 67 9.96 12.49 5.00
N VAL A 68 10.57 12.97 3.93
CA VAL A 68 11.35 12.11 3.04
C VAL A 68 12.82 12.11 3.45
N ASN A 69 13.44 10.93 3.39
CA ASN A 69 14.85 10.80 3.75
C ASN A 69 15.71 10.60 2.51
N VAL A 70 16.77 11.38 2.40
CA VAL A 70 17.67 11.27 1.26
C VAL A 70 19.13 11.28 1.72
N ILE A 71 19.84 10.20 1.42
CA ILE A 71 21.24 10.10 1.81
C ILE A 71 22.10 9.80 0.59
N ASP A 72 23.11 10.64 0.36
CA ASP A 72 23.99 10.45 -0.79
C ASP A 72 25.33 9.88 -0.37
N GLN A 73 25.52 8.59 -0.64
CA GLN A 73 26.77 7.93 -0.29
C GLN A 73 27.55 7.60 -1.57
N ILE A 74 27.95 8.64 -2.28
CA ILE A 74 28.69 8.46 -3.53
C ILE A 74 30.17 8.75 -3.32
N HIS A 75 31.02 7.79 -3.67
CA HIS A 75 32.45 7.96 -3.52
C HIS A 75 33.05 8.56 -4.78
N VAL A 76 34.09 9.38 -4.63
CA VAL A 76 34.73 10.02 -5.77
C VAL A 76 36.00 9.29 -6.15
N ASP A 77 36.05 8.80 -7.40
CA ASP A 77 37.21 8.08 -7.88
C ASP A 77 37.57 8.54 -9.31
N PRO A 78 38.82 8.83 -9.55
CA PRO A 78 39.28 9.29 -10.90
C PRO A 78 39.41 8.14 -11.89
N VAL A 79 38.30 7.45 -12.15
CA VAL A 79 38.32 6.33 -13.09
C VAL A 79 36.92 5.79 -13.31
N VAL A 80 36.13 5.70 -12.25
CA VAL A 80 34.77 5.21 -12.34
C VAL A 80 34.00 5.96 -13.42
N ARG A 81 33.15 5.23 -14.15
CA ARG A 81 32.36 5.84 -15.21
C ARG A 81 30.94 6.12 -14.71
N SER A 82 30.26 7.05 -15.37
CA SER A 82 28.90 7.40 -14.97
C SER A 82 27.92 7.15 -16.11
N LEU A 83 26.66 6.94 -15.77
CA LEU A 83 25.63 6.69 -16.77
C LEU A 83 25.14 8.00 -17.37
N ASP A 84 25.15 8.09 -18.69
CA ASP A 84 24.71 9.30 -19.38
C ASP A 84 23.27 9.63 -18.98
N PHE A 85 23.00 10.91 -18.77
CA PHE A 85 21.67 11.34 -18.37
C PHE A 85 21.18 12.50 -19.25
N SER A 86 21.73 12.59 -20.45
CA SER A 86 21.31 13.64 -21.37
C SER A 86 19.87 14.01 -21.15
N SER A 87 19.05 12.99 -20.90
CA SER A 87 17.61 13.20 -20.67
C SER A 87 17.05 12.10 -19.79
N ALA A 88 17.56 12.00 -18.57
CA ALA A 88 17.10 10.99 -17.64
C ALA A 88 16.01 11.55 -16.73
N GLU A 89 15.80 12.85 -16.83
CA GLU A 89 14.77 13.52 -16.02
C GLU A 89 13.41 12.87 -16.24
N PRO A 90 13.08 12.58 -17.47
CA PRO A 90 11.77 11.94 -17.82
C PRO A 90 11.57 10.60 -17.12
N VAL A 91 12.63 9.81 -17.06
CA VAL A 91 12.55 8.49 -16.42
C VAL A 91 12.31 8.62 -14.92
N PHE A 92 13.09 9.47 -14.26
CA PHE A 92 12.95 9.67 -12.83
C PHE A 92 11.60 10.30 -12.50
N THR A 93 11.16 11.21 -13.37
CA THR A 93 9.89 11.88 -13.16
C THR A 93 8.75 10.86 -13.09
N ALA A 94 8.85 9.82 -13.91
CA ALA A 94 7.83 8.78 -13.93
C ALA A 94 7.99 7.84 -12.73
N SER A 95 9.22 7.73 -12.24
CA SER A 95 9.48 6.87 -11.10
C SER A 95 9.61 7.68 -9.82
N VAL A 96 9.49 9.00 -9.94
CA VAL A 96 9.58 9.88 -8.79
C VAL A 96 8.41 9.64 -7.84
N PRO A 97 7.24 9.44 -8.36
CA PRO A 97 6.02 9.21 -7.54
C PRO A 97 5.89 7.75 -7.09
N ILE A 98 7.03 7.10 -6.92
CA ILE A 98 7.05 5.71 -6.49
C ILE A 98 7.98 5.52 -5.30
N PRO A 99 7.45 5.39 -4.11
CA PRO A 99 8.27 5.21 -2.88
C PRO A 99 8.80 3.79 -2.72
N ASP A 100 8.85 3.07 -3.84
CA ASP A 100 9.33 1.69 -3.82
C ASP A 100 9.92 1.31 -5.18
N PHE A 101 11.00 2.00 -5.56
CA PHE A 101 11.65 1.72 -6.84
C PHE A 101 13.16 1.52 -6.64
N GLY A 102 13.71 0.55 -7.36
CA GLY A 102 15.14 0.26 -7.27
C GLY A 102 15.77 0.20 -8.64
N LEU A 103 16.89 0.91 -8.81
CA LEU A 103 17.59 0.93 -10.09
C LEU A 103 19.00 0.39 -9.93
N LYS A 104 19.38 -0.56 -10.79
CA LYS A 104 20.71 -1.15 -10.73
C LYS A 104 21.39 -1.06 -12.09
N VAL A 105 22.63 -0.58 -12.09
CA VAL A 105 23.39 -0.45 -13.33
C VAL A 105 24.70 -1.22 -13.24
N GLU A 106 25.02 -1.98 -14.28
CA GLU A 106 26.25 -2.76 -14.30
C GLU A 106 26.88 -2.74 -15.69
N ARG A 107 27.83 -1.84 -15.89
CA ARG A 107 28.51 -1.73 -17.17
C ARG A 107 27.50 -1.57 -18.31
N ASP A 108 27.07 -2.69 -18.88
CA ASP A 108 26.11 -2.65 -19.99
C ASP A 108 24.82 -3.36 -19.60
N THR A 109 24.69 -3.71 -18.33
CA THR A 109 23.48 -4.39 -17.86
C THR A 109 22.67 -3.48 -16.96
N VAL A 110 21.38 -3.37 -17.26
CA VAL A 110 20.49 -2.52 -16.47
C VAL A 110 19.36 -3.36 -15.87
N THR A 111 19.13 -3.17 -14.57
CA THR A 111 18.08 -3.93 -13.89
C THR A 111 17.20 -2.98 -13.07
N LEU A 112 15.92 -2.92 -13.44
CA LEU A 112 14.97 -2.05 -12.74
C LEU A 112 13.94 -2.90 -11.99
N THR A 113 13.91 -2.75 -10.67
CA THR A 113 12.96 -3.51 -9.86
C THR A 113 12.19 -2.58 -8.93
N GLY A 114 10.95 -2.96 -8.63
CA GLY A 114 10.11 -2.15 -7.75
C GLY A 114 8.63 -2.27 -8.14
N THR A 115 7.81 -1.40 -7.58
CA THR A 115 6.39 -1.41 -7.87
C THR A 115 6.00 -0.21 -8.74
N ALA A 116 5.19 -0.47 -9.76
CA ALA A 116 4.75 0.60 -10.65
C ALA A 116 3.37 1.10 -10.25
N PRO A 117 3.02 2.29 -10.66
CA PRO A 117 1.69 2.89 -10.34
C PRO A 117 0.56 2.26 -11.15
N SER A 118 0.58 2.49 -12.47
CA SER A 118 -0.44 1.93 -13.34
C SER A 118 0.20 1.11 -14.46
N SER A 119 -0.62 0.33 -15.15
CA SER A 119 -0.12 -0.50 -16.24
C SER A 119 0.41 0.35 -17.38
N GLU A 120 -0.32 1.43 -17.68
CA GLU A 120 0.09 2.33 -18.75
C GLU A 120 1.43 2.99 -18.43
N HIS A 121 1.59 3.40 -17.17
CA HIS A 121 2.82 4.05 -16.74
C HIS A 121 4.01 3.09 -16.85
N LYS A 122 3.77 1.83 -16.54
CA LYS A 122 4.82 0.82 -16.61
C LYS A 122 5.38 0.70 -18.02
N ASP A 123 4.47 0.70 -19.01
CA ASP A 123 4.88 0.60 -20.40
C ASP A 123 5.65 1.84 -20.83
N ALA A 124 5.23 2.99 -20.32
CA ALA A 124 5.88 4.25 -20.66
C ALA A 124 7.26 4.34 -19.99
N VAL A 125 7.37 3.76 -18.81
CA VAL A 125 8.65 3.79 -18.08
C VAL A 125 9.72 3.01 -18.84
N LYS A 126 9.40 1.78 -19.20
CA LYS A 126 10.35 0.94 -19.92
C LYS A 126 10.62 1.50 -21.31
N ARG A 127 9.57 2.01 -21.95
CA ARG A 127 9.70 2.58 -23.29
C ARG A 127 10.74 3.68 -23.29
N ALA A 128 10.60 4.63 -22.37
CA ALA A 128 11.55 5.74 -22.27
C ALA A 128 12.96 5.23 -21.99
N ALA A 129 13.05 4.12 -21.27
CA ALA A 129 14.35 3.55 -20.94
C ALA A 129 15.09 3.14 -22.20
N THR A 130 14.37 2.52 -23.14
CA THR A 130 14.97 2.08 -24.40
C THR A 130 15.40 3.29 -25.23
N SER A 131 14.59 4.34 -25.20
CA SER A 131 14.89 5.55 -25.95
C SER A 131 16.10 6.27 -25.36
N THR A 132 16.32 6.09 -24.06
CA THR A 132 17.44 6.73 -23.39
C THR A 132 18.64 5.79 -23.31
N TRP A 133 18.41 4.59 -22.78
CA TRP A 133 19.49 3.62 -22.65
C TRP A 133 19.24 2.38 -23.50
N PRO A 134 19.84 2.31 -24.66
CA PRO A 134 19.69 1.14 -25.57
C PRO A 134 20.58 -0.02 -25.13
N ASP A 135 21.04 0.03 -23.88
CA ASP A 135 21.89 -1.02 -23.34
C ASP A 135 21.57 -2.36 -23.97
N MET A 136 20.31 -2.54 -24.37
CA MET A 136 19.88 -3.78 -24.98
C MET A 136 19.66 -4.85 -23.91
N LYS A 137 20.40 -4.75 -22.81
CA LYS A 137 20.27 -5.72 -21.72
C LYS A 137 19.51 -5.10 -20.55
N ILE A 138 18.19 -5.01 -20.68
CA ILE A 138 17.36 -4.44 -19.63
C ILE A 138 16.49 -5.51 -18.99
N VAL A 139 16.57 -5.63 -17.67
CA VAL A 139 15.78 -6.62 -16.95
C VAL A 139 14.54 -5.97 -16.35
N ASN A 140 13.37 -6.51 -16.68
CA ASN A 140 12.12 -5.96 -16.18
C ASN A 140 11.63 -6.77 -14.98
N ASN A 141 11.42 -6.08 -13.86
CA ASN A 141 10.94 -6.74 -12.65
C ASN A 141 10.05 -5.79 -11.86
N ILE A 142 9.12 -5.14 -12.56
CA ILE A 142 8.21 -4.20 -11.92
C ILE A 142 6.77 -4.71 -12.01
N GLU A 143 6.09 -4.73 -10.87
CA GLU A 143 4.70 -5.20 -10.83
C GLU A 143 3.83 -4.21 -10.06
N VAL A 144 2.56 -4.11 -10.44
CA VAL A 144 1.63 -3.21 -9.78
C VAL A 144 0.82 -3.96 -8.72
N THR A 145 0.85 -3.44 -7.49
CA THR A 145 0.12 -4.07 -6.40
C THR A 145 -1.34 -3.61 -6.40
N GLY A 146 -2.02 -3.81 -7.53
CA GLY A 146 -3.42 -3.40 -7.65
C GLY A 146 -3.59 -1.94 -7.28
N GLN A 147 -2.51 -1.17 -7.45
CA GLN A 147 -2.54 0.26 -7.13
C GLN A 147 -2.41 1.09 -8.40
N ALA A 148 -2.88 2.33 -8.35
CA ALA A 148 -2.79 3.21 -9.50
C ALA A 148 -3.62 4.47 -9.26
N PRO A 149 -3.24 5.27 -8.31
CA PRO A 149 -3.97 6.53 -7.98
C PRO A 149 -4.19 7.40 -9.22
N PRO A 150 -3.21 7.51 -10.08
CA PRO A 150 -3.30 8.31 -11.32
C PRO A 150 -3.79 7.49 -12.52
N GLY A 151 -4.12 6.23 -12.27
CA GLY A 151 -4.59 5.36 -13.35
C GLY A 151 -5.76 4.49 -12.89
N PRO A 152 -6.91 5.08 -12.72
CA PRO A 152 -8.14 4.35 -12.28
C PRO A 152 -8.50 3.19 -13.21
N PRO A 153 -8.41 3.38 -14.50
CA PRO A 153 -8.74 2.32 -15.50
C PRO A 153 -8.09 0.99 -15.16
N ALA A 154 -7.14 1.00 -14.23
CA ALA A 154 -6.45 -0.21 -13.83
C ALA A 154 -7.17 -0.89 -12.68
N SER A 155 -6.92 -0.42 -11.46
CA SER A 155 -7.56 -0.98 -10.29
C SER A 155 -7.88 0.10 -9.27
N GLY A 156 -6.86 0.86 -8.89
CA GLY A 156 -7.04 1.94 -7.93
C GLY A 156 -7.07 1.39 -6.50
N PRO A 157 -7.06 2.26 -5.52
CA PRO A 157 -7.09 1.86 -4.09
C PRO A 157 -8.47 1.40 -3.64
N CYS A 158 -9.24 2.32 -3.06
CA CYS A 158 -10.58 1.98 -2.59
C CYS A 158 -11.63 2.83 -3.29
N ALA A 159 -11.86 2.55 -4.57
CA ALA A 159 -12.85 3.31 -5.33
C ALA A 159 -14.19 3.26 -4.62
N ASP A 160 -14.63 4.41 -4.13
CA ASP A 160 -15.91 4.48 -3.42
C ASP A 160 -15.84 3.61 -2.17
N LEU A 161 -15.10 4.09 -1.17
CA LEU A 161 -14.94 3.34 0.07
C LEU A 161 -16.29 3.02 0.71
N GLN A 162 -17.20 3.98 0.67
CA GLN A 162 -18.52 3.79 1.26
C GLN A 162 -19.33 2.75 0.47
N SER A 163 -19.40 2.94 -0.84
CA SER A 163 -20.13 2.04 -1.71
C SER A 163 -19.45 0.70 -1.83
N ALA A 164 -18.13 0.73 -2.03
CA ALA A 164 -17.35 -0.50 -2.20
C ALA A 164 -17.42 -1.39 -0.96
N ILE A 165 -17.27 -0.79 0.22
CA ILE A 165 -17.32 -1.57 1.46
C ILE A 165 -18.73 -2.07 1.71
N ASN A 166 -19.72 -1.22 1.47
CA ASN A 166 -21.12 -1.59 1.69
C ASN A 166 -21.57 -2.62 0.65
N ALA A 167 -21.09 -2.47 -0.58
CA ALA A 167 -21.47 -3.39 -1.66
C ALA A 167 -20.79 -4.74 -1.49
N VAL A 168 -19.59 -4.74 -0.90
CA VAL A 168 -18.86 -5.98 -0.70
C VAL A 168 -19.68 -6.98 0.11
N THR A 169 -20.46 -6.46 1.06
CA THR A 169 -21.29 -7.32 1.89
C THR A 169 -22.77 -7.16 1.54
N GLY A 170 -23.09 -6.09 0.82
CA GLY A 170 -24.47 -5.83 0.42
C GLY A 170 -25.39 -5.78 1.64
N GLY A 171 -24.79 -5.88 2.83
CA GLY A 171 -25.55 -5.84 4.06
C GLY A 171 -24.63 -5.62 5.26
N PRO A 172 -25.16 -5.71 6.45
CA PRO A 172 -24.37 -5.52 7.70
C PRO A 172 -23.35 -6.64 7.91
N ILE A 173 -22.22 -6.30 8.51
CA ILE A 173 -21.16 -7.28 8.76
C ILE A 173 -21.42 -8.04 10.05
N ALA A 174 -21.06 -9.31 10.06
CA ALA A 174 -21.24 -10.16 11.24
C ALA A 174 -20.82 -11.59 10.94
N PHE A 175 -21.04 -12.49 11.91
CA PHE A 175 -20.68 -13.88 11.74
C PHE A 175 -21.90 -14.71 11.36
N GLY A 176 -21.66 -15.84 10.68
CA GLY A 176 -22.75 -16.71 10.25
C GLY A 176 -23.72 -16.96 11.39
N ASN A 177 -24.99 -16.62 11.17
CA ASN A 177 -26.01 -16.83 12.19
C ASN A 177 -26.93 -17.99 11.81
N ASP A 178 -26.41 -18.89 10.99
CA ASP A 178 -27.20 -20.05 10.56
C ASP A 178 -26.64 -21.32 11.17
N GLY A 179 -25.41 -21.25 11.68
CA GLY A 179 -24.78 -22.41 12.28
C GLY A 179 -23.28 -22.43 11.98
N ALA A 180 -22.55 -21.48 12.54
CA ALA A 180 -21.11 -21.40 12.32
C ALA A 180 -20.38 -22.46 13.14
N SER A 181 -20.67 -23.72 12.84
CA SER A 181 -20.04 -24.83 13.56
C SER A 181 -18.68 -25.17 12.94
N LEU A 182 -17.62 -24.69 13.57
CA LEU A 182 -16.27 -24.95 13.08
C LEU A 182 -16.13 -24.48 11.63
N ILE A 183 -17.20 -23.97 11.07
CA ILE A 183 -17.19 -23.48 9.70
C ILE A 183 -17.85 -22.11 9.59
N PRO A 184 -17.13 -21.07 9.91
CA PRO A 184 -17.65 -19.68 9.86
C PRO A 184 -18.30 -19.36 8.51
N ALA A 185 -19.26 -18.44 8.53
CA ALA A 185 -19.95 -18.06 7.30
C ALA A 185 -19.05 -18.26 6.08
N ASP A 186 -18.37 -17.20 5.67
CA ASP A 186 -17.47 -17.28 4.52
C ASP A 186 -16.09 -16.74 4.87
N TYR A 187 -15.10 -17.06 4.03
CA TYR A 187 -13.75 -16.61 4.26
C TYR A 187 -13.18 -15.95 3.00
N GLU A 188 -13.64 -16.40 1.84
CA GLU A 188 -13.19 -15.85 0.58
C GLU A 188 -13.55 -14.38 0.47
N ILE A 189 -14.71 -14.03 0.98
CA ILE A 189 -15.18 -12.64 0.94
C ILE A 189 -14.25 -11.74 1.75
N LEU A 190 -13.77 -12.25 2.88
CA LEU A 190 -12.88 -11.47 3.73
C LEU A 190 -11.62 -11.06 2.98
N ASN A 191 -11.06 -12.00 2.21
CA ASN A 191 -9.85 -11.70 1.45
C ASN A 191 -10.07 -10.51 0.54
N ARG A 192 -11.26 -10.42 -0.05
CA ARG A 192 -11.59 -9.31 -0.93
C ARG A 192 -11.49 -7.99 -0.17
N VAL A 193 -12.05 -7.97 1.03
CA VAL A 193 -12.01 -6.78 1.87
C VAL A 193 -10.59 -6.51 2.35
N ALA A 194 -9.85 -7.59 2.60
CA ALA A 194 -8.46 -7.46 3.06
C ALA A 194 -7.64 -6.63 2.09
N ASP A 195 -7.77 -6.92 0.80
CA ASP A 195 -7.03 -6.19 -0.22
C ASP A 195 -7.35 -4.71 -0.16
N LYS A 196 -8.63 -4.38 -0.15
CA LYS A 196 -9.07 -2.98 -0.10
C LYS A 196 -8.72 -2.37 1.25
N LEU A 197 -8.77 -3.19 2.30
CA LEU A 197 -8.48 -2.72 3.64
C LEU A 197 -7.11 -2.05 3.72
N LYS A 198 -6.15 -2.51 2.92
CA LYS A 198 -4.81 -1.94 2.96
C LYS A 198 -4.81 -0.47 2.53
N ALA A 199 -5.63 -0.13 1.54
CA ALA A 199 -5.67 1.25 1.05
C ALA A 199 -6.97 1.97 1.43
N CYS A 200 -7.90 1.27 2.09
CA CYS A 200 -9.17 1.90 2.46
C CYS A 200 -9.01 2.87 3.62
N PRO A 201 -8.32 2.47 4.65
CA PRO A 201 -8.10 3.31 5.85
C PRO A 201 -7.52 4.68 5.51
N ASP A 202 -7.04 4.83 4.28
CA ASP A 202 -6.49 6.12 3.87
C ASP A 202 -7.32 7.23 4.49
N ALA A 203 -8.55 6.90 4.84
CA ALA A 203 -9.46 7.86 5.46
C ALA A 203 -9.64 7.52 6.94
N ARG A 204 -10.81 7.82 7.48
CA ARG A 204 -11.09 7.53 8.88
C ARG A 204 -11.99 6.30 8.96
N VAL A 205 -11.70 5.41 9.90
CA VAL A 205 -12.52 4.21 10.04
C VAL A 205 -13.17 4.16 11.41
N THR A 206 -14.46 3.87 11.42
CA THR A 206 -15.22 3.77 12.66
C THR A 206 -15.90 2.43 12.77
N ILE A 207 -15.63 1.72 13.86
CA ILE A 207 -16.23 0.40 14.08
C ILE A 207 -17.21 0.44 15.24
N ASN A 208 -18.50 0.24 14.92
CA ASN A 208 -19.53 0.26 15.96
C ASN A 208 -20.11 -1.13 16.15
N GLY A 209 -20.16 -1.59 17.40
CA GLY A 209 -20.71 -2.90 17.71
C GLY A 209 -21.67 -2.84 18.88
N TYR A 210 -22.67 -3.72 18.86
CA TYR A 210 -23.67 -3.75 19.92
C TYR A 210 -24.01 -5.19 20.28
N THR A 211 -23.99 -5.51 21.57
CA THR A 211 -24.30 -6.85 22.04
C THR A 211 -25.42 -6.82 23.07
N ASP A 212 -25.46 -7.85 23.92
CA ASP A 212 -26.49 -7.94 24.94
C ASP A 212 -25.92 -8.55 26.22
N ASN A 213 -26.58 -8.28 27.34
CA ASN A 213 -26.12 -8.80 28.63
C ASN A 213 -26.95 -8.19 29.75
N THR A 214 -27.36 -6.95 29.55
CA THR A 214 -28.15 -6.24 30.54
C THR A 214 -27.34 -5.98 31.80
N GLY A 215 -27.39 -6.89 32.76
CA GLY A 215 -26.65 -6.74 34.02
C GLY A 215 -26.43 -5.26 34.32
N SER A 216 -25.22 -4.78 34.09
CA SER A 216 -24.87 -3.39 34.34
C SER A 216 -23.95 -2.85 33.27
N GLU A 217 -23.80 -1.53 33.24
CA GLU A 217 -22.92 -0.90 32.25
C GLU A 217 -21.48 -1.36 32.45
N GLY A 218 -21.18 -1.86 33.65
CA GLY A 218 -19.84 -2.33 33.95
C GLY A 218 -19.62 -3.73 33.39
N ILE A 219 -20.57 -4.22 32.61
CA ILE A 219 -20.47 -5.54 32.01
C ILE A 219 -21.02 -5.53 30.59
N ASN A 220 -22.07 -4.76 30.36
CA ASN A 220 -22.69 -4.67 29.04
C ASN A 220 -21.78 -3.98 28.04
N ILE A 221 -21.20 -2.85 28.43
CA ILE A 221 -20.33 -2.10 27.51
C ILE A 221 -18.95 -2.75 27.38
N PRO A 222 -18.33 -3.13 28.47
CA PRO A 222 -16.99 -3.78 28.44
C PRO A 222 -16.96 -5.00 27.52
N LEU A 223 -18.08 -5.71 27.44
CA LEU A 223 -18.15 -6.89 26.59
C LEU A 223 -18.08 -6.51 25.12
N SER A 224 -18.88 -5.52 24.73
CA SER A 224 -18.88 -5.06 23.34
C SER A 224 -17.53 -4.46 22.97
N ALA A 225 -16.88 -3.82 23.94
CA ALA A 225 -15.58 -3.21 23.71
C ALA A 225 -14.50 -4.28 23.59
N GLN A 226 -14.57 -5.29 24.46
CA GLN A 226 -13.59 -6.36 24.44
C GLN A 226 -13.69 -7.16 23.15
N ARG A 227 -14.91 -7.34 22.66
CA ARG A 227 -15.13 -8.09 21.42
C ARG A 227 -14.43 -7.40 20.26
N ALA A 228 -14.53 -6.07 20.22
CA ALA A 228 -13.89 -5.30 19.16
C ALA A 228 -12.38 -5.38 19.29
N LYS A 229 -11.91 -5.54 20.52
CA LYS A 229 -10.48 -5.62 20.79
C LYS A 229 -9.83 -6.70 19.94
N ILE A 230 -10.44 -7.88 19.91
CA ILE A 230 -9.90 -8.99 19.14
C ILE A 230 -10.07 -8.74 17.64
N VAL A 231 -11.23 -8.26 17.24
CA VAL A 231 -11.50 -7.99 15.83
C VAL A 231 -10.50 -6.97 15.28
N ALA A 232 -10.31 -5.88 16.01
CA ALA A 232 -9.38 -4.85 15.58
C ALA A 232 -7.99 -5.43 15.36
N ASP A 233 -7.58 -6.35 16.22
CA ASP A 233 -6.27 -6.98 16.10
C ASP A 233 -6.16 -7.76 14.80
N TYR A 234 -7.25 -8.42 14.42
CA TYR A 234 -7.27 -9.21 13.19
C TYR A 234 -7.16 -8.30 11.96
N LEU A 235 -7.89 -7.19 12.00
CA LEU A 235 -7.87 -6.25 10.88
C LEU A 235 -6.44 -5.75 10.66
N VAL A 236 -5.72 -5.54 11.75
CA VAL A 236 -4.34 -5.07 11.67
C VAL A 236 -3.48 -6.10 10.93
N ALA A 237 -3.79 -7.37 11.14
CA ALA A 237 -3.04 -8.44 10.49
C ALA A 237 -3.33 -8.43 8.99
N ARG A 238 -4.44 -7.81 8.61
CA ARG A 238 -4.83 -7.73 7.21
C ARG A 238 -4.07 -6.59 6.54
N GLY A 239 -3.27 -5.89 7.33
CA GLY A 239 -2.49 -4.77 6.80
C GLY A 239 -3.13 -3.44 7.15
N VAL A 240 -3.99 -3.45 8.17
CA VAL A 240 -4.67 -2.23 8.60
C VAL A 240 -3.87 -1.51 9.69
N ALA A 241 -3.74 -0.20 9.55
CA ALA A 241 -3.00 0.60 10.52
C ALA A 241 -3.93 1.05 11.64
N GLY A 242 -3.80 0.41 12.81
CA GLY A 242 -4.62 0.76 13.95
C GLY A 242 -4.40 2.21 14.37
N ASP A 243 -3.63 2.94 13.57
CA ASP A 243 -3.35 4.34 13.86
C ASP A 243 -4.53 5.23 13.46
N HIS A 244 -5.42 4.68 12.64
CA HIS A 244 -6.58 5.44 12.19
C HIS A 244 -7.85 4.59 12.30
N ILE A 245 -7.90 3.75 13.33
CA ILE A 245 -9.06 2.90 13.54
C ILE A 245 -9.58 3.04 14.96
N ALA A 246 -10.91 3.12 15.10
CA ALA A 246 -11.53 3.27 16.41
C ALA A 246 -12.76 2.37 16.52
N THR A 247 -12.97 1.82 17.71
CA THR A 247 -14.11 0.94 17.94
C THR A 247 -14.96 1.46 19.09
N VAL A 248 -16.25 1.66 18.81
CA VAL A 248 -17.16 2.16 19.83
C VAL A 248 -18.24 1.12 20.13
N GLY A 249 -18.29 0.67 21.38
CA GLY A 249 -19.28 -0.32 21.78
C GLY A 249 -20.50 0.35 22.40
N LEU A 250 -21.66 0.11 21.81
CA LEU A 250 -22.90 0.70 22.31
C LEU A 250 -23.66 -0.32 23.16
N GLY A 251 -23.73 -0.06 24.46
CA GLY A 251 -24.42 -0.97 25.37
C GLY A 251 -25.93 -0.78 25.29
N SER A 252 -26.65 -1.83 24.93
CA SER A 252 -28.10 -1.76 24.83
C SER A 252 -28.53 -0.43 24.27
N VAL A 253 -28.82 -0.38 22.98
CA VAL A 253 -29.26 0.84 22.33
C VAL A 253 -30.28 0.54 21.24
N ASN A 254 -30.04 -0.55 20.53
CA ASN A 254 -30.94 -0.97 19.45
C ASN A 254 -31.23 -2.47 19.56
N PRO A 255 -31.96 -2.85 20.57
CA PRO A 255 -32.32 -4.29 20.80
C PRO A 255 -32.71 -5.00 19.51
N ILE A 256 -32.12 -6.18 19.29
CA ILE A 256 -32.41 -6.96 18.09
C ILE A 256 -32.94 -8.33 18.46
N ALA A 257 -32.16 -9.08 19.23
CA ALA A 257 -32.55 -10.43 19.64
C ALA A 257 -32.71 -10.49 21.16
N SER A 258 -33.50 -11.45 21.63
CA SER A 258 -33.72 -11.61 23.06
C SER A 258 -32.42 -11.93 23.78
N ASN A 259 -32.47 -12.88 24.71
CA ASN A 259 -31.28 -13.28 25.46
C ASN A 259 -31.57 -14.50 26.32
N ALA A 260 -32.41 -15.39 25.82
CA ALA A 260 -32.76 -16.59 26.56
C ALA A 260 -31.84 -17.75 26.18
N THR A 261 -31.13 -17.60 25.08
CA THR A 261 -30.21 -18.64 24.62
C THR A 261 -29.01 -18.02 23.91
N PRO A 262 -27.94 -18.77 23.76
CA PRO A 262 -26.71 -18.28 23.08
C PRO A 262 -27.01 -17.66 21.72
N GLU A 263 -28.02 -18.19 21.05
CA GLU A 263 -28.40 -17.68 19.73
C GLU A 263 -28.82 -16.21 19.83
N GLY A 264 -29.53 -15.87 20.89
CA GLY A 264 -29.98 -14.50 21.08
C GLY A 264 -28.79 -13.56 21.20
N ARG A 265 -27.81 -13.95 22.02
CA ARG A 265 -26.62 -13.12 22.21
C ARG A 265 -25.82 -13.04 20.91
N ALA A 266 -25.75 -14.16 20.19
CA ALA A 266 -25.03 -14.21 18.93
C ALA A 266 -25.69 -13.30 17.89
N LYS A 267 -27.01 -13.33 17.87
CA LYS A 267 -27.76 -12.51 16.91
C LYS A 267 -27.66 -11.03 17.29
N ASN A 268 -27.51 -10.76 18.58
CA ASN A 268 -27.41 -9.39 19.06
C ASN A 268 -26.01 -8.82 18.78
N ARG A 269 -25.07 -9.72 18.49
CA ARG A 269 -23.71 -9.30 18.21
C ARG A 269 -23.55 -8.89 16.75
N ARG A 270 -23.58 -7.59 16.51
CA ARG A 270 -23.45 -7.08 15.15
C ARG A 270 -22.47 -5.91 15.10
N VAL A 271 -21.65 -5.87 14.06
CA VAL A 271 -20.68 -4.79 13.92
C VAL A 271 -20.54 -4.37 12.46
N GLU A 272 -20.10 -3.14 12.24
CA GLU A 272 -19.94 -2.63 10.89
C GLU A 272 -18.69 -1.75 10.79
N ILE A 273 -18.00 -1.84 9.65
CA ILE A 273 -16.79 -1.05 9.43
C ILE A 273 -17.06 0.06 8.41
N VAL A 274 -17.00 1.31 8.88
CA VAL A 274 -17.24 2.45 8.00
C VAL A 274 -15.95 3.25 7.80
N VAL A 275 -15.52 3.38 6.55
CA VAL A 275 -14.32 4.12 6.22
C VAL A 275 -14.65 5.41 5.51
N ASN A 276 -13.99 6.50 5.92
CA ASN A 276 -14.25 7.80 5.30
C ASN A 276 -13.45 7.95 4.01
#